data_8D94
#
_entry.id   8D94
#
_cell.length_a   75.116
_cell.length_b   179.936
_cell.length_c   79.792
_cell.angle_alpha   90.000
_cell.angle_beta   108.950
_cell.angle_gamma   90.000
#
_symmetry.space_group_name_H-M   'P 1 21 1'
#
loop_
_entity.id
_entity.type
_entity.pdbx_description
1 polymer 'Deoxynucleoside triphosphate triphosphohydrolase SAMHD1'
2 polymer "DNA (5'-D(P*TP*GP*T)-3')"
3 non-polymer 'FE (III) ION'
4 non-polymer 'CALCIUM ION'
5 water water
#
loop_
_entity_poly.entity_id
_entity_poly.type
_entity_poly.pdbx_seq_one_letter_code
_entity_poly.pdbx_strand_id
1 'polypeptide(L)'
;MQRADSEQPSKRPRCDDSPRTPSNTPSAEADWSPGLELHPDYKTWGPEQVCSFLRRGGFEEPVLLKNIRENEITGALLPC
LDESRFENLGVSSLGERKKLLSYIQRLVQIHVDTMKVINDPIHGHIELHPLLVRIIDTPQFQRLRYIKQLGGGYYVFPGA
SHNRFEHSLGVGYLAGCLVHALGEKQPELQISERDVLCVQIAGLCHDLGHGPFSHMFDGRFIPLARPEVKWTHEQGSVMM
FEHLINSNGIKPVMEQYGLIPEEDICFIKEQIVGPLESPVEDSLWPYKGRPENKSFLYEIVSNKRNGIDVDKWDYFARDC
HHLGIQNNFDYKRFIKFARVCEVDNELRICARDKEVGNLYDMFHTRNSLHRRAYQHKVGNIIDTMITDAFLKADDYIEIT
GAGGKKYRISTAIDDMEAYTKLTDNIFLEILYSTDPKLKDAREILKQIEYRNLFKYVGETQPTGQIKIKREDYESLPKEV
ASAKPKVLLDVKLKAEDFIVDVINMDYGMQEKNPIDHVSFYCKTAPNRAIRITKNQVSQLLPEKFAEQLIRVYCKKVDRK
SLYAARQYFVQWCADRNFTKPQDGDVIAPLITPQKKEWNDSTSVQNPTRLREASKSRVQLFKDDPM
;
A,B,C,D
2 'polydeoxyribonucleotide' (DC)(DA)(DT)(DG)(DT) F,G,H,I
#
# COMPACT_ATOMS: atom_id res chain seq x y z
N THR A 114 -12.85 -20.53 18.45
CA THR A 114 -12.60 -19.25 17.81
C THR A 114 -11.12 -19.12 17.44
N MET A 115 -10.84 -18.44 16.34
CA MET A 115 -9.49 -18.30 15.82
C MET A 115 -8.93 -16.93 16.20
N LYS A 116 -7.76 -16.93 16.83
CA LYS A 116 -7.05 -15.68 17.08
C LYS A 116 -6.59 -15.06 15.78
N VAL A 117 -6.69 -13.73 15.69
CA VAL A 117 -6.19 -12.99 14.53
C VAL A 117 -4.90 -12.31 14.96
N ILE A 118 -3.97 -12.20 14.02
CA ILE A 118 -2.65 -11.61 14.27
C ILE A 118 -2.32 -10.66 13.13
N ASN A 119 -1.93 -9.44 13.48
CA ASN A 119 -1.48 -8.45 12.49
C ASN A 119 0.03 -8.55 12.37
N ASP A 120 0.50 -9.15 11.29
CA ASP A 120 1.92 -9.25 11.00
C ASP A 120 2.31 -8.19 9.98
N PRO A 121 3.41 -7.45 10.19
CA PRO A 121 3.81 -6.43 9.22
C PRO A 121 4.16 -7.00 7.85
N ILE A 122 4.31 -8.31 7.71
CA ILE A 122 4.67 -8.92 6.45
C ILE A 122 3.46 -9.53 5.75
N HIS A 123 2.58 -10.20 6.50
CA HIS A 123 1.51 -10.99 5.94
C HIS A 123 0.12 -10.43 6.22
N GLY A 124 0.04 -9.26 6.86
CA GLY A 124 -1.28 -8.74 7.22
C GLY A 124 -1.90 -9.56 8.33
N HIS A 125 -3.23 -9.73 8.25
CA HIS A 125 -3.94 -10.48 9.27
C HIS A 125 -3.74 -11.98 9.08
N ILE A 126 -3.40 -12.67 10.17
CA ILE A 126 -3.17 -14.10 10.17
C ILE A 126 -4.16 -14.74 11.14
N GLU A 127 -4.96 -15.66 10.63
CA GLU A 127 -5.91 -16.41 11.47
C GLU A 127 -5.23 -17.67 11.98
N LEU A 128 -5.17 -17.82 13.30
CA LEU A 128 -4.50 -18.93 13.95
C LEU A 128 -5.53 -19.90 14.52
N HIS A 129 -5.40 -21.17 14.14
CA HIS A 129 -6.28 -22.21 14.66
C HIS A 129 -6.09 -22.35 16.17
N PRO A 130 -7.14 -22.69 16.91
CA PRO A 130 -7.00 -22.87 18.37
C PRO A 130 -5.89 -23.82 18.77
N LEU A 131 -5.71 -24.92 18.03
CA LEU A 131 -4.60 -25.83 18.32
C LEU A 131 -3.26 -25.12 18.16
N LEU A 132 -3.14 -24.27 17.14
CA LEU A 132 -1.93 -23.48 16.98
C LEU A 132 -1.74 -22.53 18.17
N VAL A 133 -2.83 -21.91 18.62
CA VAL A 133 -2.75 -20.96 19.73
C VAL A 133 -2.32 -21.69 21.01
N ARG A 134 -2.85 -22.89 21.24
CA ARG A 134 -2.44 -23.66 22.41
C ARG A 134 -0.97 -24.02 22.36
N ILE A 135 -0.47 -24.33 21.16
CA ILE A 135 0.95 -24.65 21.01
C ILE A 135 1.80 -23.40 21.21
N ILE A 136 1.35 -22.25 20.70
CA ILE A 136 2.12 -21.02 20.84
C ILE A 136 2.21 -20.60 22.30
N ASP A 137 1.12 -20.75 23.06
CA ASP A 137 1.04 -20.23 24.42
C ASP A 137 1.72 -21.19 25.41
N THR A 138 2.98 -21.48 25.14
CA THR A 138 3.82 -22.33 25.97
C THR A 138 5.18 -21.68 26.15
N PRO A 139 5.86 -21.94 27.27
CA PRO A 139 7.21 -21.35 27.44
C PRO A 139 8.22 -21.89 26.46
N GLN A 140 8.02 -23.10 25.94
CA GLN A 140 8.93 -23.64 24.93
C GLN A 140 8.83 -22.87 23.62
N PHE A 141 7.65 -22.35 23.29
CA PHE A 141 7.47 -21.56 22.09
C PHE A 141 7.76 -20.08 22.31
N GLN A 142 7.40 -19.56 23.49
CA GLN A 142 7.62 -18.15 23.77
C GLN A 142 9.10 -17.80 23.92
N ARG A 143 9.97 -18.79 24.10
CA ARG A 143 11.40 -18.52 24.18
C ARG A 143 11.95 -18.01 22.85
N LEU A 144 11.26 -18.27 21.73
CA LEU A 144 11.67 -17.73 20.44
C LEU A 144 11.53 -16.21 20.39
N ARG A 145 10.76 -15.62 21.30
CA ARG A 145 10.70 -14.17 21.42
C ARG A 145 12.05 -13.58 21.81
N TYR A 146 12.94 -14.37 22.38
CA TYR A 146 14.19 -13.88 22.96
C TYR A 146 15.40 -14.43 22.21
N ILE A 147 15.28 -14.60 20.89
CA ILE A 147 16.38 -15.02 20.04
C ILE A 147 16.33 -14.20 18.76
N LYS A 148 17.36 -13.39 18.52
CA LYS A 148 17.40 -12.56 17.33
C LYS A 148 17.39 -13.42 16.07
N GLN A 149 16.61 -13.00 15.08
CA GLN A 149 16.59 -13.68 13.78
C GLN A 149 17.98 -13.78 13.18
N LEU A 150 18.64 -12.63 13.03
CA LEU A 150 19.92 -12.54 12.34
C LEU A 150 21.10 -12.52 13.31
N GLY A 151 20.88 -12.86 14.57
CA GLY A 151 21.98 -12.99 15.53
C GLY A 151 22.69 -11.67 15.72
N GLY A 152 23.98 -11.65 15.40
CA GLY A 152 24.77 -10.45 15.54
C GLY A 152 24.51 -9.40 14.47
N GLY A 153 23.68 -9.71 13.48
CA GLY A 153 23.39 -8.74 12.43
C GLY A 153 22.66 -7.52 12.96
N TYR A 154 21.97 -7.66 14.09
CA TYR A 154 21.30 -6.52 14.71
C TYR A 154 22.29 -5.42 15.08
N TYR A 155 23.53 -5.80 15.39
CA TYR A 155 24.54 -4.84 15.79
C TYR A 155 25.15 -4.10 14.60
N VAL A 156 24.79 -4.47 13.38
CA VAL A 156 25.16 -3.73 12.18
C VAL A 156 23.95 -3.09 11.52
N PHE A 157 22.82 -3.81 11.47
CA PHE A 157 21.57 -3.32 10.91
C PHE A 157 20.61 -3.01 12.04
N PRO A 158 20.44 -1.74 12.43
CA PRO A 158 19.60 -1.42 13.59
C PRO A 158 18.14 -1.78 13.42
N GLY A 159 17.66 -1.98 12.19
CA GLY A 159 16.29 -2.38 11.98
C GLY A 159 16.03 -3.87 12.12
N ALA A 160 17.08 -4.69 12.13
CA ALA A 160 16.94 -6.14 12.21
C ALA A 160 16.83 -6.60 13.67
N SER A 161 15.79 -6.10 14.33
CA SER A 161 15.51 -6.46 15.71
C SER A 161 14.55 -7.64 15.82
N HIS A 162 14.08 -8.17 14.70
CA HIS A 162 13.06 -9.21 14.72
C HIS A 162 13.64 -10.52 15.26
N ASN A 163 12.79 -11.30 15.91
CA ASN A 163 13.17 -12.53 16.59
C ASN A 163 12.58 -13.74 15.86
N ARG A 164 12.94 -14.93 16.34
CA ARG A 164 12.43 -16.16 15.75
C ARG A 164 10.94 -16.35 15.99
N PHE A 165 10.37 -15.62 16.94
CA PHE A 165 8.95 -15.79 17.26
C PHE A 165 8.07 -15.37 16.09
N GLU A 166 8.29 -14.17 15.56
CA GLU A 166 7.48 -13.69 14.43
C GLU A 166 7.71 -14.53 13.18
N HIS A 167 8.97 -14.92 12.93
CA HIS A 167 9.28 -15.72 11.76
C HIS A 167 8.57 -17.07 11.81
N SER A 168 8.52 -17.69 13.00
CA SER A 168 7.83 -18.96 13.13
C SER A 168 6.33 -18.80 12.91
N LEU A 169 5.74 -17.72 13.43
CA LEU A 169 4.33 -17.44 13.18
C LEU A 169 4.07 -17.29 11.69
N GLY A 170 4.99 -16.65 10.96
CA GLY A 170 4.79 -16.42 9.54
C GLY A 170 4.97 -17.67 8.69
N VAL A 171 5.91 -18.54 9.07
CA VAL A 171 6.11 -19.77 8.31
C VAL A 171 4.90 -20.69 8.45
N GLY A 172 4.33 -20.77 9.66
CA GLY A 172 3.13 -21.55 9.84
C GLY A 172 1.96 -21.01 9.03
N TYR A 173 1.85 -19.68 8.94
CA TYR A 173 0.82 -19.07 8.12
C TYR A 173 1.05 -19.36 6.64
N LEU A 174 2.30 -19.22 6.18
CA LEU A 174 2.61 -19.48 4.78
C LEU A 174 2.48 -20.97 4.45
N ALA A 175 2.89 -21.83 5.38
CA ALA A 175 2.73 -23.27 5.16
C ALA A 175 1.27 -23.65 4.98
N GLY A 176 0.41 -23.12 5.85
CA GLY A 176 -1.02 -23.39 5.71
C GLY A 176 -1.61 -22.74 4.48
N CYS A 177 -1.08 -21.60 4.06
CA CYS A 177 -1.56 -20.94 2.84
C CYS A 177 -1.29 -21.79 1.61
N LEU A 178 -0.12 -22.43 1.56
CA LEU A 178 0.24 -23.22 0.38
C LEU A 178 -0.52 -24.53 0.36
N VAL A 179 -0.61 -25.22 1.49
CA VAL A 179 -1.27 -26.52 1.51
C VAL A 179 -2.78 -26.37 1.29
N HIS A 180 -3.37 -25.27 1.79
CA HIS A 180 -4.80 -25.06 1.61
C HIS A 180 -5.12 -24.63 0.18
N ALA A 181 -4.18 -23.98 -0.51
CA ALA A 181 -4.41 -23.60 -1.89
C ALA A 181 -4.32 -24.78 -2.84
N LEU A 182 -3.41 -25.72 -2.56
CA LEU A 182 -3.29 -26.91 -3.40
C LEU A 182 -4.51 -27.81 -3.28
N GLY A 183 -5.14 -27.83 -2.10
CA GLY A 183 -6.32 -28.66 -1.89
C GLY A 183 -7.57 -28.12 -2.54
N GLU A 184 -7.74 -26.80 -2.50
CA GLU A 184 -8.92 -26.19 -3.10
C GLU A 184 -8.88 -26.32 -4.63
N LYS A 185 -7.70 -26.16 -5.23
CA LYS A 185 -7.59 -26.27 -6.68
C LYS A 185 -7.69 -27.72 -7.14
N GLN A 186 -7.14 -28.66 -6.37
CA GLN A 186 -7.05 -30.06 -6.77
C GLN A 186 -7.59 -30.94 -5.64
N PRO A 187 -8.90 -31.17 -5.62
CA PRO A 187 -9.45 -32.09 -4.62
C PRO A 187 -9.00 -33.53 -4.82
N GLU A 188 -8.50 -33.88 -6.00
CA GLU A 188 -8.03 -35.23 -6.26
C GLU A 188 -6.83 -35.61 -5.39
N LEU A 189 -6.08 -34.61 -4.90
CA LEU A 189 -4.93 -34.90 -4.05
C LEU A 189 -5.33 -35.44 -2.68
N GLN A 190 -6.60 -35.23 -2.28
CA GLN A 190 -7.13 -35.71 -1.00
C GLN A 190 -6.37 -35.08 0.17
N ILE A 191 -6.31 -33.75 0.17
CA ILE A 191 -5.68 -33.00 1.25
C ILE A 191 -6.77 -32.70 2.28
N SER A 192 -6.67 -33.33 3.44
CA SER A 192 -7.67 -33.18 4.49
C SER A 192 -7.37 -31.95 5.35
N GLU A 193 -8.35 -31.56 6.15
CA GLU A 193 -8.14 -30.48 7.11
C GLU A 193 -7.14 -30.89 8.19
N ARG A 194 -7.10 -32.18 8.53
CA ARG A 194 -6.05 -32.69 9.42
C ARG A 194 -4.68 -32.54 8.77
N ASP A 195 -4.61 -32.72 7.45
CA ASP A 195 -3.34 -32.52 6.74
C ASP A 195 -2.92 -31.06 6.80
N VAL A 196 -3.87 -30.14 6.62
CA VAL A 196 -3.55 -28.72 6.66
C VAL A 196 -3.03 -28.33 8.05
N LEU A 197 -3.64 -28.87 9.10
CA LEU A 197 -3.20 -28.57 10.46
C LEU A 197 -1.78 -29.06 10.72
N CYS A 198 -1.46 -30.26 10.21
CA CYS A 198 -0.13 -30.82 10.46
C CYS A 198 0.95 -30.03 9.74
N VAL A 199 0.64 -29.43 8.59
CA VAL A 199 1.61 -28.60 7.90
C VAL A 199 1.77 -27.26 8.61
N GLN A 200 0.67 -26.73 9.15
CA GLN A 200 0.74 -25.48 9.91
C GLN A 200 1.61 -25.64 11.15
N ILE A 201 1.38 -26.69 11.92
CA ILE A 201 2.18 -26.95 13.12
C ILE A 201 3.65 -27.12 12.75
N ALA A 202 3.91 -27.81 11.63
CA ALA A 202 5.29 -28.01 11.19
C ALA A 202 5.98 -26.69 10.89
N GLY A 203 5.31 -25.82 10.12
CA GLY A 203 5.88 -24.51 9.85
C GLY A 203 5.98 -23.65 11.10
N LEU A 204 5.07 -23.85 12.04
CA LEU A 204 5.09 -23.05 13.27
C LEU A 204 6.23 -23.45 14.19
N CYS A 205 6.60 -24.74 14.19
CA CYS A 205 7.55 -25.28 15.14
C CYS A 205 8.88 -25.68 14.51
N HIS A 206 9.10 -25.34 13.24
CA HIS A 206 10.30 -25.78 12.55
C HIS A 206 11.57 -25.19 13.16
N ASP A 207 11.47 -24.00 13.75
CA ASP A 207 12.62 -23.30 14.30
C ASP A 207 12.63 -23.32 15.83
N LEU A 208 12.01 -24.33 16.43
CA LEU A 208 11.94 -24.41 17.89
C LEU A 208 13.30 -24.68 18.52
N GLY A 209 14.25 -25.23 17.77
CA GLY A 209 15.53 -25.64 18.31
C GLY A 209 16.67 -24.67 18.15
N HIS A 210 16.41 -23.43 17.76
CA HIS A 210 17.47 -22.45 17.63
C HIS A 210 18.00 -22.05 19.00
N GLY A 211 19.30 -21.78 19.06
CA GLY A 211 19.93 -21.34 20.28
C GLY A 211 20.11 -19.84 20.29
N PRO A 212 20.87 -19.33 21.26
CA PRO A 212 21.14 -17.89 21.31
C PRO A 212 21.74 -17.38 20.01
N PHE A 213 21.10 -16.34 19.45
CA PHE A 213 21.56 -15.66 18.24
C PHE A 213 21.52 -16.58 17.01
N SER A 214 20.62 -17.55 17.03
CA SER A 214 20.21 -18.34 15.85
C SER A 214 21.44 -19.09 15.31
N HIS A 215 21.76 -18.97 14.02
CA HIS A 215 22.80 -19.79 13.41
C HIS A 215 24.18 -19.56 14.01
N MET A 216 24.34 -18.55 14.86
CA MET A 216 25.59 -18.39 15.60
C MET A 216 25.85 -19.58 16.52
N PHE A 217 24.79 -20.24 16.97
CA PHE A 217 24.93 -21.27 18.01
C PHE A 217 25.31 -22.62 17.42
N ASP A 218 24.49 -23.15 16.51
CA ASP A 218 24.77 -24.44 15.92
C ASP A 218 25.80 -24.36 14.79
N GLY A 219 25.96 -23.18 14.19
CA GLY A 219 26.92 -23.02 13.11
C GLY A 219 28.36 -22.90 13.59
N ARG A 220 28.57 -22.21 14.72
CA ARG A 220 29.91 -21.92 15.20
C ARG A 220 30.16 -22.38 16.62
N PHE A 221 29.28 -22.03 17.56
CA PHE A 221 29.60 -22.24 18.98
C PHE A 221 29.66 -23.73 19.33
N ILE A 222 28.61 -24.48 19.02
CA ILE A 222 28.59 -25.91 19.34
C ILE A 222 29.73 -26.65 18.65
N PRO A 223 30.04 -26.41 17.37
CA PRO A 223 31.25 -27.03 16.81
C PRO A 223 32.53 -26.65 17.54
N LEU A 224 32.63 -25.40 18.02
CA LEU A 224 33.83 -24.98 18.72
C LEU A 224 33.87 -25.51 20.16
N ALA A 225 32.71 -25.59 20.82
CA ALA A 225 32.69 -26.02 22.21
C ALA A 225 32.75 -27.54 22.33
N ARG A 226 32.02 -28.26 21.47
CA ARG A 226 31.99 -29.72 21.47
C ARG A 226 32.13 -30.21 20.04
N PRO A 227 33.36 -30.30 19.52
CA PRO A 227 33.54 -30.73 18.13
C PRO A 227 33.14 -32.16 17.87
N GLU A 228 33.08 -33.00 18.91
CA GLU A 228 32.80 -34.42 18.73
C GLU A 228 31.33 -34.73 18.51
N VAL A 229 30.44 -33.80 18.86
CA VAL A 229 29.00 -34.04 18.77
C VAL A 229 28.47 -33.47 17.46
N LYS A 230 27.46 -34.14 16.91
CA LYS A 230 26.78 -33.69 15.70
C LYS A 230 25.43 -33.12 16.12
N TRP A 231 25.26 -31.81 15.96
CA TRP A 231 24.08 -31.12 16.45
C TRP A 231 23.62 -30.09 15.42
N THR A 232 22.33 -30.06 15.14
CA THR A 232 21.71 -29.04 14.33
C THR A 232 20.50 -28.48 15.08
N HIS A 233 20.13 -27.25 14.75
CA HIS A 233 18.96 -26.66 15.37
C HIS A 233 17.67 -27.34 14.93
N GLU A 234 17.68 -27.98 13.76
CA GLU A 234 16.51 -28.75 13.34
C GLU A 234 16.28 -29.96 14.25
N GLN A 235 17.36 -30.66 14.60
CA GLN A 235 17.25 -31.75 15.55
C GLN A 235 16.84 -31.25 16.92
N GLY A 236 17.19 -30.01 17.25
CA GLY A 236 16.69 -29.40 18.48
C GLY A 236 15.23 -29.03 18.39
N SER A 237 14.76 -28.67 17.18
CA SER A 237 13.35 -28.38 17.00
C SER A 237 12.51 -29.62 17.24
N VAL A 238 12.98 -30.77 16.77
CA VAL A 238 12.26 -32.02 17.00
C VAL A 238 12.22 -32.34 18.49
N MET A 239 13.34 -32.14 19.18
CA MET A 239 13.39 -32.48 20.60
C MET A 239 12.58 -31.48 21.42
N MET A 240 12.74 -30.19 21.15
CA MET A 240 11.94 -29.18 21.84
C MET A 240 10.46 -29.31 21.52
N PHE A 241 10.11 -29.73 20.30
CA PHE A 241 8.70 -29.98 19.97
C PHE A 241 8.11 -31.06 20.86
N GLU A 242 8.86 -32.16 21.04
CA GLU A 242 8.41 -33.22 21.94
C GLU A 242 8.28 -32.71 23.36
N HIS A 243 9.25 -31.92 23.81
CA HIS A 243 9.20 -31.36 25.16
C HIS A 243 8.01 -30.42 25.33
N LEU A 244 7.69 -29.65 24.28
CA LEU A 244 6.54 -28.75 24.33
C LEU A 244 5.24 -29.54 24.46
N ILE A 245 5.12 -30.64 23.71
CA ILE A 245 3.86 -31.38 23.67
C ILE A 245 3.58 -32.03 25.02
N ASN A 246 4.57 -32.72 25.59
CA ASN A 246 4.33 -33.50 26.80
C ASN A 246 4.27 -32.63 28.04
N SER A 247 5.03 -31.53 28.08
CA SER A 247 4.99 -30.64 29.23
C SER A 247 3.74 -29.77 29.27
N ASN A 248 2.96 -29.73 28.18
CA ASN A 248 1.79 -28.87 28.11
C ASN A 248 0.52 -29.63 27.75
N GLY A 249 0.55 -30.96 27.75
CA GLY A 249 -0.63 -31.76 27.46
C GLY A 249 -1.27 -31.43 26.13
N ILE A 250 -0.47 -31.41 25.07
CA ILE A 250 -0.97 -30.99 23.77
C ILE A 250 -1.66 -32.15 23.04
N LYS A 251 -1.19 -33.38 23.25
CA LYS A 251 -1.80 -34.55 22.60
C LYS A 251 -3.31 -34.61 22.75
N PRO A 252 -3.91 -34.40 23.93
CA PRO A 252 -5.38 -34.36 23.99
C PRO A 252 -5.99 -33.23 23.17
N VAL A 253 -5.25 -32.14 22.97
CA VAL A 253 -5.79 -31.03 22.18
C VAL A 253 -5.71 -31.33 20.70
N MET A 254 -4.59 -31.90 20.23
CA MET A 254 -4.51 -32.36 18.84
C MET A 254 -5.58 -33.40 18.55
N GLU A 255 -5.74 -34.36 19.47
CA GLU A 255 -6.78 -35.37 19.33
C GLU A 255 -8.16 -34.73 19.22
N GLN A 256 -8.38 -33.64 19.96
CA GLN A 256 -9.68 -32.97 19.96
C GLN A 256 -9.98 -32.32 18.63
N TYR A 257 -8.95 -31.93 17.88
CA TYR A 257 -9.12 -31.25 16.60
C TYR A 257 -8.82 -32.16 15.41
N GLY A 258 -9.12 -33.45 15.54
CA GLY A 258 -9.09 -34.38 14.44
C GLY A 258 -7.76 -35.02 14.14
N LEU A 259 -6.73 -34.77 14.94
CA LEU A 259 -5.40 -35.31 14.69
C LEU A 259 -5.24 -36.65 15.38
N ILE A 260 -4.56 -37.58 14.70
CA ILE A 260 -4.14 -38.84 15.30
C ILE A 260 -2.70 -38.63 15.77
N PRO A 261 -2.49 -38.39 17.07
CA PRO A 261 -1.18 -37.86 17.51
C PRO A 261 0.01 -38.72 17.11
N GLU A 262 -0.08 -40.04 17.23
CA GLU A 262 1.10 -40.87 16.98
C GLU A 262 1.55 -40.78 15.53
N GLU A 263 0.62 -40.80 14.59
CA GLU A 263 0.98 -40.64 13.18
C GLU A 263 1.35 -39.20 12.87
N ASP A 264 0.65 -38.24 13.47
CA ASP A 264 0.81 -36.84 13.09
C ASP A 264 2.02 -36.19 13.74
N ILE A 265 2.40 -36.62 14.95
CA ILE A 265 3.62 -36.11 15.57
C ILE A 265 4.84 -36.56 14.75
N CYS A 266 4.85 -37.82 14.32
CA CYS A 266 5.89 -38.28 13.42
C CYS A 266 5.90 -37.50 12.11
N PHE A 267 4.71 -37.18 11.59
CA PHE A 267 4.61 -36.42 10.35
C PHE A 267 5.17 -35.01 10.53
N ILE A 268 4.84 -34.35 11.63
CA ILE A 268 5.32 -32.99 11.87
C ILE A 268 6.83 -32.97 12.04
N LYS A 269 7.37 -33.94 12.79
CA LYS A 269 8.82 -34.01 12.96
C LYS A 269 9.53 -34.31 11.64
N GLU A 270 8.91 -35.10 10.77
CA GLU A 270 9.58 -35.52 9.55
C GLU A 270 9.74 -34.35 8.57
N GLN A 271 8.75 -33.47 8.48
CA GLN A 271 8.88 -32.32 7.60
C GLN A 271 9.72 -31.20 8.21
N ILE A 272 10.21 -31.38 9.43
CA ILE A 272 11.11 -30.42 10.05
C ILE A 272 12.57 -30.82 9.89
N VAL A 273 12.87 -32.10 10.12
CA VAL A 273 14.24 -32.59 10.15
C VAL A 273 14.55 -33.54 9.01
N GLY A 274 13.55 -34.06 8.31
CA GLY A 274 13.76 -35.06 7.29
C GLY A 274 13.40 -36.44 7.80
N PRO A 275 13.88 -37.48 7.13
CA PRO A 275 13.62 -38.84 7.61
C PRO A 275 14.22 -39.07 8.99
N LEU A 276 13.37 -39.51 9.92
CA LEU A 276 13.84 -39.75 11.29
C LEU A 276 14.76 -40.96 11.35
N GLU A 277 14.63 -41.89 10.42
CA GLU A 277 15.49 -43.07 10.37
C GLU A 277 15.42 -43.73 8.99
N LEU A 284 13.97 -45.94 -1.79
CA LEU A 284 12.87 -46.47 -1.01
C LEU A 284 12.30 -45.39 -0.09
N TRP A 285 10.98 -45.18 -0.18
CA TRP A 285 10.26 -44.12 0.52
C TRP A 285 10.58 -44.10 2.00
N PRO A 286 11.35 -43.10 2.47
CA PRO A 286 11.83 -43.10 3.86
C PRO A 286 10.95 -42.38 4.86
N TYR A 287 9.86 -41.75 4.42
CA TYR A 287 8.99 -41.02 5.32
C TYR A 287 7.88 -41.93 5.84
N LYS A 288 7.51 -41.76 7.11
CA LYS A 288 6.52 -42.60 7.75
C LYS A 288 5.33 -41.85 8.30
N GLY A 289 5.30 -40.52 8.18
CA GLY A 289 4.15 -39.75 8.64
C GLY A 289 3.02 -39.69 7.62
N ARG A 290 3.36 -39.79 6.35
CA ARG A 290 2.37 -39.77 5.27
C ARG A 290 2.87 -40.69 4.15
N PRO A 291 1.97 -41.33 3.41
CA PRO A 291 2.41 -42.21 2.33
C PRO A 291 2.97 -41.41 1.16
N GLU A 292 3.52 -42.14 0.19
CA GLU A 292 4.22 -41.51 -0.93
C GLU A 292 3.27 -40.72 -1.82
N ASN A 293 1.98 -41.08 -1.86
CA ASN A 293 1.04 -40.34 -2.70
C ASN A 293 0.73 -38.96 -2.15
N LYS A 294 1.22 -38.62 -0.96
CA LYS A 294 1.12 -37.27 -0.42
C LYS A 294 2.51 -36.67 -0.21
N SER A 295 3.47 -37.10 -1.03
CA SER A 295 4.86 -36.69 -0.84
C SER A 295 5.05 -35.19 -1.04
N PHE A 296 4.20 -34.55 -1.83
CA PHE A 296 4.33 -33.12 -2.10
C PHE A 296 4.22 -32.29 -0.83
N LEU A 297 3.60 -32.84 0.23
CA LEU A 297 3.48 -32.10 1.48
C LEU A 297 4.82 -31.92 2.17
N TYR A 298 5.80 -32.78 1.89
CA TYR A 298 7.12 -32.68 2.50
C TYR A 298 8.00 -31.61 1.85
N GLU A 299 7.50 -30.89 0.86
CA GLU A 299 8.24 -29.83 0.20
C GLU A 299 7.81 -28.44 0.65
N ILE A 300 6.87 -28.35 1.58
CA ILE A 300 6.28 -27.07 1.95
C ILE A 300 7.10 -26.35 3.01
N VAL A 301 7.44 -27.03 4.11
CA VAL A 301 8.08 -26.38 5.25
C VAL A 301 9.59 -26.31 5.07
N SER A 302 10.22 -27.43 4.66
CA SER A 302 11.69 -27.45 4.52
C SER A 302 12.02 -28.36 3.33
N ASN A 303 11.98 -27.77 2.13
CA ASN A 303 12.29 -28.51 0.91
C ASN A 303 13.75 -28.94 0.89
N LYS A 304 13.99 -30.24 1.08
CA LYS A 304 15.34 -30.79 1.05
C LYS A 304 15.90 -30.94 -0.36
N ARG A 305 15.05 -30.86 -1.39
CA ARG A 305 15.47 -31.11 -2.76
C ARG A 305 16.04 -29.87 -3.43
N ASN A 306 15.22 -28.84 -3.59
CA ASN A 306 15.64 -27.60 -4.25
C ASN A 306 15.85 -26.45 -3.29
N GLY A 307 15.53 -26.62 -2.01
CA GLY A 307 15.74 -25.57 -1.03
C GLY A 307 14.78 -24.40 -1.12
N ILE A 308 13.72 -24.52 -1.90
CA ILE A 308 12.72 -23.46 -2.03
C ILE A 308 11.47 -23.92 -1.28
N ASP A 309 11.16 -23.21 -0.19
CA ASP A 309 10.05 -23.57 0.68
C ASP A 309 9.47 -22.29 1.27
N VAL A 310 8.36 -22.45 2.01
CA VAL A 310 7.73 -21.30 2.63
C VAL A 310 8.57 -20.71 3.75
N ASP A 311 9.56 -21.47 4.25
CA ASP A 311 10.52 -20.91 5.19
C ASP A 311 11.38 -19.85 4.53
N LYS A 312 11.96 -20.18 3.37
CA LYS A 312 12.74 -19.21 2.60
C LYS A 312 11.95 -17.95 2.34
N TRP A 313 10.68 -18.10 1.95
CA TRP A 313 9.87 -16.95 1.56
C TRP A 313 9.63 -16.00 2.73
N ASP A 314 9.40 -16.54 3.92
CA ASP A 314 9.08 -15.69 5.05
C ASP A 314 10.27 -14.80 5.40
N TYR A 315 11.44 -15.40 5.58
CA TYR A 315 12.56 -14.59 6.02
C TYR A 315 13.26 -13.88 4.88
N PHE A 316 12.94 -14.21 3.63
CA PHE A 316 13.31 -13.31 2.53
C PHE A 316 12.55 -12.00 2.65
N ALA A 317 11.23 -12.09 2.83
CA ALA A 317 10.41 -10.90 2.97
C ALA A 317 10.59 -10.22 4.31
N ARG A 318 10.81 -11.00 5.38
CA ARG A 318 10.97 -10.41 6.70
C ARG A 318 12.30 -9.70 6.84
N ASP A 319 13.40 -10.32 6.38
CA ASP A 319 14.70 -9.67 6.46
C ASP A 319 14.75 -8.42 5.61
N CYS A 320 14.23 -8.49 4.39
CA CYS A 320 14.18 -7.30 3.53
C CYS A 320 13.43 -6.17 4.20
N HIS A 321 12.29 -6.49 4.82
CA HIS A 321 11.47 -5.47 5.46
C HIS A 321 12.17 -4.83 6.65
N HIS A 322 13.03 -5.56 7.35
CA HIS A 322 13.72 -5.06 8.53
C HIS A 322 15.10 -4.51 8.24
N LEU A 323 15.79 -5.03 7.24
CA LEU A 323 17.16 -4.59 6.94
C LEU A 323 17.21 -3.32 6.11
N GLY A 324 16.10 -2.92 5.50
CA GLY A 324 16.15 -1.84 4.54
C GLY A 324 16.54 -2.26 3.15
N ILE A 325 16.44 -3.55 2.83
CA ILE A 325 16.68 -4.08 1.49
C ILE A 325 15.32 -4.35 0.84
N GLN A 326 15.24 -4.13 -0.47
CA GLN A 326 14.01 -4.36 -1.24
C GLN A 326 13.80 -5.81 -1.66
N ASN A 327 12.56 -6.26 -1.49
CA ASN A 327 12.13 -7.57 -1.93
C ASN A 327 11.47 -7.41 -3.28
N ASN A 328 11.97 -8.13 -4.28
CA ASN A 328 11.52 -8.00 -5.66
C ASN A 328 10.76 -9.22 -6.14
N PHE A 329 10.41 -10.14 -5.25
CA PHE A 329 9.61 -11.30 -5.63
C PHE A 329 8.35 -11.36 -4.77
N ASP A 330 7.28 -11.90 -5.36
CA ASP A 330 5.97 -11.96 -4.73
C ASP A 330 5.70 -13.41 -4.34
N TYR A 331 5.86 -13.71 -3.05
CA TYR A 331 5.54 -15.06 -2.57
C TYR A 331 4.05 -15.36 -2.70
N LYS A 332 3.21 -14.32 -2.64
CA LYS A 332 1.78 -14.51 -2.80
C LYS A 332 1.46 -15.02 -4.21
N ARG A 333 2.22 -14.57 -5.21
CA ARG A 333 2.04 -15.06 -6.57
C ARG A 333 2.41 -16.54 -6.66
N PHE A 334 3.43 -16.96 -5.92
CA PHE A 334 3.84 -18.37 -5.92
C PHE A 334 2.75 -19.25 -5.36
N ILE A 335 2.17 -18.86 -4.23
CA ILE A 335 1.15 -19.69 -3.59
C ILE A 335 -0.15 -19.64 -4.38
N LYS A 336 -0.47 -18.47 -4.96
CA LYS A 336 -1.75 -18.31 -5.65
C LYS A 336 -1.85 -19.19 -6.88
N PHE A 337 -0.73 -19.54 -7.50
CA PHE A 337 -0.73 -20.29 -8.75
C PHE A 337 0.08 -21.58 -8.66
N ALA A 338 0.39 -22.04 -7.45
CA ALA A 338 1.09 -23.30 -7.30
C ALA A 338 0.15 -24.47 -7.62
N ARG A 339 0.72 -25.53 -8.18
CA ARG A 339 -0.06 -26.69 -8.56
C ARG A 339 0.80 -27.94 -8.46
N VAL A 340 0.22 -29.02 -7.96
CA VAL A 340 0.91 -30.30 -7.89
C VAL A 340 0.79 -30.99 -9.24
N CYS A 341 1.93 -31.17 -9.91
CA CYS A 341 1.98 -31.85 -11.19
C CYS A 341 2.97 -33.02 -11.11
N GLU A 342 2.80 -33.97 -12.02
CA GLU A 342 3.61 -35.18 -12.04
C GLU A 342 4.90 -34.92 -12.81
N VAL A 343 6.04 -35.15 -12.15
CA VAL A 343 7.36 -34.92 -12.73
C VAL A 343 8.16 -36.20 -12.56
N ASP A 344 8.28 -36.97 -13.64
CA ASP A 344 9.12 -38.18 -13.67
C ASP A 344 8.67 -39.19 -12.63
N ASN A 345 7.43 -39.65 -12.78
CA ASN A 345 6.83 -40.65 -11.90
C ASN A 345 6.81 -40.20 -10.44
N GLU A 346 6.75 -38.89 -10.22
CA GLU A 346 6.72 -38.33 -8.88
C GLU A 346 5.72 -37.18 -8.84
N LEU A 347 5.09 -37.01 -7.68
CA LEU A 347 4.19 -35.89 -7.43
C LEU A 347 4.97 -34.80 -6.71
N ARG A 348 5.24 -33.71 -7.43
CA ARG A 348 6.00 -32.58 -6.89
C ARG A 348 5.18 -31.32 -7.04
N ILE A 349 5.62 -30.27 -6.35
CA ILE A 349 4.94 -28.97 -6.39
C ILE A 349 5.54 -28.15 -7.53
N CYS A 350 4.70 -27.79 -8.50
CA CYS A 350 5.14 -27.14 -9.72
C CYS A 350 4.63 -25.70 -9.76
N ALA A 351 5.38 -24.84 -10.43
CA ALA A 351 5.07 -23.42 -10.50
C ALA A 351 4.49 -23.07 -11.86
N ARG A 352 3.69 -22.01 -11.89
CA ARG A 352 3.14 -21.53 -13.15
C ARG A 352 4.24 -20.93 -14.02
N ASP A 353 4.16 -21.19 -15.33
CA ASP A 353 5.19 -20.73 -16.24
C ASP A 353 5.30 -19.21 -16.24
N LYS A 354 4.19 -18.51 -15.97
CA LYS A 354 4.22 -17.05 -15.87
C LYS A 354 4.98 -16.56 -14.63
N GLU A 355 5.30 -17.45 -13.70
CA GLU A 355 6.02 -17.09 -12.48
C GLU A 355 7.53 -17.25 -12.62
N VAL A 356 8.03 -17.49 -13.84
CA VAL A 356 9.47 -17.68 -14.00
C VAL A 356 10.22 -16.40 -13.67
N GLY A 357 9.65 -15.23 -14.01
CA GLY A 357 10.27 -13.98 -13.64
C GLY A 357 10.23 -13.70 -12.16
N ASN A 358 9.18 -14.20 -11.49
CA ASN A 358 9.13 -14.13 -10.04
C ASN A 358 10.18 -15.04 -9.40
N LEU A 359 10.48 -16.17 -10.05
CA LEU A 359 11.47 -17.09 -9.52
C LEU A 359 12.88 -16.53 -9.62
N TYR A 360 13.19 -15.89 -10.75
CA TYR A 360 14.49 -15.23 -10.90
C TYR A 360 14.67 -14.14 -9.85
N ASP A 361 13.64 -13.31 -9.65
CA ASP A 361 13.72 -12.25 -8.67
C ASP A 361 13.91 -12.79 -7.26
N MET A 362 13.39 -13.98 -6.98
CA MET A 362 13.62 -14.60 -5.67
C MET A 362 15.08 -14.94 -5.48
N PHE A 363 15.75 -15.44 -6.53
CA PHE A 363 17.16 -15.79 -6.42
C PHE A 363 18.03 -14.55 -6.33
N HIS A 364 17.69 -13.50 -7.08
CA HIS A 364 18.41 -12.23 -6.94
C HIS A 364 18.23 -11.66 -5.54
N THR A 365 17.02 -11.73 -5.01
CA THR A 365 16.78 -11.27 -3.64
C THR A 365 17.59 -12.08 -2.64
N ARG A 366 17.61 -13.41 -2.81
CA ARG A 366 18.42 -14.26 -1.94
C ARG A 366 19.90 -13.91 -2.06
N ASN A 367 20.38 -13.69 -3.30
CA ASN A 367 21.77 -13.29 -3.49
C ASN A 367 22.02 -11.92 -2.87
N SER A 368 21.12 -10.97 -3.11
CA SER A 368 21.29 -9.64 -2.53
C SER A 368 21.28 -9.67 -1.01
N LEU A 369 20.51 -10.59 -0.42
CA LEU A 369 20.47 -10.68 1.04
C LEU A 369 21.76 -11.27 1.60
N HIS A 370 22.36 -12.22 0.88
CA HIS A 370 23.55 -12.88 1.38
C HIS A 370 24.76 -11.95 1.32
N ARG A 371 25.05 -11.39 0.13
CA ARG A 371 26.23 -10.57 -0.03
C ARG A 371 26.18 -9.30 0.82
N ARG A 372 25.00 -8.73 1.01
CA ARG A 372 24.88 -7.46 1.73
C ARG A 372 24.69 -7.65 3.23
N ALA A 373 23.86 -8.61 3.63
CA ALA A 373 23.50 -8.77 5.04
C ALA A 373 24.08 -10.04 5.66
N TYR A 374 23.83 -11.20 5.08
CA TYR A 374 24.24 -12.45 5.72
C TYR A 374 25.75 -12.58 5.77
N GLN A 375 26.45 -12.13 4.73
CA GLN A 375 27.91 -12.21 4.68
C GLN A 375 28.58 -10.88 5.02
N HIS A 376 27.91 -10.02 5.79
CA HIS A 376 28.51 -8.76 6.21
C HIS A 376 29.76 -9.05 7.03
N LYS A 377 30.82 -8.28 6.74
CA LYS A 377 32.11 -8.56 7.35
C LYS A 377 32.11 -8.25 8.84
N VAL A 378 31.53 -7.11 9.23
CA VAL A 378 31.47 -6.76 10.65
C VAL A 378 30.46 -7.63 11.37
N GLY A 379 29.29 -7.86 10.74
CA GLY A 379 28.28 -8.69 11.37
C GLY A 379 28.75 -10.11 11.65
N ASN A 380 29.64 -10.63 10.81
CA ASN A 380 30.22 -11.94 11.05
C ASN A 380 31.36 -11.91 12.04
N ILE A 381 32.02 -10.76 12.20
CA ILE A 381 33.03 -10.61 13.25
C ILE A 381 32.36 -10.58 14.62
N ILE A 382 31.23 -9.87 14.72
CA ILE A 382 30.50 -9.80 15.99
C ILE A 382 29.95 -11.17 16.37
N ASP A 383 29.56 -11.98 15.38
CA ASP A 383 29.16 -13.35 15.67
C ASP A 383 30.28 -14.12 16.34
N THR A 384 31.50 -14.02 15.80
CA THR A 384 32.65 -14.71 16.39
C THR A 384 33.07 -14.09 17.71
N MET A 385 32.71 -12.83 17.97
CA MET A 385 33.01 -12.23 19.26
C MET A 385 32.05 -12.72 20.34
N ILE A 386 30.76 -12.83 20.00
CA ILE A 386 29.81 -13.41 20.94
C ILE A 386 30.13 -14.88 21.19
N THR A 387 30.56 -15.59 20.15
CA THR A 387 30.97 -16.98 20.32
C THR A 387 32.19 -17.08 21.22
N ASP A 388 33.15 -16.15 21.06
CA ASP A 388 34.34 -16.17 21.89
C ASP A 388 34.01 -15.94 23.36
N ALA A 389 33.13 -14.97 23.64
CA ALA A 389 32.72 -14.73 25.01
C ALA A 389 31.95 -15.91 25.58
N PHE A 390 31.09 -16.52 24.77
CA PHE A 390 30.34 -17.70 25.23
C PHE A 390 31.30 -18.84 25.59
N LEU A 391 32.37 -18.99 24.81
CA LEU A 391 33.33 -20.06 25.08
C LEU A 391 34.11 -19.80 26.36
N LYS A 392 34.48 -18.53 26.60
CA LYS A 392 35.18 -18.18 27.83
C LYS A 392 34.28 -18.19 29.05
N ALA A 393 32.96 -18.26 28.86
CA ALA A 393 32.00 -18.34 29.96
C ALA A 393 31.39 -19.71 30.11
N ASP A 394 31.72 -20.65 29.22
CA ASP A 394 31.05 -21.94 29.21
C ASP A 394 31.35 -22.77 30.45
N ASP A 395 32.46 -22.52 31.14
CA ASP A 395 32.83 -23.29 32.32
C ASP A 395 32.21 -22.75 33.60
N TYR A 396 31.44 -21.66 33.53
CA TYR A 396 30.95 -20.99 34.73
C TYR A 396 29.46 -20.64 34.70
N ILE A 397 28.84 -20.49 33.53
CA ILE A 397 27.42 -20.20 33.47
C ILE A 397 26.63 -21.47 33.82
N GLU A 398 25.60 -21.31 34.66
CA GLU A 398 24.80 -22.42 35.14
C GLU A 398 23.38 -22.30 34.59
N ILE A 399 22.90 -23.38 33.97
CA ILE A 399 21.54 -23.47 33.46
C ILE A 399 20.92 -24.73 34.05
N THR A 400 19.98 -24.56 34.97
CA THR A 400 19.37 -25.69 35.66
C THR A 400 18.32 -26.35 34.78
N GLY A 401 18.47 -27.65 34.54
CA GLY A 401 17.53 -28.38 33.71
C GLY A 401 16.65 -29.35 34.47
N ALA A 402 16.58 -30.59 33.99
CA ALA A 402 15.71 -31.58 34.60
C ALA A 402 16.24 -32.00 35.96
N GLY A 403 15.34 -32.05 36.96
CA GLY A 403 15.71 -32.47 38.30
C GLY A 403 16.61 -31.52 39.05
N GLY A 404 16.87 -30.33 38.51
CA GLY A 404 17.79 -29.40 39.13
C GLY A 404 19.22 -29.52 38.68
N LYS A 405 19.53 -30.45 37.77
CA LYS A 405 20.89 -30.59 37.26
C LYS A 405 21.31 -29.32 36.54
N LYS A 406 22.52 -28.86 36.86
CA LYS A 406 23.05 -27.63 36.29
C LYS A 406 23.83 -27.94 35.02
N TYR A 407 23.42 -27.32 33.92
CA TYR A 407 24.01 -27.55 32.61
C TYR A 407 24.86 -26.36 32.17
N ARG A 408 25.72 -26.61 31.19
CA ARG A 408 26.49 -25.56 30.57
C ARG A 408 25.79 -25.07 29.31
N ILE A 409 26.28 -23.95 28.76
CA ILE A 409 25.70 -23.41 27.53
C ILE A 409 25.85 -24.43 26.40
N SER A 410 27.00 -25.11 26.35
CA SER A 410 27.23 -26.10 25.32
C SER A 410 26.58 -27.45 25.62
N THR A 411 26.21 -27.71 26.87
CA THR A 411 25.56 -28.96 27.22
C THR A 411 24.05 -28.82 27.41
N ALA A 412 23.52 -27.59 27.39
CA ALA A 412 22.08 -27.41 27.54
C ALA A 412 21.30 -27.97 26.36
N ILE A 413 21.97 -28.33 25.27
CA ILE A 413 21.32 -28.87 24.09
C ILE A 413 21.01 -30.34 24.34
N ASP A 414 21.47 -30.85 25.49
CA ASP A 414 21.23 -32.23 25.88
C ASP A 414 19.97 -32.41 26.73
N ASP A 415 19.50 -31.36 27.39
CA ASP A 415 18.27 -31.41 28.18
C ASP A 415 17.40 -30.24 27.76
N MET A 416 16.16 -30.55 27.34
CA MET A 416 15.29 -29.56 26.76
C MET A 416 14.65 -28.64 27.81
N GLU A 417 14.64 -29.05 29.07
CA GLU A 417 14.19 -28.15 30.13
C GLU A 417 15.21 -27.04 30.34
N ALA A 418 16.50 -27.37 30.30
CA ALA A 418 17.53 -26.35 30.38
C ALA A 418 17.58 -25.51 29.11
N TYR A 419 17.38 -26.15 27.95
CA TYR A 419 17.41 -25.44 26.68
C TYR A 419 16.28 -24.41 26.59
N THR A 420 15.17 -24.65 27.28
CA THR A 420 14.07 -23.70 27.28
C THR A 420 14.49 -22.35 27.86
N LYS A 421 15.49 -22.34 28.72
CA LYS A 421 15.97 -21.13 29.37
C LYS A 421 17.29 -20.62 28.78
N LEU A 422 17.68 -21.13 27.61
CA LEU A 422 18.92 -20.72 26.94
C LEU A 422 18.53 -19.86 25.73
N THR A 423 18.54 -18.55 25.92
CA THR A 423 18.17 -17.61 24.86
C THR A 423 19.28 -16.58 24.74
N ASP A 424 18.98 -15.47 24.05
CA ASP A 424 19.90 -14.34 23.98
C ASP A 424 20.15 -13.72 25.35
N ASN A 425 19.40 -14.13 26.37
CA ASN A 425 19.62 -13.64 27.73
C ASN A 425 21.03 -13.94 28.23
N ILE A 426 21.66 -15.00 27.71
CA ILE A 426 23.01 -15.35 28.13
C ILE A 426 23.97 -14.20 27.85
N PHE A 427 23.79 -13.51 26.72
CA PHE A 427 24.58 -12.32 26.43
C PHE A 427 24.51 -11.32 27.58
N LEU A 428 23.30 -11.00 28.02
CA LEU A 428 23.13 -9.98 29.06
C LEU A 428 23.49 -10.50 30.45
N GLU A 429 23.33 -11.81 30.70
CA GLU A 429 23.78 -12.36 31.97
C GLU A 429 25.29 -12.25 32.09
N ILE A 430 26.01 -12.48 31.00
CA ILE A 430 27.46 -12.29 31.00
C ILE A 430 27.80 -10.80 31.13
N LEU A 431 27.08 -9.96 30.38
CA LEU A 431 27.41 -8.54 30.35
C LEU A 431 27.18 -7.88 31.71
N TYR A 432 26.07 -8.21 32.37
CA TYR A 432 25.74 -7.63 33.67
C TYR A 432 26.40 -8.35 34.83
N SER A 433 27.23 -9.35 34.57
CA SER A 433 27.81 -10.16 35.65
C SER A 433 28.91 -9.40 36.37
N THR A 434 29.04 -9.68 37.67
CA THR A 434 30.12 -9.14 38.49
C THR A 434 31.09 -10.21 38.96
N ASP A 435 30.78 -11.49 38.74
CA ASP A 435 31.67 -12.57 39.13
C ASP A 435 33.01 -12.43 38.41
N PRO A 436 34.13 -12.45 39.12
CA PRO A 436 35.43 -12.42 38.45
C PRO A 436 35.67 -13.59 37.50
N LYS A 437 34.95 -14.69 37.66
CA LYS A 437 35.15 -15.83 36.79
C LYS A 437 34.69 -15.54 35.36
N LEU A 438 33.74 -14.62 35.19
CA LEU A 438 33.23 -14.25 33.88
C LEU A 438 33.86 -12.97 33.34
N LYS A 439 34.92 -12.47 33.99
CA LYS A 439 35.49 -11.19 33.60
C LYS A 439 36.01 -11.22 32.18
N ASP A 440 36.68 -12.31 31.79
CA ASP A 440 37.19 -12.43 30.43
C ASP A 440 36.05 -12.38 29.42
N ALA A 441 35.02 -13.20 29.63
CA ALA A 441 33.88 -13.21 28.71
C ALA A 441 33.15 -11.88 28.73
N ARG A 442 33.03 -11.25 29.90
CA ARG A 442 32.28 -10.01 30.01
C ARG A 442 32.95 -8.89 29.24
N GLU A 443 34.28 -8.79 29.31
CA GLU A 443 34.99 -7.72 28.62
C GLU A 443 35.06 -7.92 27.11
N ILE A 444 34.93 -9.17 26.63
CA ILE A 444 34.77 -9.40 25.21
C ILE A 444 33.46 -8.79 24.73
N LEU A 445 32.40 -8.93 25.54
CA LEU A 445 31.10 -8.36 25.16
C LEU A 445 31.12 -6.84 25.26
N LYS A 446 31.80 -6.29 26.26
CA LYS A 446 31.94 -4.84 26.33
C LYS A 446 32.78 -4.28 25.20
N GLN A 447 33.63 -5.11 24.58
CA GLN A 447 34.35 -4.67 23.38
C GLN A 447 33.38 -4.36 22.25
N ILE A 448 32.31 -5.16 22.12
CA ILE A 448 31.32 -4.91 21.07
C ILE A 448 30.63 -3.57 21.32
N GLU A 449 30.31 -3.27 22.57
CA GLU A 449 29.66 -2.00 22.89
C GLU A 449 30.58 -0.81 22.60
N TYR A 450 31.87 -0.97 22.89
CA TYR A 450 32.85 0.08 22.58
C TYR A 450 33.28 0.08 21.12
N ARG A 451 32.85 -0.91 20.34
CA ARG A 451 33.23 -1.06 18.93
C ARG A 451 34.74 -1.18 18.78
N ASN A 452 35.37 -1.87 19.72
CA ASN A 452 36.78 -2.28 19.59
C ASN A 452 36.77 -3.77 19.25
N LEU A 453 36.43 -4.05 18.00
CA LEU A 453 36.13 -5.40 17.55
C LEU A 453 37.39 -6.13 17.07
N PHE A 454 37.23 -7.41 16.78
CA PHE A 454 38.29 -8.17 16.12
C PHE A 454 38.58 -7.55 14.76
N LYS A 455 39.80 -7.70 14.28
CA LYS A 455 40.24 -7.04 13.06
C LYS A 455 40.31 -8.00 11.88
N TYR A 456 39.80 -7.53 10.75
CA TYR A 456 39.74 -8.34 9.53
C TYR A 456 41.15 -8.52 8.97
N VAL A 457 41.53 -9.77 8.73
CA VAL A 457 42.85 -10.10 8.19
C VAL A 457 42.77 -10.39 6.69
N GLY A 458 41.88 -11.27 6.29
CA GLY A 458 41.76 -11.60 4.88
C GLY A 458 40.66 -12.61 4.64
N GLU A 459 40.62 -13.11 3.40
CA GLU A 459 39.60 -14.03 2.96
C GLU A 459 40.23 -15.04 2.00
N THR A 460 39.63 -16.23 1.96
CA THR A 460 40.09 -17.28 1.05
C THR A 460 38.95 -18.26 0.82
N GLN A 461 39.15 -19.14 -0.17
CA GLN A 461 38.16 -20.14 -0.55
C GLN A 461 38.87 -21.45 -0.88
N PRO A 462 38.29 -22.58 -0.48
CA PRO A 462 38.89 -23.90 -0.77
C PRO A 462 38.57 -24.40 -2.17
N THR A 463 38.93 -23.60 -3.17
CA THR A 463 38.62 -23.93 -4.56
C THR A 463 39.40 -25.17 -4.98
N GLY A 464 38.67 -26.23 -5.32
CA GLY A 464 39.30 -27.49 -5.66
C GLY A 464 39.73 -28.30 -4.46
N GLN A 465 39.23 -27.98 -3.27
CA GLN A 465 39.63 -28.66 -2.05
C GLN A 465 38.39 -29.12 -1.29
N ILE A 466 38.61 -30.05 -0.36
CA ILE A 466 37.53 -30.51 0.50
C ILE A 466 37.03 -29.34 1.35
N LYS A 467 35.73 -29.15 1.39
CA LYS A 467 35.16 -28.10 2.23
C LYS A 467 35.42 -28.41 3.69
N ILE A 468 35.71 -27.36 4.47
CA ILE A 468 36.02 -27.55 5.88
C ILE A 468 34.77 -28.00 6.63
N LYS A 469 34.92 -29.05 7.44
CA LYS A 469 33.81 -29.59 8.21
C LYS A 469 33.75 -28.93 9.58
N ARG A 470 32.55 -29.00 10.19
CA ARG A 470 32.36 -28.41 11.51
C ARG A 470 33.26 -29.04 12.55
N GLU A 471 33.57 -30.33 12.40
CA GLU A 471 34.38 -31.04 13.37
C GLU A 471 35.84 -30.60 13.39
N ASP A 472 36.28 -29.81 12.40
CA ASP A 472 37.64 -29.31 12.34
C ASP A 472 37.73 -27.82 12.62
N TYR A 473 36.63 -27.18 13.01
CA TYR A 473 36.64 -25.74 13.24
C TYR A 473 37.62 -25.36 14.34
N GLU A 474 37.68 -26.14 15.42
CA GLU A 474 38.52 -25.79 16.55
C GLU A 474 40.01 -25.87 16.21
N SER A 475 40.39 -26.76 15.30
CA SER A 475 41.78 -26.92 14.91
C SER A 475 42.28 -25.82 13.99
N LEU A 476 41.37 -25.02 13.41
CA LEU A 476 41.79 -24.03 12.41
C LEU A 476 42.66 -22.93 12.98
N PRO A 477 42.31 -22.28 14.11
CA PRO A 477 43.21 -21.23 14.63
C PRO A 477 44.59 -21.75 15.00
N LYS A 478 44.71 -23.03 15.34
CA LYS A 478 46.01 -23.59 15.68
C LYS A 478 46.83 -23.91 14.44
N GLU A 479 46.17 -24.26 13.33
CA GLU A 479 46.89 -24.43 12.07
C GLU A 479 47.45 -23.10 11.57
N VAL A 480 46.67 -22.03 11.73
CA VAL A 480 47.09 -20.71 11.23
C VAL A 480 48.29 -20.21 12.03
N ALA A 481 48.32 -20.47 13.34
CA ALA A 481 49.44 -20.00 14.15
C ALA A 481 50.70 -20.81 13.91
N SER A 482 50.56 -22.10 13.60
CA SER A 482 51.73 -22.93 13.33
C SER A 482 52.29 -22.72 11.94
N ALA A 483 51.54 -22.10 11.03
CA ALA A 483 52.04 -21.79 9.70
C ALA A 483 53.22 -20.82 9.81
N LYS A 484 54.39 -21.27 9.36
CA LYS A 484 55.61 -20.50 9.54
C LYS A 484 55.88 -19.68 8.29
N PRO A 485 55.74 -18.35 8.33
CA PRO A 485 56.04 -17.54 7.15
C PRO A 485 57.53 -17.54 6.85
N LYS A 486 57.86 -17.52 5.56
CA LYS A 486 59.27 -17.47 5.17
C LYS A 486 59.93 -16.19 5.65
N VAL A 487 59.20 -15.07 5.61
CA VAL A 487 59.71 -13.82 6.14
C VAL A 487 59.75 -13.87 7.66
N LEU A 488 60.86 -13.42 8.23
CA LEU A 488 60.98 -13.36 9.69
C LEU A 488 60.03 -12.30 10.25
N LEU A 489 59.63 -12.49 11.50
CA LEU A 489 58.67 -11.60 12.14
C LEU A 489 59.14 -11.25 13.54
N ASP A 490 58.98 -9.97 13.91
CA ASP A 490 59.28 -9.51 15.26
C ASP A 490 58.05 -9.49 16.16
N VAL A 491 57.04 -10.30 15.83
CA VAL A 491 55.93 -10.54 16.74
C VAL A 491 55.40 -11.95 16.48
N LYS A 492 55.47 -12.80 17.50
CA LYS A 492 55.01 -14.19 17.39
C LYS A 492 53.58 -14.26 17.90
N LEU A 493 52.67 -14.70 17.04
CA LEU A 493 51.26 -14.85 17.40
C LEU A 493 50.95 -16.30 17.71
N LYS A 494 50.02 -16.50 18.64
CA LYS A 494 49.58 -17.83 19.03
C LYS A 494 48.18 -18.10 18.49
N ALA A 495 47.71 -19.33 18.69
CA ALA A 495 46.44 -19.75 18.14
C ALA A 495 45.27 -18.99 18.75
N GLU A 496 45.40 -18.56 20.01
CA GLU A 496 44.30 -17.85 20.66
C GLU A 496 44.06 -16.49 20.02
N ASP A 497 45.08 -15.90 19.40
CA ASP A 497 44.94 -14.59 18.77
C ASP A 497 44.17 -14.65 17.46
N PHE A 498 43.96 -15.84 16.90
CA PHE A 498 43.35 -16.00 15.59
C PHE A 498 41.89 -16.42 15.74
N ILE A 499 41.04 -15.89 14.86
CA ILE A 499 39.66 -16.34 14.69
C ILE A 499 39.48 -16.73 13.23
N VAL A 500 39.03 -17.96 12.99
CA VAL A 500 38.82 -18.47 11.64
C VAL A 500 37.32 -18.66 11.47
N ASP A 501 36.72 -17.85 10.61
CA ASP A 501 35.28 -17.87 10.38
C ASP A 501 35.00 -18.60 9.07
N VAL A 502 34.27 -19.71 9.15
CA VAL A 502 33.86 -20.47 7.97
C VAL A 502 32.41 -20.09 7.68
N ILE A 503 32.19 -19.34 6.61
CA ILE A 503 30.87 -18.89 6.22
C ILE A 503 30.38 -19.77 5.09
N ASN A 504 29.31 -20.52 5.34
CA ASN A 504 28.74 -21.44 4.36
C ASN A 504 27.47 -20.86 3.76
N MET A 505 27.15 -21.35 2.56
CA MET A 505 25.83 -21.16 1.95
C MET A 505 25.18 -22.54 1.87
N ASP A 506 24.06 -22.70 2.57
CA ASP A 506 23.40 -24.00 2.72
C ASP A 506 24.37 -24.99 3.37
N PRO A 514 19.89 -26.40 -7.54
CA PRO A 514 18.49 -25.99 -7.37
C PRO A 514 17.98 -25.14 -8.52
N ILE A 515 18.91 -24.71 -9.39
CA ILE A 515 18.55 -23.83 -10.49
C ILE A 515 17.56 -24.52 -11.44
N ASP A 516 17.93 -25.71 -11.92
CA ASP A 516 17.06 -26.50 -12.79
C ASP A 516 16.32 -27.59 -12.02
N HIS A 517 15.97 -27.33 -10.76
CA HIS A 517 15.25 -28.29 -9.94
C HIS A 517 13.87 -27.79 -9.55
N VAL A 518 13.37 -26.77 -10.24
CA VAL A 518 12.00 -26.30 -10.12
C VAL A 518 11.23 -26.77 -11.34
N SER A 519 10.04 -27.33 -11.12
CA SER A 519 9.19 -27.81 -12.20
C SER A 519 8.13 -26.76 -12.52
N PHE A 520 7.81 -26.63 -13.81
CA PHE A 520 6.85 -25.65 -14.27
C PHE A 520 5.69 -26.33 -15.00
N TYR A 521 4.52 -25.72 -14.90
CA TYR A 521 3.32 -26.23 -15.56
C TYR A 521 2.75 -25.15 -16.47
N CYS A 522 2.29 -25.57 -17.65
CA CYS A 522 1.71 -24.65 -18.61
C CYS A 522 0.19 -24.61 -18.47
N LYS A 523 -0.43 -23.73 -19.25
CA LYS A 523 -1.89 -23.63 -19.24
C LYS A 523 -2.51 -24.82 -19.95
N THR A 524 -1.96 -25.21 -21.11
CA THR A 524 -2.53 -26.32 -21.87
C THR A 524 -2.43 -27.62 -21.09
N ALA A 525 -1.26 -27.89 -20.52
CA ALA A 525 -1.01 -29.08 -19.71
C ALA A 525 -0.69 -28.61 -18.29
N PRO A 526 -1.71 -28.33 -17.47
CA PRO A 526 -1.45 -27.95 -16.08
C PRO A 526 -1.01 -29.12 -15.22
N ASN A 527 -1.35 -30.36 -15.60
CA ASN A 527 -0.97 -31.55 -14.85
C ASN A 527 0.22 -32.26 -15.46
N ARG A 528 1.20 -31.49 -15.95
CA ARG A 528 2.39 -32.06 -16.58
C ARG A 528 3.48 -31.00 -16.62
N ALA A 529 4.70 -31.41 -16.32
CA ALA A 529 5.83 -30.49 -16.34
C ALA A 529 6.30 -30.23 -17.77
N ILE A 530 6.84 -29.03 -17.97
CA ILE A 530 7.34 -28.64 -19.29
C ILE A 530 8.78 -29.12 -19.47
N LEU A 541 21.22 -16.73 -18.76
CA LEU A 541 21.92 -15.68 -18.03
C LEU A 541 21.42 -15.54 -16.59
N PRO A 542 21.60 -16.60 -15.78
CA PRO A 542 21.03 -16.59 -14.42
C PRO A 542 21.92 -15.89 -13.40
N GLU A 543 21.71 -16.21 -12.13
CA GLU A 543 22.41 -15.59 -11.03
C GLU A 543 23.82 -16.16 -10.89
N LYS A 544 24.67 -15.41 -10.18
CA LYS A 544 26.01 -15.88 -9.88
C LYS A 544 25.96 -16.89 -8.73
N PHE A 545 26.83 -17.89 -8.79
CA PHE A 545 26.81 -19.02 -7.87
C PHE A 545 28.14 -19.08 -7.12
N ALA A 546 28.07 -19.12 -5.79
CA ALA A 546 29.24 -19.14 -4.93
C ALA A 546 29.23 -20.39 -4.06
N GLU A 547 30.23 -20.48 -3.18
CA GLU A 547 30.33 -21.64 -2.29
C GLU A 547 31.01 -21.19 -1.00
N GLN A 548 31.64 -22.14 -0.31
CA GLN A 548 32.27 -21.86 0.97
C GLN A 548 33.39 -20.82 0.84
N LEU A 549 33.46 -19.92 1.80
CA LEU A 549 34.46 -18.87 1.85
C LEU A 549 34.93 -18.70 3.29
N ILE A 550 36.24 -18.61 3.47
CA ILE A 550 36.88 -18.64 4.79
C ILE A 550 37.48 -17.28 5.08
N ARG A 551 37.19 -16.74 6.27
CA ARG A 551 37.75 -15.48 6.72
C ARG A 551 38.51 -15.69 8.02
N VAL A 552 39.54 -14.88 8.23
CA VAL A 552 40.39 -14.94 9.41
C VAL A 552 40.44 -13.56 10.04
N TYR A 553 40.28 -13.50 11.35
CA TYR A 553 40.39 -12.26 12.10
C TYR A 553 41.47 -12.40 13.17
N CYS A 554 41.91 -11.25 13.69
CA CYS A 554 42.96 -11.20 14.70
C CYS A 554 42.47 -10.41 15.90
N LYS A 555 42.63 -10.97 17.10
CA LYS A 555 42.22 -10.29 18.32
C LYS A 555 43.21 -9.22 18.74
N LYS A 556 44.43 -9.23 18.20
CA LYS A 556 45.42 -8.20 18.50
C LYS A 556 45.21 -7.00 17.58
N VAL A 557 45.47 -5.81 18.12
CA VAL A 557 45.00 -4.56 17.53
C VAL A 557 46.13 -3.65 17.09
N ASP A 558 47.39 -4.03 17.35
CA ASP A 558 48.54 -3.18 17.07
C ASP A 558 49.12 -3.50 15.71
N ARG A 559 49.46 -2.45 14.94
CA ARG A 559 49.90 -2.56 13.55
C ARG A 559 50.84 -3.72 13.32
N LYS A 560 51.84 -3.88 14.20
CA LYS A 560 52.80 -4.97 14.03
C LYS A 560 52.13 -6.33 14.13
N SER A 561 51.08 -6.45 14.94
CA SER A 561 50.39 -7.73 15.06
C SER A 561 49.57 -8.04 13.81
N LEU A 562 48.91 -7.03 13.23
CA LEU A 562 48.10 -7.28 12.04
C LEU A 562 48.96 -7.72 10.85
N TYR A 563 50.20 -7.22 10.76
CA TYR A 563 51.07 -7.64 9.66
C TYR A 563 51.40 -9.12 9.78
N ALA A 564 51.84 -9.56 10.96
CA ALA A 564 52.17 -10.97 11.15
C ALA A 564 50.95 -11.86 10.90
N ALA A 565 49.79 -11.46 11.42
CA ALA A 565 48.57 -12.23 11.19
C ALA A 565 48.31 -12.42 9.71
N ARG A 566 48.59 -11.40 8.90
CA ARG A 566 48.50 -11.56 7.45
C ARG A 566 49.56 -12.51 6.92
N GLN A 567 50.77 -12.45 7.47
CA GLN A 567 51.81 -13.41 7.10
C GLN A 567 51.36 -14.83 7.42
N TYR A 568 50.89 -15.05 8.65
CA TYR A 568 50.39 -16.37 9.03
C TYR A 568 49.26 -16.82 8.12
N PHE A 569 48.37 -15.89 7.75
CA PHE A 569 47.19 -16.24 6.97
C PHE A 569 47.57 -16.58 5.53
N VAL A 570 48.29 -15.68 4.86
CA VAL A 570 48.71 -15.96 3.48
C VAL A 570 49.57 -17.20 3.42
N GLN A 571 50.44 -17.40 4.41
CA GLN A 571 51.15 -18.66 4.53
C GLN A 571 50.18 -19.82 4.66
N TRP A 572 49.23 -19.71 5.60
CA TRP A 572 48.25 -20.77 5.84
C TRP A 572 47.55 -21.19 4.55
N CYS A 573 47.02 -20.21 3.81
CA CYS A 573 46.30 -20.53 2.57
C CYS A 573 47.19 -21.28 1.59
N ALA A 574 48.50 -21.02 1.61
CA ALA A 574 49.43 -21.67 0.69
C ALA A 574 49.48 -23.17 0.93
N ASP A 575 49.98 -23.60 2.09
CA ASP A 575 50.10 -25.03 2.34
C ASP A 575 48.74 -25.69 2.59
N ARG A 576 47.68 -24.91 2.77
CA ARG A 576 46.33 -25.46 2.87
C ARG A 576 45.66 -25.56 1.51
N ASN A 577 46.36 -25.19 0.43
CA ASN A 577 45.88 -25.35 -0.95
C ASN A 577 44.64 -24.51 -1.22
N PHE A 578 44.49 -23.39 -0.51
CA PHE A 578 43.37 -22.49 -0.71
C PHE A 578 43.79 -21.36 -1.64
N THR A 579 42.80 -20.56 -2.05
CA THR A 579 43.06 -19.46 -2.97
C THR A 579 43.96 -18.42 -2.31
N LYS A 580 44.80 -17.79 -3.13
CA LYS A 580 45.69 -16.75 -2.63
C LYS A 580 44.85 -15.56 -2.17
N PRO A 581 45.04 -15.07 -0.95
CA PRO A 581 44.28 -13.91 -0.48
C PRO A 581 44.55 -12.69 -1.34
N GLN A 582 43.48 -12.04 -1.78
CA GLN A 582 43.57 -10.85 -2.62
C GLN A 582 43.95 -9.65 -1.77
N ASP A 583 45.09 -9.03 -2.09
CA ASP A 583 45.57 -7.88 -1.34
C ASP A 583 44.63 -6.68 -1.49
N MET B 115 -25.39 -16.83 -14.10
CA MET B 115 -24.93 -15.56 -13.58
C MET B 115 -24.00 -14.85 -14.57
N LYS B 116 -24.17 -13.54 -14.72
CA LYS B 116 -23.27 -12.72 -15.51
C LYS B 116 -22.15 -12.22 -14.60
N VAL B 117 -20.91 -12.50 -14.98
CA VAL B 117 -19.75 -12.19 -14.16
C VAL B 117 -19.07 -10.93 -14.68
N ILE B 118 -18.73 -10.04 -13.76
CA ILE B 118 -18.06 -8.77 -14.07
C ILE B 118 -16.75 -8.73 -13.29
N ASN B 119 -15.72 -8.16 -13.90
CA ASN B 119 -14.45 -7.92 -13.21
C ASN B 119 -14.35 -6.44 -12.92
N ASP B 120 -14.75 -6.03 -11.72
CA ASP B 120 -14.65 -4.65 -11.26
C ASP B 120 -13.30 -4.43 -10.59
N PRO B 121 -12.64 -3.29 -10.86
CA PRO B 121 -11.33 -3.05 -10.26
C PRO B 121 -11.36 -2.91 -8.75
N ILE B 122 -12.50 -2.56 -8.17
CA ILE B 122 -12.61 -2.40 -6.72
C ILE B 122 -12.95 -3.71 -6.04
N HIS B 123 -14.01 -4.38 -6.51
CA HIS B 123 -14.57 -5.53 -5.82
C HIS B 123 -14.12 -6.87 -6.39
N GLY B 124 -13.52 -6.89 -7.57
CA GLY B 124 -13.08 -8.13 -8.18
C GLY B 124 -14.15 -8.75 -9.06
N HIS B 125 -14.29 -10.07 -9.00
CA HIS B 125 -15.30 -10.78 -9.78
C HIS B 125 -16.64 -10.73 -9.05
N ILE B 126 -17.61 -10.06 -9.65
CA ILE B 126 -18.94 -9.91 -9.06
C ILE B 126 -19.95 -10.64 -9.95
N GLU B 127 -20.94 -11.27 -9.30
CA GLU B 127 -21.96 -12.05 -9.99
C GLU B 127 -23.24 -11.24 -10.09
N LEU B 128 -23.78 -11.14 -11.31
CA LEU B 128 -24.99 -10.37 -11.57
C LEU B 128 -26.14 -11.33 -11.83
N HIS B 129 -27.20 -11.19 -11.04
CA HIS B 129 -28.40 -11.99 -11.27
C HIS B 129 -29.06 -11.57 -12.58
N PRO B 130 -29.65 -12.52 -13.32
CA PRO B 130 -30.29 -12.16 -14.60
C PRO B 130 -31.33 -11.07 -14.50
N LEU B 131 -32.04 -10.97 -13.37
CA LEU B 131 -32.97 -9.86 -13.18
C LEU B 131 -32.24 -8.53 -13.09
N LEU B 132 -31.13 -8.50 -12.35
CA LEU B 132 -30.32 -7.29 -12.31
C LEU B 132 -29.80 -6.92 -13.69
N VAL B 133 -29.42 -7.92 -14.48
CA VAL B 133 -28.90 -7.66 -15.82
C VAL B 133 -29.95 -7.01 -16.70
N ARG B 134 -31.19 -7.48 -16.61
CA ARG B 134 -32.26 -6.93 -17.43
C ARG B 134 -32.49 -5.45 -17.11
N ILE B 135 -32.38 -5.08 -15.84
CA ILE B 135 -32.51 -3.68 -15.47
C ILE B 135 -31.36 -2.87 -16.04
N ILE B 136 -30.15 -3.43 -16.01
CA ILE B 136 -28.97 -2.72 -16.50
C ILE B 136 -29.02 -2.54 -18.01
N ASP B 137 -29.48 -3.56 -18.73
CA ASP B 137 -29.47 -3.54 -20.19
C ASP B 137 -30.66 -2.73 -20.74
N THR B 138 -30.74 -1.48 -20.30
CA THR B 138 -31.76 -0.54 -20.72
C THR B 138 -31.12 0.81 -20.96
N PRO B 139 -31.69 1.64 -21.84
CA PRO B 139 -31.12 2.98 -22.06
C PRO B 139 -31.21 3.88 -20.85
N GLN B 140 -32.09 3.58 -19.89
CA GLN B 140 -32.19 4.39 -18.69
C GLN B 140 -31.05 4.12 -17.71
N PHE B 141 -30.53 2.88 -17.70
CA PHE B 141 -29.39 2.55 -16.85
C PHE B 141 -28.07 2.77 -17.56
N GLN B 142 -27.99 2.44 -18.85
CA GLN B 142 -26.78 2.70 -19.62
C GLN B 142 -26.49 4.19 -19.76
N ARG B 143 -27.49 5.04 -19.50
CA ARG B 143 -27.26 6.47 -19.46
C ARG B 143 -26.22 6.85 -18.42
N LEU B 144 -26.11 6.07 -17.35
CA LEU B 144 -25.13 6.35 -16.30
C LEU B 144 -23.69 6.22 -16.80
N ARG B 145 -23.47 5.52 -17.91
CA ARG B 145 -22.14 5.43 -18.49
C ARG B 145 -21.63 6.79 -18.98
N TYR B 146 -22.53 7.76 -19.16
CA TYR B 146 -22.20 9.05 -19.75
C TYR B 146 -22.33 10.19 -18.75
N ILE B 147 -22.15 9.91 -17.46
CA ILE B 147 -22.25 10.91 -16.41
C ILE B 147 -21.09 10.69 -15.44
N LYS B 148 -20.17 11.66 -15.38
CA LYS B 148 -18.99 11.52 -14.55
C LYS B 148 -19.36 11.47 -13.08
N GLN B 149 -18.63 10.63 -12.32
CA GLN B 149 -18.90 10.49 -10.89
C GLN B 149 -18.61 11.79 -10.15
N LEU B 150 -17.43 12.37 -10.37
CA LEU B 150 -17.00 13.56 -9.66
C LEU B 150 -17.16 14.83 -10.50
N GLY B 151 -17.92 14.76 -11.60
CA GLY B 151 -18.20 15.91 -12.43
C GLY B 151 -16.96 16.66 -12.89
N GLY B 152 -16.80 17.89 -12.40
CA GLY B 152 -15.65 18.71 -12.74
C GLY B 152 -14.35 18.29 -12.09
N GLY B 153 -14.37 17.28 -11.22
CA GLY B 153 -13.14 16.81 -10.59
C GLY B 153 -12.18 16.11 -11.55
N TYR B 154 -12.70 15.63 -12.68
CA TYR B 154 -11.85 14.97 -13.66
C TYR B 154 -10.81 15.93 -14.23
N TYR B 155 -11.11 17.23 -14.26
CA TYR B 155 -10.19 18.21 -14.81
C TYR B 155 -9.10 18.61 -13.84
N VAL B 156 -9.20 18.23 -12.57
CA VAL B 156 -8.13 18.41 -11.60
C VAL B 156 -7.37 17.10 -11.37
N PHE B 157 -8.10 15.99 -11.28
CA PHE B 157 -7.50 14.67 -11.10
C PHE B 157 -7.66 13.89 -12.40
N PRO B 158 -6.60 13.64 -13.16
CA PRO B 158 -6.76 12.94 -14.45
C PRO B 158 -7.19 11.50 -14.31
N GLY B 159 -6.99 10.87 -13.16
CA GLY B 159 -7.45 9.51 -12.97
C GLY B 159 -8.92 9.37 -12.68
N ALA B 160 -9.60 10.47 -12.35
CA ALA B 160 -11.01 10.44 -11.97
C ALA B 160 -11.91 10.47 -13.21
N SER B 161 -11.75 9.46 -14.05
CA SER B 161 -12.54 9.32 -15.26
C SER B 161 -13.76 8.42 -15.07
N HIS B 162 -13.93 7.86 -13.89
CA HIS B 162 -15.03 6.92 -13.65
C HIS B 162 -16.37 7.63 -13.67
N ASN B 163 -17.40 6.90 -14.08
CA ASN B 163 -18.75 7.42 -14.24
C ASN B 163 -19.67 6.78 -13.20
N ARG B 164 -20.95 7.17 -13.24
CA ARG B 164 -21.93 6.67 -12.29
C ARG B 164 -22.29 5.22 -12.54
N PHE B 165 -22.07 4.72 -13.76
CA PHE B 165 -22.43 3.34 -14.09
C PHE B 165 -21.62 2.35 -13.26
N GLU B 166 -20.30 2.52 -13.22
CA GLU B 166 -19.46 1.64 -12.40
C GLU B 166 -19.89 1.67 -10.94
N HIS B 167 -20.14 2.87 -10.41
CA HIS B 167 -20.49 3.00 -9.01
C HIS B 167 -21.81 2.32 -8.70
N SER B 168 -22.78 2.42 -9.61
CA SER B 168 -24.08 1.79 -9.37
C SER B 168 -23.97 0.27 -9.33
N LEU B 169 -23.10 -0.31 -10.17
CA LEU B 169 -22.90 -1.75 -10.13
C LEU B 169 -22.31 -2.19 -8.80
N GLY B 170 -21.29 -1.47 -8.32
CA GLY B 170 -20.66 -1.83 -7.07
C GLY B 170 -21.58 -1.69 -5.87
N VAL B 171 -22.42 -0.64 -5.87
CA VAL B 171 -23.38 -0.49 -4.77
C VAL B 171 -24.36 -1.65 -4.77
N GLY B 172 -24.83 -2.06 -5.95
CA GLY B 172 -25.71 -3.21 -6.04
C GLY B 172 -25.07 -4.49 -5.55
N TYR B 173 -23.76 -4.63 -5.74
CA TYR B 173 -23.05 -5.82 -5.27
C TYR B 173 -22.77 -5.74 -3.77
N LEU B 174 -22.38 -4.58 -3.28
CA LEU B 174 -22.15 -4.42 -1.84
C LEU B 174 -23.46 -4.54 -1.06
N ALA B 175 -24.55 -4.01 -1.62
CA ALA B 175 -25.85 -4.15 -0.97
C ALA B 175 -26.24 -5.62 -0.85
N GLY B 176 -26.01 -6.40 -1.90
CA GLY B 176 -26.29 -7.83 -1.82
C GLY B 176 -25.34 -8.57 -0.91
N CYS B 177 -24.08 -8.11 -0.83
CA CYS B 177 -23.11 -8.77 0.04
C CYS B 177 -23.48 -8.62 1.51
N LEU B 178 -23.95 -7.43 1.89
CA LEU B 178 -24.26 -7.19 3.30
C LEU B 178 -25.52 -7.95 3.73
N VAL B 179 -26.56 -7.90 2.91
CA VAL B 179 -27.81 -8.57 3.27
C VAL B 179 -27.63 -10.08 3.26
N HIS B 180 -26.82 -10.60 2.33
CA HIS B 180 -26.57 -12.03 2.28
C HIS B 180 -25.72 -12.49 3.45
N ALA B 181 -24.80 -11.65 3.92
CA ALA B 181 -23.99 -12.01 5.08
C ALA B 181 -24.83 -12.05 6.35
N LEU B 182 -25.74 -11.08 6.50
CA LEU B 182 -26.62 -11.08 7.68
C LEU B 182 -27.57 -12.26 7.67
N GLY B 183 -28.01 -12.69 6.48
CA GLY B 183 -28.91 -13.83 6.40
C GLY B 183 -28.24 -15.15 6.72
N GLU B 184 -26.97 -15.31 6.34
CA GLU B 184 -26.27 -16.56 6.61
C GLU B 184 -25.96 -16.73 8.09
N LYS B 185 -25.51 -15.66 8.75
CA LYS B 185 -25.19 -15.75 10.17
C LYS B 185 -26.45 -15.97 11.00
N GLN B 186 -27.52 -15.26 10.68
CA GLN B 186 -28.77 -15.28 11.45
C GLN B 186 -29.91 -15.71 10.55
N PRO B 187 -30.15 -17.02 10.42
CA PRO B 187 -31.30 -17.48 9.62
C PRO B 187 -32.64 -17.08 10.21
N GLU B 188 -32.68 -16.61 11.45
CA GLU B 188 -33.94 -16.23 12.08
C GLU B 188 -34.43 -14.85 11.63
N LEU B 189 -33.63 -14.10 10.87
CA LEU B 189 -34.12 -12.85 10.31
C LEU B 189 -35.07 -13.09 9.14
N GLN B 190 -35.08 -14.30 8.58
CA GLN B 190 -35.98 -14.68 7.48
C GLN B 190 -35.73 -13.82 6.25
N ILE B 191 -34.47 -13.54 5.95
CA ILE B 191 -34.11 -12.84 4.73
C ILE B 191 -34.33 -13.80 3.55
N SER B 192 -35.30 -13.48 2.70
CA SER B 192 -35.64 -14.33 1.57
C SER B 192 -34.77 -13.98 0.37
N GLU B 193 -34.93 -14.74 -0.71
CA GLU B 193 -34.17 -14.45 -1.93
C GLU B 193 -34.68 -13.20 -2.62
N ARG B 194 -35.98 -12.92 -2.53
CA ARG B 194 -36.50 -11.66 -3.05
C ARG B 194 -36.17 -10.48 -2.16
N ASP B 195 -35.79 -10.74 -0.90
CA ASP B 195 -35.26 -9.66 -0.07
C ASP B 195 -33.86 -9.27 -0.50
N VAL B 196 -33.03 -10.26 -0.85
CA VAL B 196 -31.68 -9.97 -1.31
C VAL B 196 -31.72 -9.29 -2.67
N LEU B 197 -32.62 -9.73 -3.55
CA LEU B 197 -32.73 -9.11 -4.87
C LEU B 197 -33.22 -7.68 -4.77
N CYS B 198 -34.22 -7.42 -3.91
CA CYS B 198 -34.76 -6.07 -3.78
C CYS B 198 -33.71 -5.11 -3.25
N VAL B 199 -32.87 -5.56 -2.32
CA VAL B 199 -31.78 -4.72 -1.84
C VAL B 199 -30.75 -4.50 -2.94
N GLN B 200 -30.50 -5.53 -3.75
CA GLN B 200 -29.57 -5.39 -4.87
C GLN B 200 -30.08 -4.37 -5.89
N ILE B 201 -31.36 -4.50 -6.28
CA ILE B 201 -31.93 -3.59 -7.27
C ILE B 201 -31.89 -2.15 -6.76
N ALA B 202 -32.14 -1.96 -5.46
CA ALA B 202 -32.16 -0.61 -4.90
C ALA B 202 -30.77 0.01 -4.93
N GLY B 203 -29.76 -0.72 -4.47
CA GLY B 203 -28.40 -0.22 -4.58
C GLY B 203 -27.95 -0.07 -6.02
N LEU B 204 -28.50 -0.88 -6.92
CA LEU B 204 -28.15 -0.78 -8.33
C LEU B 204 -28.70 0.48 -8.96
N CYS B 205 -29.92 0.87 -8.57
CA CYS B 205 -30.64 1.96 -9.23
C CYS B 205 -30.72 3.22 -8.39
N HIS B 206 -29.98 3.30 -7.29
CA HIS B 206 -30.13 4.42 -6.37
C HIS B 206 -29.66 5.75 -6.95
N ASP B 207 -28.76 5.72 -7.94
CA ASP B 207 -28.26 6.94 -8.55
C ASP B 207 -28.79 7.16 -9.96
N LEU B 208 -29.96 6.59 -10.28
CA LEU B 208 -30.50 6.70 -11.63
C LEU B 208 -30.87 8.14 -11.99
N GLY B 209 -31.12 8.99 -11.00
CA GLY B 209 -31.59 10.33 -11.25
C GLY B 209 -30.52 11.41 -11.33
N HIS B 210 -29.25 11.03 -11.34
CA HIS B 210 -28.19 12.03 -11.45
C HIS B 210 -28.20 12.68 -12.83
N GLY B 211 -27.92 13.98 -12.86
CA GLY B 211 -27.86 14.71 -14.09
C GLY B 211 -26.44 14.85 -14.60
N PRO B 212 -26.25 15.66 -15.64
CA PRO B 212 -24.89 15.93 -16.13
C PRO B 212 -23.95 16.38 -15.03
N PHE B 213 -22.82 15.68 -14.92
CA PHE B 213 -21.75 16.00 -13.97
C PHE B 213 -22.19 15.86 -12.51
N SER B 214 -23.15 14.96 -12.28
CA SER B 214 -23.52 14.47 -10.95
C SER B 214 -23.96 15.64 -10.07
N HIS B 215 -23.31 15.91 -8.94
CA HIS B 215 -23.82 16.86 -7.96
C HIS B 215 -23.81 18.30 -8.45
N MET B 216 -23.15 18.58 -9.58
CA MET B 216 -23.21 19.93 -10.13
C MET B 216 -24.61 20.25 -10.66
N PHE B 217 -25.33 19.23 -11.14
CA PHE B 217 -26.64 19.43 -11.74
C PHE B 217 -27.70 19.80 -10.71
N ASP B 218 -28.08 18.85 -9.86
CA ASP B 218 -29.10 19.14 -8.85
C ASP B 218 -28.57 20.00 -7.73
N GLY B 219 -27.24 20.03 -7.53
CA GLY B 219 -26.68 20.80 -6.44
C GLY B 219 -26.56 22.28 -6.73
N ARG B 220 -26.37 22.67 -7.99
CA ARG B 220 -26.17 24.07 -8.30
C ARG B 220 -26.90 24.53 -9.55
N PHE B 221 -26.86 23.75 -10.64
CA PHE B 221 -27.43 24.24 -11.90
C PHE B 221 -28.94 24.40 -11.81
N ILE B 222 -29.65 23.32 -11.45
CA ILE B 222 -31.10 23.41 -11.33
C ILE B 222 -31.52 24.50 -10.37
N PRO B 223 -30.92 24.68 -9.19
CA PRO B 223 -31.28 25.84 -8.35
C PRO B 223 -31.10 27.19 -9.04
N LEU B 224 -30.06 27.33 -9.87
CA LEU B 224 -29.80 28.61 -10.52
C LEU B 224 -30.66 28.83 -11.76
N ALA B 225 -31.10 27.76 -12.42
CA ALA B 225 -31.91 27.89 -13.62
C ALA B 225 -33.39 28.08 -13.30
N ARG B 226 -33.93 27.24 -12.40
CA ARG B 226 -35.30 27.37 -11.91
C ARG B 226 -35.26 27.33 -10.39
N PRO B 227 -35.12 28.49 -9.74
CA PRO B 227 -35.02 28.49 -8.27
C PRO B 227 -36.30 28.08 -7.57
N GLU B 228 -37.43 28.05 -8.29
CA GLU B 228 -38.71 27.72 -7.67
C GLU B 228 -38.94 26.22 -7.53
N VAL B 229 -38.19 25.40 -8.26
CA VAL B 229 -38.45 23.97 -8.34
C VAL B 229 -37.65 23.24 -7.29
N LYS B 230 -38.30 22.32 -6.57
CA LYS B 230 -37.64 21.43 -5.63
C LYS B 230 -37.25 20.16 -6.36
N TRP B 231 -35.95 19.91 -6.49
CA TRP B 231 -35.47 18.75 -7.23
C TRP B 231 -34.21 18.21 -6.58
N THR B 232 -34.20 16.91 -6.31
CA THR B 232 -33.01 16.19 -5.87
C THR B 232 -32.82 14.97 -6.76
N HIS B 233 -31.57 14.54 -6.90
CA HIS B 233 -31.29 13.39 -7.76
C HIS B 233 -31.91 12.12 -7.20
N GLU B 234 -32.12 12.05 -5.89
CA GLU B 234 -32.77 10.88 -5.30
C GLU B 234 -34.22 10.78 -5.73
N GLN B 235 -34.92 11.92 -5.81
CA GLN B 235 -36.27 11.91 -6.38
C GLN B 235 -36.23 11.46 -7.83
N GLY B 236 -35.28 11.99 -8.61
CA GLY B 236 -35.14 11.56 -9.99
C GLY B 236 -34.80 10.09 -10.12
N SER B 237 -34.04 9.55 -9.17
CA SER B 237 -33.75 8.11 -9.17
C SER B 237 -35.03 7.30 -9.11
N VAL B 238 -35.97 7.72 -8.26
CA VAL B 238 -37.27 7.06 -8.18
C VAL B 238 -38.02 7.23 -9.50
N MET B 239 -38.06 8.46 -10.02
CA MET B 239 -38.78 8.72 -11.27
C MET B 239 -38.12 7.99 -12.44
N MET B 240 -36.79 7.91 -12.45
CA MET B 240 -36.11 7.19 -13.53
C MET B 240 -36.25 5.68 -13.37
N PHE B 241 -36.33 5.19 -12.13
CA PHE B 241 -36.56 3.76 -11.91
C PHE B 241 -37.93 3.35 -12.41
N GLU B 242 -38.97 4.08 -11.97
CA GLU B 242 -40.33 3.81 -12.47
C GLU B 242 -40.39 3.89 -13.98
N HIS B 243 -39.71 4.87 -14.57
CA HIS B 243 -39.67 5.00 -16.02
C HIS B 243 -38.93 3.82 -16.65
N LEU B 244 -37.87 3.34 -16.00
CA LEU B 244 -37.15 2.18 -16.51
C LEU B 244 -38.03 0.93 -16.48
N ILE B 245 -38.79 0.74 -15.41
CA ILE B 245 -39.60 -0.46 -15.25
C ILE B 245 -40.67 -0.51 -16.34
N ASN B 246 -41.35 0.61 -16.58
CA ASN B 246 -42.51 0.61 -17.46
C ASN B 246 -42.09 0.55 -18.93
N SER B 247 -41.03 1.27 -19.31
CA SER B 247 -40.60 1.31 -20.70
C SER B 247 -39.88 0.05 -21.14
N ASN B 248 -39.56 -0.85 -20.22
CA ASN B 248 -38.79 -2.05 -20.54
C ASN B 248 -39.48 -3.35 -20.10
N GLY B 249 -40.71 -3.27 -19.62
CA GLY B 249 -41.45 -4.46 -19.21
C GLY B 249 -40.74 -5.29 -18.18
N ILE B 250 -40.28 -4.65 -17.10
CA ILE B 250 -39.50 -5.36 -16.09
C ILE B 250 -40.39 -6.12 -15.11
N LYS B 251 -41.60 -5.60 -14.85
CA LYS B 251 -42.51 -6.22 -13.90
C LYS B 251 -42.75 -7.71 -14.16
N PRO B 252 -43.00 -8.17 -15.39
CA PRO B 252 -43.11 -9.63 -15.59
C PRO B 252 -41.83 -10.38 -15.27
N VAL B 253 -40.66 -9.81 -15.61
CA VAL B 253 -39.40 -10.46 -15.30
C VAL B 253 -39.19 -10.53 -13.80
N MET B 254 -39.72 -9.56 -13.05
CA MET B 254 -39.64 -9.62 -11.60
C MET B 254 -40.44 -10.80 -11.04
N GLU B 255 -41.68 -10.96 -11.52
CA GLU B 255 -42.49 -12.10 -11.10
C GLU B 255 -41.79 -13.42 -11.39
N GLN B 256 -41.09 -13.49 -12.54
CA GLN B 256 -40.42 -14.72 -12.94
C GLN B 256 -39.38 -15.17 -11.92
N TYR B 257 -38.86 -14.26 -11.11
CA TYR B 257 -37.81 -14.58 -10.15
C TYR B 257 -38.29 -14.43 -8.70
N GLY B 258 -39.55 -14.75 -8.46
CA GLY B 258 -40.11 -14.72 -7.13
C GLY B 258 -40.44 -13.35 -6.58
N LEU B 259 -40.18 -12.29 -7.33
CA LEU B 259 -40.48 -10.95 -6.86
C LEU B 259 -41.95 -10.62 -7.09
N ILE B 260 -42.56 -9.97 -6.10
CA ILE B 260 -43.94 -9.51 -6.21
C ILE B 260 -43.90 -8.02 -6.57
N PRO B 261 -44.18 -7.66 -7.82
CA PRO B 261 -43.93 -6.27 -8.25
C PRO B 261 -44.69 -5.22 -7.46
N GLU B 262 -45.85 -5.54 -6.91
CA GLU B 262 -46.61 -4.49 -6.23
C GLU B 262 -45.86 -3.99 -4.99
N GLU B 263 -45.51 -4.90 -4.08
CA GLU B 263 -44.81 -4.46 -2.88
C GLU B 263 -43.33 -4.20 -3.12
N ASP B 264 -42.72 -4.86 -4.10
CA ASP B 264 -41.28 -4.80 -4.24
C ASP B 264 -40.81 -3.51 -4.89
N ILE B 265 -41.56 -2.97 -5.87
CA ILE B 265 -41.22 -1.66 -6.42
C ILE B 265 -41.27 -0.60 -5.32
N CYS B 266 -42.33 -0.62 -4.51
CA CYS B 266 -42.45 0.35 -3.42
C CYS B 266 -41.30 0.21 -2.43
N PHE B 267 -40.91 -1.03 -2.12
CA PHE B 267 -39.78 -1.25 -1.21
C PHE B 267 -38.49 -0.69 -1.80
N ILE B 268 -38.29 -0.85 -3.11
CA ILE B 268 -37.09 -0.32 -3.75
C ILE B 268 -37.07 1.20 -3.65
N LYS B 269 -38.21 1.84 -3.95
CA LYS B 269 -38.29 3.29 -3.88
C LYS B 269 -38.04 3.79 -2.46
N GLU B 270 -38.54 3.07 -1.46
CA GLU B 270 -38.50 3.56 -0.09
C GLU B 270 -37.08 3.56 0.46
N GLN B 271 -36.28 2.54 0.14
CA GLN B 271 -34.90 2.52 0.59
C GLN B 271 -33.97 3.33 -0.31
N ILE B 272 -34.52 4.04 -1.29
CA ILE B 272 -33.75 4.96 -2.12
C ILE B 272 -33.98 6.40 -1.70
N VAL B 273 -35.24 6.81 -1.55
CA VAL B 273 -35.60 8.20 -1.28
C VAL B 273 -36.19 8.39 0.11
N GLY B 274 -36.56 7.33 0.80
CA GLY B 274 -37.16 7.45 2.11
C GLY B 274 -38.59 6.98 2.13
N PRO B 275 -39.32 7.26 3.23
CA PRO B 275 -40.70 6.81 3.37
C PRO B 275 -41.67 7.54 2.44
N LEU B 284 -45.68 3.62 14.76
CA LEU B 284 -45.49 4.72 13.82
C LEU B 284 -44.59 4.29 12.66
N TRP B 285 -44.50 2.99 12.43
CA TRP B 285 -43.71 2.41 11.34
C TRP B 285 -44.19 2.95 10.00
N PRO B 286 -43.43 3.85 9.39
CA PRO B 286 -43.93 4.60 8.22
C PRO B 286 -43.66 3.94 6.86
N TYR B 287 -42.93 2.82 6.82
CA TYR B 287 -42.59 2.19 5.56
C TYR B 287 -43.69 1.25 5.10
N LYS B 288 -43.87 1.16 3.78
CA LYS B 288 -44.90 0.32 3.18
C LYS B 288 -44.37 -0.96 2.57
N GLY B 289 -43.07 -1.01 2.26
CA GLY B 289 -42.50 -2.13 1.52
C GLY B 289 -42.11 -3.33 2.36
N ARG B 290 -41.78 -3.10 3.63
CA ARG B 290 -41.37 -4.17 4.52
C ARG B 290 -41.87 -3.87 5.93
N PRO B 291 -42.23 -4.89 6.70
CA PRO B 291 -42.68 -4.64 8.09
C PRO B 291 -41.54 -4.20 9.00
N GLU B 292 -41.86 -3.98 10.28
CA GLU B 292 -40.86 -3.44 11.20
C GLU B 292 -39.80 -4.47 11.55
N ASN B 293 -40.13 -5.76 11.51
CA ASN B 293 -39.14 -6.79 11.83
C ASN B 293 -38.09 -6.96 10.74
N LYS B 294 -38.17 -6.20 9.66
CA LYS B 294 -37.14 -6.17 8.62
C LYS B 294 -36.57 -4.77 8.46
N SER B 295 -36.55 -3.99 9.55
CA SER B 295 -36.11 -2.61 9.49
C SER B 295 -34.64 -2.50 9.09
N PHE B 296 -33.82 -3.49 9.45
CA PHE B 296 -32.40 -3.43 9.15
C PHE B 296 -32.11 -3.38 7.65
N LEU B 297 -33.06 -3.83 6.82
CA LEU B 297 -32.86 -3.74 5.38
C LEU B 297 -32.79 -2.30 4.89
N TYR B 298 -33.51 -1.39 5.56
CA TYR B 298 -33.58 0.00 5.12
C TYR B 298 -32.34 0.80 5.43
N GLU B 299 -31.38 0.25 6.18
CA GLU B 299 -30.13 0.93 6.48
C GLU B 299 -29.00 0.54 5.55
N ILE B 300 -29.25 -0.37 4.61
CA ILE B 300 -28.17 -0.93 3.79
C ILE B 300 -27.78 0.04 2.68
N VAL B 301 -28.74 0.42 1.84
CA VAL B 301 -28.42 1.20 0.65
C VAL B 301 -28.25 2.68 0.99
N SER B 302 -29.19 3.23 1.76
CA SER B 302 -29.16 4.65 2.13
C SER B 302 -29.55 4.77 3.59
N ASN B 303 -28.56 4.84 4.48
CA ASN B 303 -28.81 4.96 5.91
C ASN B 303 -29.20 6.40 6.23
N LYS B 304 -30.37 6.57 6.86
CA LYS B 304 -30.86 7.89 7.23
C LYS B 304 -30.48 8.32 8.63
N ARG B 305 -30.04 7.38 9.48
CA ARG B 305 -29.74 7.66 10.88
C ARG B 305 -28.33 8.23 11.05
N ASN B 306 -27.31 7.45 10.68
CA ASN B 306 -25.92 7.87 10.81
C ASN B 306 -25.24 8.17 9.48
N GLY B 307 -25.85 7.82 8.35
CA GLY B 307 -25.22 8.05 7.07
C GLY B 307 -24.22 6.99 6.65
N ILE B 308 -24.22 5.84 7.32
CA ILE B 308 -23.25 4.77 7.06
C ILE B 308 -24.01 3.68 6.31
N ASP B 309 -23.80 3.60 5.00
CA ASP B 309 -24.46 2.62 4.15
C ASP B 309 -23.43 2.00 3.21
N VAL B 310 -23.88 1.02 2.41
CA VAL B 310 -22.96 0.36 1.49
C VAL B 310 -22.66 1.27 0.30
N ASP B 311 -23.56 2.20 -0.02
CA ASP B 311 -23.32 3.11 -1.13
C ASP B 311 -22.14 4.02 -0.83
N LYS B 312 -22.03 4.48 0.43
CA LYS B 312 -20.90 5.31 0.83
C LYS B 312 -19.58 4.58 0.60
N TRP B 313 -19.51 3.30 0.98
CA TRP B 313 -18.26 2.56 0.86
C TRP B 313 -17.89 2.34 -0.60
N ASP B 314 -18.88 2.22 -1.49
CA ASP B 314 -18.58 1.98 -2.89
C ASP B 314 -17.80 3.14 -3.50
N TYR B 315 -18.29 4.37 -3.29
CA TYR B 315 -17.53 5.53 -3.77
C TYR B 315 -16.40 5.91 -2.83
N PHE B 316 -16.31 5.28 -1.65
CA PHE B 316 -15.18 5.55 -0.76
C PHE B 316 -13.90 4.94 -1.31
N ALA B 317 -13.97 3.72 -1.82
CA ALA B 317 -12.81 3.04 -2.38
C ALA B 317 -12.62 3.34 -3.86
N ARG B 318 -13.72 3.48 -4.61
CA ARG B 318 -13.62 3.78 -6.04
C ARG B 318 -12.93 5.11 -6.27
N ASP B 319 -13.36 6.15 -5.56
CA ASP B 319 -12.74 7.46 -5.73
C ASP B 319 -11.28 7.43 -5.29
N CYS B 320 -10.98 6.78 -4.17
CA CYS B 320 -9.58 6.62 -3.76
C CYS B 320 -8.78 5.90 -4.83
N HIS B 321 -9.37 4.87 -5.44
CA HIS B 321 -8.68 4.09 -6.47
C HIS B 321 -8.31 4.96 -7.67
N HIS B 322 -9.20 5.87 -8.05
CA HIS B 322 -8.99 6.69 -9.24
C HIS B 322 -8.27 8.00 -8.95
N LEU B 323 -8.48 8.58 -7.77
CA LEU B 323 -7.82 9.84 -7.42
C LEU B 323 -6.38 9.65 -6.98
N GLY B 324 -5.96 8.42 -6.71
CA GLY B 324 -4.64 8.20 -6.15
C GLY B 324 -4.53 8.48 -4.67
N ILE B 325 -5.59 8.25 -3.92
CA ILE B 325 -5.66 8.58 -2.50
C ILE B 325 -5.68 7.30 -1.68
N GLN B 326 -4.98 7.30 -0.57
CA GLN B 326 -4.95 6.16 0.33
C GLN B 326 -6.34 5.88 0.89
N ASN B 327 -6.78 4.63 0.77
CA ASN B 327 -8.00 4.17 1.40
C ASN B 327 -7.61 3.17 2.49
N ASN B 328 -7.91 3.50 3.74
CA ASN B 328 -7.56 2.66 4.87
C ASN B 328 -8.76 1.97 5.51
N PHE B 329 -9.97 2.20 4.99
CA PHE B 329 -11.12 1.43 5.41
C PHE B 329 -11.14 0.09 4.68
N ASP B 330 -11.72 -0.92 5.34
CA ASP B 330 -11.81 -2.27 4.78
C ASP B 330 -13.28 -2.69 4.88
N TYR B 331 -14.06 -2.39 3.84
CA TYR B 331 -15.47 -2.75 3.84
C TYR B 331 -15.69 -4.26 3.92
N LYS B 332 -14.70 -5.05 3.49
CA LYS B 332 -14.86 -6.50 3.50
C LYS B 332 -14.93 -7.03 4.94
N ARG B 333 -14.06 -6.54 5.82
CA ARG B 333 -14.09 -6.99 7.21
C ARG B 333 -15.33 -6.48 7.93
N PHE B 334 -15.85 -5.31 7.55
CA PHE B 334 -17.05 -4.78 8.20
C PHE B 334 -18.27 -5.64 7.87
N ILE B 335 -18.39 -6.10 6.62
CA ILE B 335 -19.48 -7.00 6.26
C ILE B 335 -19.30 -8.35 6.93
N LYS B 336 -18.05 -8.80 7.10
CA LYS B 336 -17.79 -10.10 7.71
C LYS B 336 -18.26 -10.16 9.16
N PHE B 337 -18.34 -9.02 9.83
CA PHE B 337 -18.57 -8.95 11.27
C PHE B 337 -19.87 -8.25 11.63
N ALA B 338 -20.60 -7.74 10.65
CA ALA B 338 -21.86 -7.07 10.93
C ALA B 338 -22.94 -8.08 11.28
N ARG B 339 -23.75 -7.74 12.28
CA ARG B 339 -24.87 -8.56 12.68
C ARG B 339 -26.04 -7.66 13.02
N VAL B 340 -27.25 -8.24 13.01
CA VAL B 340 -28.46 -7.52 13.41
C VAL B 340 -28.63 -7.70 14.91
N CYS B 341 -28.49 -6.62 15.65
CA CYS B 341 -28.65 -6.64 17.10
C CYS B 341 -29.78 -5.69 17.50
N GLU B 342 -30.28 -5.89 18.72
CA GLU B 342 -31.41 -5.11 19.22
C GLU B 342 -30.89 -3.86 19.94
N VAL B 343 -31.23 -2.69 19.41
CA VAL B 343 -30.88 -1.40 20.01
C VAL B 343 -32.15 -0.59 20.12
N ASP B 344 -32.50 -0.20 21.36
CA ASP B 344 -33.80 0.43 21.64
C ASP B 344 -34.96 -0.42 21.13
N ASN B 345 -34.75 -1.75 21.15
CA ASN B 345 -35.70 -2.72 20.61
C ASN B 345 -36.14 -2.34 19.20
N GLU B 346 -35.16 -2.00 18.36
CA GLU B 346 -35.38 -1.70 16.95
C GLU B 346 -34.22 -2.29 16.18
N LEU B 347 -34.48 -3.35 15.41
CA LEU B 347 -33.42 -4.07 14.73
C LEU B 347 -32.65 -3.17 13.77
N ARG B 348 -31.34 -3.35 13.72
CA ARG B 348 -30.48 -2.59 12.81
C ARG B 348 -29.11 -3.24 12.79
N ILE B 349 -28.29 -2.82 11.82
CA ILE B 349 -26.96 -3.39 11.64
C ILE B 349 -26.06 -2.91 12.77
N CYS B 350 -25.33 -3.84 13.37
CA CYS B 350 -24.44 -3.55 14.49
C CYS B 350 -23.04 -4.06 14.18
N ALA B 351 -22.05 -3.22 14.41
CA ALA B 351 -20.66 -3.59 14.20
C ALA B 351 -20.08 -4.21 15.46
N ARG B 352 -19.08 -5.06 15.27
CA ARG B 352 -18.37 -5.61 16.41
C ARG B 352 -17.50 -4.53 17.03
N ASP B 353 -17.36 -4.59 18.36
CA ASP B 353 -16.64 -3.53 19.07
C ASP B 353 -15.19 -3.44 18.64
N LYS B 354 -14.56 -4.56 18.28
CA LYS B 354 -13.17 -4.56 17.85
C LYS B 354 -12.98 -3.95 16.47
N GLU B 355 -14.05 -3.54 15.79
CA GLU B 355 -13.97 -2.94 14.47
C GLU B 355 -14.28 -1.45 14.50
N VAL B 356 -14.11 -0.80 15.65
CA VAL B 356 -14.23 0.65 15.69
C VAL B 356 -12.98 1.32 15.12
N GLY B 357 -11.83 0.64 15.16
CA GLY B 357 -10.65 1.18 14.51
C GLY B 357 -10.74 1.15 13.00
N ASN B 358 -11.35 0.09 12.45
CA ASN B 358 -11.66 0.07 11.03
C ASN B 358 -12.70 1.13 10.69
N LEU B 359 -13.65 1.37 11.60
CA LEU B 359 -14.66 2.39 11.36
C LEU B 359 -14.07 3.79 11.43
N TYR B 360 -13.06 4.00 12.30
CA TYR B 360 -12.37 5.30 12.33
C TYR B 360 -11.55 5.50 11.08
N ASP B 361 -11.02 4.43 10.49
CA ASP B 361 -10.32 4.54 9.22
C ASP B 361 -11.25 5.02 8.12
N MET B 362 -12.52 4.66 8.19
CA MET B 362 -13.48 5.12 7.19
C MET B 362 -13.75 6.62 7.32
N PHE B 363 -13.87 7.11 8.56
CA PHE B 363 -14.13 8.53 8.76
C PHE B 363 -12.97 9.38 8.26
N HIS B 364 -11.73 8.89 8.42
CA HIS B 364 -10.59 9.64 7.92
C HIS B 364 -10.53 9.59 6.39
N THR B 365 -10.84 8.43 5.81
CA THR B 365 -10.90 8.33 4.35
C THR B 365 -11.95 9.29 3.79
N ARG B 366 -13.09 9.41 4.47
CA ARG B 366 -14.12 10.34 4.04
C ARG B 366 -13.63 11.79 4.16
N ASN B 367 -13.01 12.12 5.30
CA ASN B 367 -12.53 13.49 5.50
C ASN B 367 -11.43 13.83 4.51
N SER B 368 -10.56 12.86 4.20
CA SER B 368 -9.51 13.10 3.22
C SER B 368 -10.09 13.34 1.83
N LEU B 369 -11.11 12.56 1.46
CA LEU B 369 -11.72 12.72 0.14
C LEU B 369 -12.44 14.06 0.03
N HIS B 370 -13.12 14.48 1.10
CA HIS B 370 -13.81 15.76 1.08
C HIS B 370 -12.82 16.92 0.98
N ARG B 371 -11.79 16.90 1.82
CA ARG B 371 -10.86 18.02 1.90
C ARG B 371 -10.03 18.15 0.62
N ARG B 372 -9.53 17.03 0.09
CA ARG B 372 -8.61 17.08 -1.03
C ARG B 372 -9.28 17.01 -2.40
N ALA B 373 -10.43 16.36 -2.50
CA ALA B 373 -11.07 16.12 -3.79
C ALA B 373 -12.41 16.82 -3.91
N TYR B 374 -13.39 16.48 -3.07
CA TYR B 374 -14.73 17.03 -3.25
C TYR B 374 -14.77 18.53 -3.03
N GLN B 375 -13.88 19.06 -2.18
CA GLN B 375 -13.81 20.49 -1.91
C GLN B 375 -12.63 21.16 -2.60
N HIS B 376 -12.09 20.54 -3.65
CA HIS B 376 -10.89 21.09 -4.29
C HIS B 376 -11.17 22.49 -4.83
N LYS B 377 -10.19 23.38 -4.63
CA LYS B 377 -10.35 24.78 -5.01
C LYS B 377 -10.68 24.91 -6.49
N VAL B 378 -9.78 24.43 -7.36
CA VAL B 378 -10.00 24.55 -8.79
C VAL B 378 -11.13 23.65 -9.26
N GLY B 379 -11.30 22.49 -8.63
CA GLY B 379 -12.34 21.57 -9.06
C GLY B 379 -13.74 22.15 -8.89
N ASN B 380 -13.96 22.91 -7.82
CA ASN B 380 -15.26 23.55 -7.63
C ASN B 380 -15.44 24.76 -8.53
N ILE B 381 -14.35 25.47 -8.84
CA ILE B 381 -14.44 26.60 -9.77
C ILE B 381 -14.90 26.12 -11.13
N ILE B 382 -14.37 24.99 -11.59
CA ILE B 382 -14.75 24.46 -12.91
C ILE B 382 -16.22 24.06 -12.92
N ASP B 383 -16.71 23.49 -11.81
CA ASP B 383 -18.12 23.14 -11.73
C ASP B 383 -19.01 24.35 -11.94
N THR B 384 -18.68 25.48 -11.30
CA THR B 384 -19.44 26.70 -11.52
C THR B 384 -19.25 27.22 -12.93
N MET B 385 -18.12 26.92 -13.56
CA MET B 385 -17.90 27.33 -14.95
C MET B 385 -18.77 26.51 -15.90
N ILE B 386 -18.86 25.20 -15.68
CA ILE B 386 -19.74 24.37 -16.49
C ILE B 386 -21.19 24.80 -16.30
N THR B 387 -21.58 25.07 -15.05
CA THR B 387 -22.93 25.53 -14.77
C THR B 387 -23.22 26.86 -15.46
N ASP B 388 -22.26 27.79 -15.40
CA ASP B 388 -22.44 29.08 -16.06
C ASP B 388 -22.66 28.92 -17.56
N ALA B 389 -21.89 28.03 -18.20
CA ALA B 389 -22.09 27.79 -19.62
C ALA B 389 -23.44 27.12 -19.88
N PHE B 390 -23.85 26.23 -18.98
CA PHE B 390 -25.15 25.57 -19.13
C PHE B 390 -26.29 26.59 -19.10
N LEU B 391 -26.19 27.57 -18.19
CA LEU B 391 -27.25 28.58 -18.08
C LEU B 391 -27.31 29.44 -19.34
N LYS B 392 -26.17 29.75 -19.94
CA LYS B 392 -26.14 30.57 -21.14
C LYS B 392 -26.49 29.78 -22.40
N ALA B 393 -26.58 28.46 -22.31
CA ALA B 393 -27.06 27.62 -23.39
C ALA B 393 -28.46 27.08 -23.15
N ASP B 394 -29.07 27.41 -22.01
CA ASP B 394 -30.36 26.84 -21.65
C ASP B 394 -31.46 27.27 -22.60
N ASP B 395 -31.37 28.49 -23.13
CA ASP B 395 -32.42 29.02 -24.01
C ASP B 395 -32.35 28.45 -25.42
N TYR B 396 -31.30 27.71 -25.78
CA TYR B 396 -31.08 27.31 -27.15
C TYR B 396 -30.84 25.82 -27.35
N ILE B 397 -30.42 25.07 -26.34
CA ILE B 397 -30.23 23.63 -26.47
C ILE B 397 -31.58 22.94 -26.35
N GLU B 398 -31.83 21.99 -27.25
CA GLU B 398 -33.11 21.29 -27.31
C GLU B 398 -32.90 19.81 -27.04
N ILE B 399 -33.72 19.25 -26.14
CA ILE B 399 -33.71 17.83 -25.82
C ILE B 399 -35.11 17.28 -26.13
N THR B 400 -35.15 16.19 -26.88
CA THR B 400 -36.41 15.60 -27.33
C THR B 400 -36.99 14.69 -26.26
N GLY B 401 -38.26 14.88 -25.96
CA GLY B 401 -38.93 14.09 -24.94
C GLY B 401 -40.06 13.22 -25.46
N ALA B 402 -41.22 13.30 -24.81
CA ALA B 402 -42.36 12.46 -25.15
C ALA B 402 -43.02 12.98 -26.43
N GLY B 403 -43.10 12.12 -27.44
CA GLY B 403 -43.73 12.49 -28.70
C GLY B 403 -43.03 13.59 -29.45
N GLY B 404 -41.73 13.75 -29.26
CA GLY B 404 -40.99 14.80 -29.94
C GLY B 404 -41.08 16.16 -29.30
N LYS B 405 -41.72 16.28 -28.14
CA LYS B 405 -41.84 17.57 -27.48
C LYS B 405 -40.48 18.01 -26.96
N LYS B 406 -40.19 19.30 -27.11
CA LYS B 406 -38.85 19.84 -26.87
C LYS B 406 -38.73 20.38 -25.45
N TYR B 407 -37.64 20.05 -24.79
CA TYR B 407 -37.33 20.52 -23.44
C TYR B 407 -36.00 21.26 -23.45
N ARG B 408 -35.74 21.97 -22.36
CA ARG B 408 -34.46 22.60 -22.13
C ARG B 408 -33.65 21.76 -21.14
N ILE B 409 -32.41 22.19 -20.91
CA ILE B 409 -31.55 21.48 -19.97
C ILE B 409 -32.15 21.55 -18.56
N SER B 410 -32.75 22.68 -18.21
CA SER B 410 -33.35 22.86 -16.89
C SER B 410 -34.71 22.22 -16.78
N THR B 411 -35.43 22.06 -17.89
CA THR B 411 -36.78 21.49 -17.86
C THR B 411 -36.82 20.03 -18.28
N ALA B 412 -35.67 19.43 -18.61
CA ALA B 412 -35.65 18.01 -18.95
C ALA B 412 -35.96 17.12 -17.76
N ILE B 413 -35.84 17.65 -16.54
CA ILE B 413 -36.19 16.88 -15.34
C ILE B 413 -37.68 16.67 -15.18
N ASP B 414 -38.49 17.34 -15.99
CA ASP B 414 -39.95 17.23 -15.91
C ASP B 414 -40.50 16.16 -16.84
N ASP B 415 -39.65 15.43 -17.56
CA ASP B 415 -40.09 14.35 -18.43
C ASP B 415 -38.96 13.36 -18.56
N MET B 416 -39.19 12.13 -18.07
CA MET B 416 -38.12 11.15 -17.99
C MET B 416 -37.63 10.73 -19.38
N GLU B 417 -38.49 10.83 -20.40
CA GLU B 417 -38.04 10.53 -21.76
C GLU B 417 -36.97 11.53 -22.21
N ALA B 418 -37.10 12.78 -21.81
CA ALA B 418 -36.09 13.78 -22.14
C ALA B 418 -34.88 13.69 -21.21
N TYR B 419 -35.12 13.42 -19.92
CA TYR B 419 -34.02 13.32 -18.97
C TYR B 419 -33.09 12.17 -19.31
N THR B 420 -33.62 11.10 -19.92
CA THR B 420 -32.79 9.96 -20.30
C THR B 420 -31.68 10.36 -21.25
N LYS B 421 -31.93 11.35 -22.12
CA LYS B 421 -30.95 11.79 -23.11
C LYS B 421 -30.17 13.01 -22.66
N LEU B 422 -30.23 13.35 -21.37
CA LEU B 422 -29.53 14.52 -20.83
C LEU B 422 -28.37 14.01 -19.97
N THR B 423 -27.17 13.99 -20.56
CA THR B 423 -25.98 13.49 -19.89
C THR B 423 -24.86 14.51 -20.05
N ASP B 424 -23.62 14.07 -19.83
CA ASP B 424 -22.46 14.92 -20.05
C ASP B 424 -22.26 15.29 -21.50
N ASN B 425 -23.02 14.68 -22.42
CA ASN B 425 -22.92 15.02 -23.84
C ASN B 425 -23.23 16.50 -24.08
N ILE B 426 -24.05 17.10 -23.22
CA ILE B 426 -24.40 18.51 -23.37
C ILE B 426 -23.14 19.37 -23.38
N PHE B 427 -22.15 19.01 -22.57
CA PHE B 427 -20.88 19.73 -22.57
C PHE B 427 -20.27 19.78 -23.96
N LEU B 428 -20.18 18.63 -24.62
CA LEU B 428 -19.58 18.58 -25.95
C LEU B 428 -20.52 19.08 -27.04
N GLU B 429 -21.84 19.04 -26.81
CA GLU B 429 -22.76 19.63 -27.78
C GLU B 429 -22.61 21.14 -27.82
N ILE B 430 -22.34 21.77 -26.67
CA ILE B 430 -22.10 23.21 -26.64
C ILE B 430 -20.73 23.51 -27.23
N LEU B 431 -19.72 22.70 -26.91
CA LEU B 431 -18.36 22.98 -27.35
C LEU B 431 -18.22 22.86 -28.87
N TYR B 432 -18.92 21.91 -29.47
CA TYR B 432 -18.81 21.65 -30.90
C TYR B 432 -19.83 22.41 -31.73
N SER B 433 -20.68 23.23 -31.10
CA SER B 433 -21.77 23.87 -31.82
C SER B 433 -21.26 25.04 -32.66
N THR B 434 -22.07 25.41 -33.66
CA THR B 434 -21.81 26.57 -34.49
C THR B 434 -22.94 27.57 -34.52
N ASP B 435 -24.04 27.30 -33.80
CA ASP B 435 -25.13 28.25 -33.69
C ASP B 435 -24.60 29.56 -33.10
N PRO B 436 -24.88 30.71 -33.73
CA PRO B 436 -24.42 31.98 -33.16
C PRO B 436 -24.96 32.26 -31.77
N LYS B 437 -26.10 31.66 -31.40
CA LYS B 437 -26.66 31.92 -30.08
C LYS B 437 -25.89 31.19 -28.99
N LEU B 438 -25.29 30.04 -29.33
CA LEU B 438 -24.51 29.28 -28.36
C LEU B 438 -23.09 29.80 -28.21
N LYS B 439 -22.76 30.94 -28.82
CA LYS B 439 -21.41 31.48 -28.70
C LYS B 439 -21.05 31.77 -27.25
N ASP B 440 -21.93 32.49 -26.55
CA ASP B 440 -21.67 32.84 -25.14
C ASP B 440 -21.28 31.61 -24.32
N ALA B 441 -22.12 30.57 -24.37
CA ALA B 441 -21.82 29.34 -23.63
C ALA B 441 -20.58 28.64 -24.18
N ARG B 442 -20.32 28.78 -25.49
CA ARG B 442 -19.17 28.13 -26.08
C ARG B 442 -17.87 28.76 -25.61
N GLU B 443 -17.86 30.09 -25.43
CA GLU B 443 -16.64 30.77 -25.01
C GLU B 443 -16.21 30.30 -23.61
N ILE B 444 -17.18 30.05 -22.73
CA ILE B 444 -16.85 29.64 -21.36
C ILE B 444 -16.20 28.27 -21.35
N LEU B 445 -16.76 27.32 -22.11
CA LEU B 445 -16.17 25.98 -22.16
C LEU B 445 -14.80 26.00 -22.78
N LYS B 446 -14.59 26.85 -23.79
CA LYS B 446 -13.26 26.97 -24.39
C LYS B 446 -12.25 27.54 -23.40
N GLN B 447 -12.68 28.44 -22.52
CA GLN B 447 -11.79 28.98 -21.51
C GLN B 447 -11.42 27.95 -20.46
N ILE B 448 -12.24 26.92 -20.26
CA ILE B 448 -11.84 25.80 -19.42
C ILE B 448 -10.70 25.04 -20.08
N GLU B 449 -10.79 24.84 -21.40
CA GLU B 449 -9.75 24.11 -22.11
C GLU B 449 -8.43 24.86 -22.08
N TYR B 450 -8.48 26.19 -22.15
CA TYR B 450 -7.28 27.01 -22.06
C TYR B 450 -6.83 27.25 -20.61
N ARG B 451 -7.56 26.70 -19.64
CA ARG B 451 -7.28 26.92 -18.22
C ARG B 451 -7.31 28.41 -17.87
N ASN B 452 -8.21 29.15 -18.53
CA ASN B 452 -8.47 30.55 -18.20
C ASN B 452 -9.72 30.57 -17.33
N LEU B 453 -9.52 30.35 -16.03
CA LEU B 453 -10.59 30.07 -15.09
C LEU B 453 -10.93 31.30 -14.25
N PHE B 454 -12.09 31.22 -13.60
CA PHE B 454 -12.45 32.21 -12.59
C PHE B 454 -11.42 32.19 -11.47
N LYS B 455 -11.22 33.34 -10.84
CA LYS B 455 -10.26 33.46 -9.74
C LYS B 455 -10.92 33.26 -8.40
N TYR B 456 -10.27 32.50 -7.54
CA TYR B 456 -10.72 32.33 -6.16
C TYR B 456 -10.55 33.64 -5.40
N VAL B 457 -11.63 34.12 -4.80
CA VAL B 457 -11.62 35.38 -4.07
C VAL B 457 -11.47 35.15 -2.56
N GLY B 458 -12.20 34.19 -2.01
CA GLY B 458 -12.10 33.92 -0.59
C GLY B 458 -13.14 32.92 -0.16
N GLU B 459 -13.01 32.50 1.10
CA GLU B 459 -13.88 31.49 1.69
C GLU B 459 -14.49 32.04 2.97
N THR B 460 -15.68 31.56 3.30
CA THR B 460 -16.36 31.94 4.53
C THR B 460 -17.40 30.87 4.86
N GLN B 461 -17.98 31.00 6.04
CA GLN B 461 -19.00 30.06 6.51
C GLN B 461 -19.96 30.80 7.43
N PRO B 462 -21.24 30.42 7.44
CA PRO B 462 -22.15 30.99 8.43
C PRO B 462 -21.84 30.45 9.82
N THR B 463 -21.97 31.31 10.82
CA THR B 463 -21.56 30.96 12.17
C THR B 463 -22.54 29.98 12.83
N GLY B 464 -22.77 28.85 12.17
CA GLY B 464 -23.62 27.80 12.71
C GLY B 464 -25.10 28.15 12.74
N GLN B 465 -25.38 29.45 12.82
CA GLN B 465 -26.71 30.04 12.86
C GLN B 465 -27.73 29.33 11.97
N ILE B 466 -27.47 29.29 10.67
CA ILE B 466 -28.45 28.89 9.67
C ILE B 466 -27.75 28.13 8.55
N LYS B 467 -28.54 27.73 7.56
CA LYS B 467 -28.06 27.09 6.34
C LYS B 467 -28.58 27.87 5.15
N ILE B 468 -27.73 28.05 4.14
CA ILE B 468 -28.13 28.72 2.92
C ILE B 468 -28.96 27.76 2.07
N LYS B 469 -30.17 28.19 1.71
CA LYS B 469 -31.07 27.36 0.92
C LYS B 469 -30.77 27.50 -0.57
N ARG B 470 -31.17 26.47 -1.32
CA ARG B 470 -30.90 26.45 -2.76
C ARG B 470 -31.70 27.50 -3.51
N GLU B 471 -32.91 27.83 -3.03
CA GLU B 471 -33.76 28.79 -3.72
C GLU B 471 -33.26 30.22 -3.60
N ASP B 472 -32.22 30.46 -2.80
CA ASP B 472 -31.63 31.78 -2.67
C ASP B 472 -30.25 31.87 -3.31
N TYR B 473 -29.81 30.81 -4.00
CA TYR B 473 -28.47 30.81 -4.59
C TYR B 473 -28.33 31.87 -5.69
N GLU B 474 -29.43 32.24 -6.33
CA GLU B 474 -29.35 33.22 -7.41
C GLU B 474 -29.19 34.64 -6.90
N SER B 475 -29.69 34.92 -5.68
CA SER B 475 -29.59 36.26 -5.13
C SER B 475 -28.22 36.56 -4.55
N LEU B 476 -27.39 35.53 -4.33
CA LEU B 476 -26.11 35.74 -3.64
C LEU B 476 -25.14 36.61 -4.45
N PRO B 477 -24.91 36.37 -5.74
CA PRO B 477 -24.00 37.26 -6.49
C PRO B 477 -24.47 38.71 -6.48
N LYS B 478 -25.78 38.96 -6.50
CA LYS B 478 -26.28 40.32 -6.40
C LYS B 478 -26.05 40.89 -5.01
N GLU B 479 -26.18 40.06 -3.98
CA GLU B 479 -25.92 40.51 -2.61
C GLU B 479 -24.46 40.94 -2.46
N VAL B 480 -23.54 40.20 -3.07
CA VAL B 480 -22.12 40.54 -2.95
C VAL B 480 -21.82 41.84 -3.67
N ALA B 481 -22.31 41.97 -4.90
CA ALA B 481 -22.08 43.19 -5.68
C ALA B 481 -22.76 44.40 -5.07
N SER B 482 -23.75 44.20 -4.20
CA SER B 482 -24.45 45.30 -3.56
C SER B 482 -23.83 45.72 -2.23
N ALA B 483 -22.85 44.95 -1.73
CA ALA B 483 -22.17 45.34 -0.51
C ALA B 483 -21.38 46.63 -0.74
N LYS B 484 -21.25 47.43 0.32
CA LYS B 484 -20.59 48.72 0.24
C LYS B 484 -19.28 48.69 1.00
N PRO B 485 -18.14 48.44 0.34
CA PRO B 485 -16.86 48.44 1.05
C PRO B 485 -16.56 49.81 1.65
N LYS B 486 -15.97 49.79 2.85
CA LYS B 486 -15.67 51.03 3.54
C LYS B 486 -14.66 51.87 2.75
N VAL B 487 -13.48 51.30 2.49
CA VAL B 487 -12.50 51.98 1.65
C VAL B 487 -13.05 52.10 0.23
N LEU B 488 -12.65 53.18 -0.46
CA LEU B 488 -13.15 53.43 -1.80
C LEU B 488 -12.38 52.62 -2.83
N LEU B 489 -13.10 52.10 -3.81
CA LEU B 489 -12.54 51.28 -4.86
C LEU B 489 -12.49 52.06 -6.17
N ASP B 490 -11.49 51.75 -7.00
CA ASP B 490 -11.37 52.41 -8.29
C ASP B 490 -12.29 51.78 -9.33
N VAL B 491 -12.35 50.45 -9.36
CA VAL B 491 -13.20 49.74 -10.31
C VAL B 491 -14.46 49.26 -9.60
N LYS B 492 -15.56 49.24 -10.34
CA LYS B 492 -16.84 48.75 -9.84
C LYS B 492 -17.18 47.43 -10.51
N LEU B 493 -17.76 46.51 -9.75
CA LEU B 493 -18.06 45.17 -10.23
C LEU B 493 -19.57 44.94 -10.26
N LYS B 494 -20.00 44.11 -11.18
CA LYS B 494 -21.40 43.76 -11.36
C LYS B 494 -21.64 42.34 -10.87
N ALA B 495 -22.92 42.04 -10.59
CA ALA B 495 -23.27 40.71 -10.08
C ALA B 495 -22.86 39.61 -11.05
N GLU B 496 -22.87 39.90 -12.35
CA GLU B 496 -22.43 38.93 -13.34
C GLU B 496 -20.97 38.55 -13.15
N ASP B 497 -20.17 39.45 -12.59
CA ASP B 497 -18.75 39.18 -12.34
C ASP B 497 -18.50 38.26 -11.16
N PHE B 498 -19.51 38.00 -10.34
CA PHE B 498 -19.34 37.22 -9.10
C PHE B 498 -19.93 35.83 -9.25
N ILE B 499 -19.27 34.86 -8.64
CA ILE B 499 -19.77 33.50 -8.51
C ILE B 499 -19.72 33.13 -7.03
N VAL B 500 -20.87 32.75 -6.49
CA VAL B 500 -20.97 32.32 -5.10
C VAL B 500 -21.20 30.81 -5.10
N ASP B 501 -20.24 30.08 -4.54
CA ASP B 501 -20.26 28.61 -4.52
C ASP B 501 -20.53 28.16 -3.09
N VAL B 502 -21.70 27.56 -2.87
CA VAL B 502 -22.10 27.06 -1.57
C VAL B 502 -21.82 25.57 -1.52
N ILE B 503 -20.98 25.14 -0.59
CA ILE B 503 -20.51 23.77 -0.50
C ILE B 503 -21.00 23.18 0.81
N ASN B 504 -21.87 22.16 0.71
CA ASN B 504 -22.40 21.48 1.87
C ASN B 504 -21.55 20.27 2.21
N MET B 505 -21.54 19.90 3.49
CA MET B 505 -20.92 18.64 3.94
C MET B 505 -21.93 17.93 4.83
N ASP B 506 -22.49 16.83 4.33
CA ASP B 506 -23.43 16.05 5.11
C ASP B 506 -22.75 15.30 6.24
N ASP B 516 -18.70 8.62 16.63
CA ASP B 516 -19.29 7.29 16.60
C ASP B 516 -20.74 7.30 17.07
N HIS B 517 -21.67 7.24 16.11
CA HIS B 517 -23.10 7.13 16.40
C HIS B 517 -23.64 5.77 15.96
N VAL B 518 -22.83 4.73 16.08
CA VAL B 518 -23.17 3.40 15.59
C VAL B 518 -23.50 2.50 16.76
N SER B 519 -24.27 1.45 16.48
CA SER B 519 -24.54 0.40 17.45
C SER B 519 -23.42 -0.63 17.42
N PHE B 520 -23.19 -1.28 18.56
CA PHE B 520 -22.08 -2.21 18.70
C PHE B 520 -22.53 -3.42 19.51
N TYR B 521 -21.72 -4.48 19.43
CA TYR B 521 -21.99 -5.72 20.15
C TYR B 521 -20.68 -6.42 20.45
N CYS B 522 -20.65 -7.13 21.56
CA CYS B 522 -19.51 -7.95 21.95
C CYS B 522 -19.77 -9.42 21.58
N LYS B 523 -18.68 -10.16 21.41
CA LYS B 523 -18.79 -11.54 20.97
C LYS B 523 -19.32 -12.47 22.06
N THR B 524 -19.15 -12.10 23.33
CA THR B 524 -19.64 -12.95 24.41
C THR B 524 -21.17 -12.92 24.50
N ALA B 525 -21.77 -11.74 24.40
CA ALA B 525 -23.22 -11.57 24.43
C ALA B 525 -23.68 -10.83 23.18
N PRO B 526 -23.77 -11.52 22.04
CA PRO B 526 -24.30 -10.87 20.83
C PRO B 526 -25.73 -10.40 21.05
N ASN B 527 -26.24 -9.70 20.03
CA ASN B 527 -27.58 -9.11 20.02
C ASN B 527 -27.76 -8.04 21.10
N ARG B 528 -26.66 -7.52 21.64
CA ARG B 528 -26.72 -6.50 22.68
C ARG B 528 -26.04 -5.21 22.21
N GLU B 547 -20.04 23.11 8.96
CA GLU B 547 -21.30 22.56 8.44
C GLU B 547 -21.52 22.94 6.98
N GLN B 548 -21.32 24.22 6.68
CA GLN B 548 -21.48 24.74 5.33
C GLN B 548 -20.43 25.82 5.09
N LEU B 549 -19.67 25.68 4.01
CA LEU B 549 -18.69 26.67 3.63
C LEU B 549 -19.11 27.32 2.31
N ILE B 550 -19.02 28.64 2.26
CA ILE B 550 -19.40 29.42 1.07
C ILE B 550 -18.13 29.98 0.45
N ARG B 551 -18.00 29.79 -0.86
CA ARG B 551 -16.86 30.28 -1.62
C ARG B 551 -17.33 31.29 -2.65
N VAL B 552 -16.44 32.24 -2.98
CA VAL B 552 -16.75 33.30 -3.93
C VAL B 552 -15.62 33.37 -4.95
N TYR B 553 -15.98 33.38 -6.23
CA TYR B 553 -15.03 33.53 -7.32
C TYR B 553 -15.41 34.74 -8.17
N CYS B 554 -14.43 35.26 -8.89
CA CYS B 554 -14.62 36.41 -9.78
C CYS B 554 -14.29 36.02 -11.20
N LYS B 555 -15.16 36.40 -12.14
CA LYS B 555 -14.90 36.15 -13.54
C LYS B 555 -13.85 37.09 -14.10
N LYS B 556 -13.77 38.31 -13.60
CA LYS B 556 -12.65 39.18 -13.93
C LYS B 556 -11.37 38.66 -13.31
N VAL B 557 -10.25 38.92 -14.00
CA VAL B 557 -8.99 38.24 -13.72
C VAL B 557 -7.83 39.21 -13.54
N ASP B 558 -8.05 40.51 -13.64
CA ASP B 558 -6.99 41.49 -13.51
C ASP B 558 -6.78 41.90 -12.05
N ARG B 559 -5.63 42.51 -11.79
CA ARG B 559 -5.26 42.88 -10.42
C ARG B 559 -6.29 43.83 -9.80
N LYS B 560 -6.79 44.79 -10.60
CA LYS B 560 -7.71 45.79 -10.06
C LYS B 560 -9.05 45.16 -9.71
N SER B 561 -9.59 44.33 -10.61
CA SER B 561 -10.90 43.72 -10.35
C SER B 561 -10.85 42.73 -9.20
N LEU B 562 -9.69 42.08 -8.99
CA LEU B 562 -9.60 41.09 -7.92
C LEU B 562 -9.51 41.76 -6.55
N TYR B 563 -8.83 42.91 -6.47
CA TYR B 563 -8.80 43.65 -5.21
C TYR B 563 -10.18 44.15 -4.84
N ALA B 564 -10.96 44.62 -5.82
CA ALA B 564 -12.32 45.06 -5.54
C ALA B 564 -13.20 43.88 -5.14
N ALA B 565 -13.07 42.74 -5.83
CA ALA B 565 -13.85 41.56 -5.48
C ALA B 565 -13.59 41.12 -4.05
N ARG B 566 -12.34 41.24 -3.59
CA ARG B 566 -12.02 40.93 -2.20
C ARG B 566 -12.73 41.88 -1.25
N GLN B 567 -12.74 43.17 -1.57
CA GLN B 567 -13.40 44.15 -0.70
C GLN B 567 -14.90 43.94 -0.68
N TYR B 568 -15.50 43.60 -1.83
CA TYR B 568 -16.92 43.27 -1.85
C TYR B 568 -17.21 42.03 -1.01
N PHE B 569 -16.31 41.05 -1.05
CA PHE B 569 -16.53 39.79 -0.34
C PHE B 569 -16.45 39.99 1.17
N VAL B 570 -15.42 40.70 1.64
CA VAL B 570 -15.28 40.94 3.07
C VAL B 570 -16.47 41.72 3.60
N GLN B 571 -16.90 42.75 2.87
CA GLN B 571 -18.07 43.52 3.29
C GLN B 571 -19.32 42.67 3.33
N TRP B 572 -19.50 41.81 2.32
CA TRP B 572 -20.69 40.96 2.26
C TRP B 572 -20.75 40.00 3.44
N CYS B 573 -19.60 39.42 3.82
CA CYS B 573 -19.57 38.56 4.99
C CYS B 573 -19.89 39.35 6.26
N ALA B 574 -19.46 40.61 6.32
CA ALA B 574 -19.63 41.40 7.53
C ALA B 574 -21.10 41.67 7.81
N ASP B 575 -21.85 42.10 6.79
CA ASP B 575 -23.26 42.42 6.96
C ASP B 575 -24.19 41.22 6.78
N ARG B 576 -23.63 40.02 6.64
CA ARG B 576 -24.37 38.79 6.79
C ARG B 576 -24.00 38.05 8.07
N ASN B 577 -23.12 38.63 8.88
CA ASN B 577 -22.58 37.98 10.08
C ASN B 577 -21.98 36.62 9.75
N PHE B 578 -21.30 36.54 8.61
CA PHE B 578 -20.48 35.38 8.29
C PHE B 578 -19.09 35.58 8.88
N THR B 579 -18.34 34.48 8.99
CA THR B 579 -17.02 34.55 9.60
C THR B 579 -16.08 35.41 8.76
N LYS B 580 -15.22 36.14 9.44
CA LYS B 580 -14.27 37.03 8.77
C LYS B 580 -13.29 36.21 7.93
N PRO B 581 -13.19 36.45 6.63
CA PRO B 581 -12.30 35.65 5.79
C PRO B 581 -10.85 35.77 6.21
N GLN B 582 -10.07 34.75 5.87
CA GLN B 582 -8.65 34.73 6.19
C GLN B 582 -7.92 35.81 5.41
N ASP B 583 -7.03 36.52 6.10
CA ASP B 583 -6.24 37.59 5.48
C ASP B 583 -4.94 37.04 4.90
N THR C 114 5.20 27.29 -10.07
CA THR C 114 5.97 27.36 -11.31
C THR C 114 5.79 26.09 -12.14
N MET C 115 5.89 24.94 -11.49
CA MET C 115 5.69 23.64 -12.13
C MET C 115 4.45 22.98 -11.55
N LYS C 116 3.47 22.71 -12.40
CA LYS C 116 2.25 22.07 -11.95
C LYS C 116 2.52 20.65 -11.50
N VAL C 117 1.97 20.28 -10.34
CA VAL C 117 1.97 18.90 -9.87
C VAL C 117 0.61 18.30 -10.17
N ILE C 118 0.61 17.09 -10.71
CA ILE C 118 -0.62 16.37 -11.03
C ILE C 118 -0.53 15.00 -10.38
N ASN C 119 -1.55 14.65 -9.59
CA ASN C 119 -1.61 13.36 -8.92
C ASN C 119 -2.23 12.33 -9.87
N ASP C 120 -1.45 11.33 -10.23
CA ASP C 120 -1.91 10.25 -11.08
C ASP C 120 -2.01 8.97 -10.27
N PRO C 121 -3.12 8.22 -10.37
CA PRO C 121 -3.25 6.99 -9.57
C PRO C 121 -2.21 5.93 -9.91
N ILE C 122 -1.52 6.06 -11.05
CA ILE C 122 -0.51 5.07 -11.45
C ILE C 122 0.88 5.49 -11.00
N HIS C 123 1.23 6.76 -11.23
CA HIS C 123 2.59 7.23 -11.04
C HIS C 123 2.78 8.13 -9.83
N GLY C 124 1.69 8.50 -9.14
CA GLY C 124 1.80 9.41 -8.01
C GLY C 124 1.88 10.85 -8.43
N HIS C 125 2.70 11.64 -7.75
CA HIS C 125 2.89 13.04 -8.10
C HIS C 125 3.80 13.14 -9.33
N ILE C 126 3.30 13.78 -10.38
CA ILE C 126 4.08 14.00 -11.59
C ILE C 126 4.12 15.49 -11.87
N GLU C 127 5.33 16.04 -12.01
CA GLU C 127 5.54 17.47 -12.16
C GLU C 127 5.65 17.82 -13.65
N LEU C 128 5.12 18.98 -14.01
CA LEU C 128 4.98 19.38 -15.41
C LEU C 128 5.69 20.71 -15.65
N HIS C 129 6.62 20.71 -16.60
CA HIS C 129 7.26 21.94 -17.03
C HIS C 129 6.21 22.92 -17.56
N PRO C 130 6.42 24.23 -17.40
CA PRO C 130 5.46 25.19 -17.95
C PRO C 130 5.19 25.01 -19.44
N LEU C 131 6.20 24.59 -20.21
CA LEU C 131 5.97 24.36 -21.63
C LEU C 131 5.00 23.21 -21.87
N LEU C 132 5.09 22.16 -21.04
CA LEU C 132 4.14 21.06 -21.15
C LEU C 132 2.73 21.53 -20.82
N VAL C 133 2.59 22.44 -19.85
CA VAL C 133 1.28 22.96 -19.47
C VAL C 133 0.68 23.76 -20.62
N ARG C 134 1.51 24.55 -21.31
CA ARG C 134 1.01 25.33 -22.45
C ARG C 134 0.50 24.42 -23.56
N ILE C 135 1.15 23.28 -23.76
CA ILE C 135 0.72 22.36 -24.80
C ILE C 135 -0.53 21.61 -24.36
N ILE C 136 -0.63 21.29 -23.08
CA ILE C 136 -1.78 20.55 -22.57
C ILE C 136 -3.03 21.44 -22.59
N ASP C 137 -2.89 22.70 -22.21
CA ASP C 137 -4.04 23.60 -22.12
C ASP C 137 -4.43 24.15 -23.50
N THR C 138 -4.59 23.25 -24.47
CA THR C 138 -5.07 23.55 -25.81
C THR C 138 -6.21 22.62 -26.14
N PRO C 139 -7.16 23.07 -26.98
CA PRO C 139 -8.27 22.18 -27.36
C PRO C 139 -7.81 20.94 -28.11
N GLN C 140 -6.64 20.98 -28.75
CA GLN C 140 -6.16 19.82 -29.49
C GLN C 140 -5.68 18.72 -28.56
N PHE C 141 -5.26 19.07 -27.34
CA PHE C 141 -4.84 18.08 -26.35
C PHE C 141 -5.95 17.69 -25.39
N GLN C 142 -6.73 18.66 -24.90
CA GLN C 142 -7.89 18.33 -24.08
C GLN C 142 -8.91 17.51 -24.84
N ARG C 143 -8.81 17.48 -26.18
CA ARG C 143 -9.61 16.58 -26.99
C ARG C 143 -9.47 15.13 -26.55
N LEU C 144 -8.27 14.74 -26.09
CA LEU C 144 -8.01 13.38 -25.66
C LEU C 144 -8.79 12.99 -24.42
N ARG C 145 -9.45 13.93 -23.75
CA ARG C 145 -10.31 13.60 -22.62
C ARG C 145 -11.56 12.85 -23.04
N TYR C 146 -11.95 12.93 -24.30
CA TYR C 146 -13.21 12.40 -24.80
C TYR C 146 -13.00 11.25 -25.77
N ILE C 147 -11.92 10.51 -25.61
CA ILE C 147 -11.60 9.34 -26.44
C ILE C 147 -11.19 8.23 -25.49
N LYS C 148 -12.02 7.19 -25.40
CA LYS C 148 -11.76 6.09 -24.46
C LYS C 148 -10.49 5.34 -24.85
N GLN C 149 -9.75 4.90 -23.83
CA GLN C 149 -8.50 4.18 -24.06
C GLN C 149 -8.75 2.89 -24.83
N LEU C 150 -9.69 2.07 -24.37
CA LEU C 150 -9.93 0.74 -24.94
C LEU C 150 -11.18 0.68 -25.79
N GLY C 151 -11.83 1.82 -26.05
CA GLY C 151 -13.00 1.85 -26.91
C GLY C 151 -14.18 1.06 -26.37
N GLY C 152 -14.53 -0.02 -27.06
CA GLY C 152 -15.66 -0.84 -26.65
C GLY C 152 -15.41 -1.72 -25.44
N GLY C 153 -14.15 -1.79 -24.97
CA GLY C 153 -13.88 -2.59 -23.78
C GLY C 153 -14.54 -2.07 -22.53
N TYR C 154 -14.85 -0.76 -22.50
CA TYR C 154 -15.52 -0.18 -21.35
C TYR C 154 -16.89 -0.82 -21.12
N TYR C 155 -17.58 -1.20 -22.19
CA TYR C 155 -18.90 -1.81 -22.05
C TYR C 155 -18.83 -3.23 -21.53
N VAL C 156 -17.65 -3.85 -21.53
CA VAL C 156 -17.44 -5.14 -20.88
C VAL C 156 -16.77 -4.97 -19.53
N PHE C 157 -15.71 -4.16 -19.48
CA PHE C 157 -15.01 -3.87 -18.23
C PHE C 157 -15.49 -2.54 -17.70
N PRO C 158 -16.29 -2.51 -16.62
CA PRO C 158 -16.76 -1.20 -16.11
C PRO C 158 -15.62 -0.29 -15.69
N GLY C 159 -14.60 -0.83 -15.03
CA GLY C 159 -13.49 0.00 -14.58
C GLY C 159 -12.68 0.65 -15.68
N ALA C 160 -12.85 0.22 -16.92
CA ALA C 160 -12.05 0.71 -18.04
C ALA C 160 -12.69 1.97 -18.66
N SER C 161 -12.85 2.99 -17.82
CA SER C 161 -13.40 4.27 -18.25
C SER C 161 -12.32 5.28 -18.61
N HIS C 162 -11.04 4.92 -18.45
CA HIS C 162 -9.95 5.86 -18.68
C HIS C 162 -9.86 6.25 -20.16
N ASN C 163 -9.45 7.49 -20.40
CA ASN C 163 -9.36 8.06 -21.74
C ASN C 163 -7.90 8.25 -22.13
N ARG C 164 -7.70 8.75 -23.35
CA ARG C 164 -6.35 8.96 -23.87
C ARG C 164 -5.64 10.13 -23.20
N PHE C 165 -6.38 10.99 -22.51
CA PHE C 165 -5.76 12.17 -21.89
C PHE C 165 -4.81 11.77 -20.77
N GLU C 166 -5.32 11.07 -19.76
CA GLU C 166 -4.50 10.70 -18.62
C GLU C 166 -3.37 9.75 -19.03
N HIS C 167 -3.60 8.91 -20.03
CA HIS C 167 -2.54 8.04 -20.52
C HIS C 167 -1.42 8.84 -21.18
N SER C 168 -1.79 9.88 -21.95
CA SER C 168 -0.78 10.72 -22.59
C SER C 168 0.05 11.47 -21.56
N LEU C 169 -0.55 11.83 -20.43
CA LEU C 169 0.22 12.47 -19.36
C LEU C 169 1.21 11.49 -18.75
N GLY C 170 0.84 10.20 -18.67
CA GLY C 170 1.73 9.22 -18.09
C GLY C 170 2.91 8.89 -18.98
N VAL C 171 2.68 8.81 -20.29
CA VAL C 171 3.76 8.53 -21.22
C VAL C 171 4.79 9.65 -21.21
N GLY C 172 4.32 10.91 -21.17
CA GLY C 172 5.25 12.03 -21.09
C GLY C 172 6.04 12.03 -19.80
N TYR C 173 5.41 11.63 -18.69
CA TYR C 173 6.12 11.55 -17.42
C TYR C 173 7.16 10.44 -17.44
N LEU C 174 6.77 9.25 -17.91
CA LEU C 174 7.70 8.13 -17.97
C LEU C 174 8.82 8.39 -18.98
N ALA C 175 8.51 9.07 -20.08
CA ALA C 175 9.55 9.43 -21.04
C ALA C 175 10.59 10.34 -20.41
N GLY C 176 10.13 11.37 -19.68
CA GLY C 176 11.06 12.24 -18.99
C GLY C 176 11.83 11.53 -17.89
N CYS C 177 11.22 10.54 -17.25
CA CYS C 177 11.90 9.79 -16.21
C CYS C 177 13.06 8.98 -16.78
N LEU C 178 12.85 8.33 -17.92
CA LEU C 178 13.88 7.49 -18.51
C LEU C 178 15.05 8.33 -19.03
N VAL C 179 14.75 9.42 -19.74
CA VAL C 179 15.82 10.23 -20.33
C VAL C 179 16.58 10.97 -19.25
N HIS C 180 15.90 11.40 -18.18
CA HIS C 180 16.57 12.12 -17.11
C HIS C 180 17.42 11.17 -16.27
N ALA C 181 16.95 9.93 -16.08
CA ALA C 181 17.75 8.95 -15.34
C ALA C 181 19.02 8.60 -16.11
N LEU C 182 18.91 8.38 -17.42
CA LEU C 182 20.08 8.06 -18.21
C LEU C 182 21.08 9.21 -18.24
N GLY C 183 20.60 10.44 -18.07
CA GLY C 183 21.46 11.61 -18.10
C GLY C 183 22.29 11.78 -16.85
N GLU C 184 21.70 11.47 -15.68
CA GLU C 184 22.43 11.62 -14.42
C GLU C 184 23.45 10.49 -14.23
N LYS C 185 23.08 9.26 -14.57
CA LYS C 185 24.02 8.15 -14.49
C LYS C 185 25.20 8.36 -15.43
N GLN C 186 24.91 8.74 -16.68
CA GLN C 186 25.90 8.81 -17.75
C GLN C 186 25.97 10.23 -18.29
N PRO C 187 26.75 11.11 -17.66
CA PRO C 187 26.91 12.46 -18.21
C PRO C 187 27.61 12.49 -19.56
N GLU C 188 28.34 11.43 -19.90
CA GLU C 188 29.03 11.39 -21.20
C GLU C 188 28.07 11.35 -22.37
N LEU C 189 26.82 10.92 -22.15
CA LEU C 189 25.82 10.98 -23.21
C LEU C 189 25.49 12.42 -23.59
N GLN C 190 25.74 13.37 -22.69
CA GLN C 190 25.48 14.79 -22.91
C GLN C 190 24.00 15.02 -23.23
N ILE C 191 23.16 14.65 -22.27
CA ILE C 191 21.72 14.85 -22.38
C ILE C 191 21.39 16.21 -21.79
N SER C 192 20.98 17.15 -22.64
CA SER C 192 20.66 18.48 -22.19
C SER C 192 19.24 18.53 -21.64
N GLU C 193 18.94 19.60 -20.89
CA GLU C 193 17.58 19.82 -20.42
C GLU C 193 16.61 19.98 -21.57
N ARG C 194 17.08 20.54 -22.70
CA ARG C 194 16.23 20.65 -23.88
C ARG C 194 15.92 19.27 -24.45
N ASP C 195 16.88 18.34 -24.38
CA ASP C 195 16.61 16.97 -24.81
C ASP C 195 15.53 16.32 -23.97
N VAL C 196 15.55 16.57 -22.66
CA VAL C 196 14.54 15.99 -21.77
C VAL C 196 13.17 16.56 -22.10
N LEU C 197 13.08 17.87 -22.32
CA LEU C 197 11.81 18.50 -22.66
C LEU C 197 11.27 17.97 -23.99
N CYS C 198 12.16 17.74 -24.95
CA CYS C 198 11.72 17.24 -26.25
C CYS C 198 11.21 15.81 -26.17
N VAL C 199 11.79 15.01 -25.26
CA VAL C 199 11.31 13.64 -25.09
C VAL C 199 9.98 13.63 -24.35
N GLN C 200 9.78 14.57 -23.43
CA GLN C 200 8.52 14.66 -22.72
C GLN C 200 7.38 15.06 -23.66
N ILE C 201 7.61 16.07 -24.51
CA ILE C 201 6.56 16.55 -25.40
C ILE C 201 6.11 15.44 -26.35
N ALA C 202 7.06 14.69 -26.90
CA ALA C 202 6.70 13.62 -27.82
C ALA C 202 5.96 12.50 -27.10
N GLY C 203 6.38 12.15 -25.89
CA GLY C 203 5.61 11.22 -25.09
C GLY C 203 4.26 11.79 -24.69
N LEU C 204 4.18 13.12 -24.55
CA LEU C 204 2.91 13.75 -24.22
C LEU C 204 1.96 13.76 -25.41
N CYS C 205 2.49 13.97 -26.62
CA CYS C 205 1.67 14.20 -27.81
C CYS C 205 1.67 13.03 -28.78
N HIS C 206 2.21 11.88 -28.38
CA HIS C 206 2.30 10.75 -29.31
C HIS C 206 0.94 10.21 -29.70
N ASP C 207 -0.07 10.38 -28.84
CA ASP C 207 -1.41 9.86 -29.09
C ASP C 207 -2.39 10.94 -29.55
N LEU C 208 -1.89 12.05 -30.10
CA LEU C 208 -2.77 13.14 -30.49
C LEU C 208 -3.69 12.74 -31.64
N GLY C 209 -3.29 11.77 -32.46
CA GLY C 209 -4.01 11.42 -33.66
C GLY C 209 -5.07 10.35 -33.51
N HIS C 210 -5.42 9.95 -32.29
CA HIS C 210 -6.43 8.93 -32.11
C HIS C 210 -7.81 9.48 -32.45
N GLY C 211 -8.64 8.61 -33.04
CA GLY C 211 -10.00 8.97 -33.35
C GLY C 211 -10.97 8.42 -32.31
N PRO C 212 -12.27 8.50 -32.59
CA PRO C 212 -13.27 7.95 -31.66
C PRO C 212 -13.00 6.50 -31.30
N PHE C 213 -12.89 6.23 -30.00
CA PHE C 213 -12.72 4.89 -29.45
C PHE C 213 -11.37 4.27 -29.85
N SER C 214 -10.37 5.13 -30.08
CA SER C 214 -8.96 4.73 -30.17
C SER C 214 -8.77 3.75 -31.33
N HIS C 215 -8.23 2.56 -31.10
CA HIS C 215 -7.81 1.66 -32.17
C HIS C 215 -8.97 1.16 -33.01
N MET C 216 -10.22 1.40 -32.60
CA MET C 216 -11.35 1.06 -33.45
C MET C 216 -11.41 1.94 -34.68
N PHE C 217 -10.96 3.19 -34.58
CA PHE C 217 -11.09 4.13 -35.68
C PHE C 217 -10.12 3.82 -36.81
N ASP C 218 -8.81 3.94 -36.53
CA ASP C 218 -7.82 3.67 -37.56
C ASP C 218 -7.63 2.19 -37.81
N GLY C 219 -8.05 1.33 -36.89
CA GLY C 219 -7.90 -0.11 -37.09
C GLY C 219 -9.01 -0.75 -37.87
N ARG C 220 -10.23 -0.22 -37.78
CA ARG C 220 -11.35 -0.85 -38.46
C ARG C 220 -12.14 0.13 -39.33
N PHE C 221 -12.57 1.25 -38.76
CA PHE C 221 -13.51 2.14 -39.45
C PHE C 221 -12.91 2.70 -40.72
N ILE C 222 -11.75 3.37 -40.61
CA ILE C 222 -11.14 3.97 -41.79
C ILE C 222 -10.78 2.93 -42.85
N PRO C 223 -10.23 1.75 -42.52
CA PRO C 223 -10.10 0.71 -43.55
C PRO C 223 -11.43 0.37 -44.22
N LEU C 224 -12.51 0.29 -43.46
CA LEU C 224 -13.81 -0.03 -44.04
C LEU C 224 -14.45 1.16 -44.73
N ALA C 225 -14.22 2.37 -44.21
CA ALA C 225 -14.82 3.56 -44.82
C ALA C 225 -14.07 3.98 -46.07
N ARG C 226 -12.73 3.96 -46.02
CA ARG C 226 -11.90 4.38 -47.16
C ARG C 226 -10.75 3.39 -47.31
N PRO C 227 -10.95 2.31 -48.08
CA PRO C 227 -9.88 1.32 -48.23
C PRO C 227 -8.66 1.85 -48.95
N GLU C 228 -8.83 2.83 -49.84
CA GLU C 228 -7.71 3.37 -50.60
C GLU C 228 -6.75 4.18 -49.73
N VAL C 229 -7.22 4.66 -48.58
CA VAL C 229 -6.41 5.51 -47.71
C VAL C 229 -5.60 4.63 -46.77
N LYS C 230 -4.30 4.91 -46.68
CA LYS C 230 -3.41 4.25 -45.72
C LYS C 230 -3.18 5.22 -44.57
N TRP C 231 -4.00 5.09 -43.52
CA TRP C 231 -4.04 6.03 -42.42
C TRP C 231 -3.73 5.33 -41.11
N THR C 232 -2.94 5.99 -40.27
CA THR C 232 -2.64 5.52 -38.92
C THR C 232 -2.83 6.67 -37.94
N HIS C 233 -3.09 6.33 -36.68
CA HIS C 233 -3.21 7.37 -35.67
C HIS C 233 -1.87 8.04 -35.36
N GLU C 234 -0.75 7.38 -35.68
CA GLU C 234 0.55 8.04 -35.55
C GLU C 234 0.73 9.12 -36.62
N GLN C 235 0.17 8.90 -37.81
CA GLN C 235 0.14 9.96 -38.82
C GLN C 235 -0.67 11.16 -38.32
N GLY C 236 -1.82 10.89 -37.69
CA GLY C 236 -2.62 11.97 -37.15
C GLY C 236 -1.96 12.69 -35.99
N SER C 237 -1.17 11.96 -35.20
CA SER C 237 -0.44 12.59 -34.10
C SER C 237 0.55 13.62 -34.64
N VAL C 238 1.23 13.29 -35.74
CA VAL C 238 2.11 14.26 -36.37
C VAL C 238 1.31 15.44 -36.91
N MET C 239 0.16 15.17 -37.51
CA MET C 239 -0.67 16.24 -38.05
C MET C 239 -1.30 17.07 -36.94
N MET C 240 -1.84 16.41 -35.91
CA MET C 240 -2.47 17.15 -34.82
C MET C 240 -1.46 17.91 -33.97
N PHE C 241 -0.24 17.39 -33.85
CA PHE C 241 0.81 18.13 -33.15
C PHE C 241 1.12 19.44 -33.87
N GLU C 242 1.24 19.38 -35.20
CA GLU C 242 1.50 20.60 -35.97
C GLU C 242 0.33 21.56 -35.86
N HIS C 243 -0.90 21.04 -35.89
CA HIS C 243 -2.08 21.88 -35.72
C HIS C 243 -2.10 22.49 -34.32
N LEU C 244 -1.61 21.75 -33.32
CA LEU C 244 -1.56 22.27 -31.96
C LEU C 244 -0.54 23.41 -31.85
N ILE C 245 0.65 23.21 -32.42
CA ILE C 245 1.71 24.21 -32.28
C ILE C 245 1.30 25.53 -32.94
N ASN C 246 0.69 25.46 -34.12
CA ASN C 246 0.41 26.66 -34.89
C ASN C 246 -0.79 27.43 -34.36
N SER C 247 -1.77 26.74 -33.78
CA SER C 247 -3.00 27.38 -33.31
C SER C 247 -2.89 27.93 -31.91
N ASN C 248 -1.77 27.71 -31.20
CA ASN C 248 -1.67 28.14 -29.82
C ASN C 248 -0.36 28.84 -29.50
N GLY C 249 0.41 29.26 -30.51
CA GLY C 249 1.64 29.99 -30.28
C GLY C 249 2.63 29.29 -29.37
N ILE C 250 2.96 28.03 -29.67
CA ILE C 250 3.87 27.28 -28.82
C ILE C 250 5.33 27.53 -29.20
N LYS C 251 5.61 27.81 -30.47
CA LYS C 251 6.97 28.08 -30.91
C LYS C 251 7.66 29.19 -30.12
N PRO C 252 7.02 30.34 -29.85
CA PRO C 252 7.68 31.31 -28.95
C PRO C 252 7.91 30.76 -27.55
N VAL C 253 6.96 29.99 -27.01
CA VAL C 253 7.16 29.37 -25.71
C VAL C 253 8.25 28.33 -25.77
N MET C 254 8.37 27.63 -26.90
CA MET C 254 9.49 26.69 -27.07
C MET C 254 10.83 27.42 -27.08
N GLU C 255 10.91 28.50 -27.86
CA GLU C 255 12.13 29.30 -27.88
C GLU C 255 12.43 29.90 -26.52
N GLN C 256 11.38 30.24 -25.76
CA GLN C 256 11.57 30.84 -24.44
C GLN C 256 12.31 29.90 -23.49
N TYR C 257 12.11 28.59 -23.65
CA TYR C 257 12.72 27.60 -22.78
C TYR C 257 13.88 26.86 -23.46
N GLY C 258 14.59 27.55 -24.34
CA GLY C 258 15.82 27.02 -24.89
C GLY C 258 15.68 25.98 -25.97
N LEU C 259 14.50 25.85 -26.58
CA LEU C 259 14.28 24.89 -27.64
C LEU C 259 14.45 25.54 -29.00
N ILE C 260 14.82 24.73 -29.98
CA ILE C 260 14.91 25.18 -31.37
C ILE C 260 13.75 24.54 -32.13
N PRO C 261 12.67 25.28 -32.40
CA PRO C 261 11.53 24.69 -33.11
C PRO C 261 11.90 24.04 -34.43
N GLU C 262 12.94 24.55 -35.10
CA GLU C 262 13.33 24.00 -36.40
C GLU C 262 13.73 22.54 -36.26
N GLU C 263 14.65 22.25 -35.34
CA GLU C 263 15.11 20.88 -35.15
C GLU C 263 14.19 20.09 -34.22
N ASP C 264 13.71 20.73 -33.15
CA ASP C 264 13.05 19.98 -32.08
C ASP C 264 11.65 19.53 -32.48
N ILE C 265 10.92 20.35 -33.24
CA ILE C 265 9.61 19.93 -33.72
C ILE C 265 9.74 18.73 -34.64
N CYS C 266 10.74 18.75 -35.52
CA CYS C 266 11.03 17.59 -36.35
C CYS C 266 11.52 16.42 -35.51
N PHE C 267 12.27 16.71 -34.43
CA PHE C 267 12.73 15.66 -33.53
C PHE C 267 11.55 15.01 -32.81
N ILE C 268 10.60 15.81 -32.35
CA ILE C 268 9.44 15.28 -31.65
C ILE C 268 8.57 14.46 -32.60
N LYS C 269 8.34 14.98 -33.80
CA LYS C 269 7.57 14.22 -34.80
C LYS C 269 8.28 12.92 -35.16
N GLU C 270 9.60 12.94 -35.24
CA GLU C 270 10.34 11.76 -35.66
C GLU C 270 10.21 10.63 -34.64
N GLN C 271 10.35 10.94 -33.36
CA GLN C 271 10.23 9.88 -32.35
C GLN C 271 8.77 9.56 -32.01
N ILE C 272 7.82 10.09 -32.77
CA ILE C 272 6.43 9.68 -32.69
C ILE C 272 6.07 8.71 -33.80
N VAL C 273 6.42 9.07 -35.05
CA VAL C 273 6.08 8.25 -36.19
C VAL C 273 7.29 7.52 -36.78
N GLY C 274 8.50 8.04 -36.61
CA GLY C 274 9.67 7.44 -37.19
C GLY C 274 10.28 8.32 -38.26
N PRO C 275 11.15 7.76 -39.08
CA PRO C 275 11.73 8.52 -40.19
C PRO C 275 10.68 8.83 -41.25
N LEU C 276 10.97 9.84 -42.05
CA LEU C 276 10.06 10.24 -43.13
C LEU C 276 10.30 9.45 -44.41
N GLU C 277 11.48 8.85 -44.58
CA GLU C 277 11.77 8.04 -45.75
C GLU C 277 11.90 6.57 -45.39
N LEU C 284 22.17 3.94 -43.90
CA LEU C 284 22.73 5.07 -43.14
C LEU C 284 21.71 5.59 -42.13
N TRP C 285 22.17 6.47 -41.25
CA TRP C 285 21.33 7.06 -40.21
C TRP C 285 20.25 7.92 -40.83
N PRO C 286 18.96 7.58 -40.69
CA PRO C 286 17.91 8.31 -41.42
C PRO C 286 17.23 9.42 -40.63
N TYR C 287 17.46 9.47 -39.32
CA TYR C 287 16.85 10.52 -38.51
C TYR C 287 17.59 11.84 -38.69
N LYS C 288 16.84 12.94 -38.61
CA LYS C 288 17.39 14.26 -38.89
C LYS C 288 16.98 15.30 -37.84
N GLY C 289 16.41 14.89 -36.72
CA GLY C 289 16.12 15.81 -35.63
C GLY C 289 17.26 15.81 -34.63
N ARG C 290 17.98 14.70 -34.55
CA ARG C 290 19.14 14.54 -33.69
C ARG C 290 20.18 13.70 -34.42
N PRO C 291 21.46 13.91 -34.14
CA PRO C 291 22.51 13.13 -34.82
C PRO C 291 22.59 11.69 -34.33
N GLU C 292 23.52 10.92 -34.90
CA GLU C 292 23.58 9.49 -34.62
C GLU C 292 24.08 9.20 -33.21
N ASN C 293 24.94 10.06 -32.65
CA ASN C 293 25.48 9.81 -31.32
C ASN C 293 24.42 9.91 -30.24
N LYS C 294 23.26 10.51 -30.53
CA LYS C 294 22.11 10.48 -29.64
C LYS C 294 21.04 9.50 -30.12
N SER C 295 21.47 8.33 -30.61
CA SER C 295 20.56 7.37 -31.20
C SER C 295 19.58 6.82 -30.18
N PHE C 296 20.02 6.65 -28.94
CA PHE C 296 19.19 6.04 -27.91
C PHE C 296 17.94 6.86 -27.61
N LEU C 297 17.94 8.15 -27.93
CA LEU C 297 16.79 9.00 -27.63
C LEU C 297 15.54 8.58 -28.39
N TYR C 298 15.69 7.88 -29.51
CA TYR C 298 14.55 7.43 -30.31
C TYR C 298 13.97 6.10 -29.82
N GLU C 299 14.51 5.53 -28.75
CA GLU C 299 14.04 4.26 -28.22
C GLU C 299 13.10 4.42 -27.03
N ILE C 300 12.82 5.65 -26.60
CA ILE C 300 12.10 5.90 -25.37
C ILE C 300 10.59 5.89 -25.60
N VAL C 301 10.11 6.80 -26.44
CA VAL C 301 8.67 6.99 -26.58
C VAL C 301 8.06 5.88 -27.44
N SER C 302 8.61 5.66 -28.63
CA SER C 302 8.11 4.64 -29.57
C SER C 302 9.30 3.86 -30.10
N ASN C 303 9.59 2.72 -29.45
CA ASN C 303 10.70 1.88 -29.88
C ASN C 303 10.27 1.02 -31.07
N LYS C 304 11.12 0.95 -32.08
CA LYS C 304 10.83 0.21 -33.29
C LYS C 304 11.51 -1.16 -33.35
N ARG C 305 12.64 -1.31 -32.67
CA ARG C 305 13.40 -2.57 -32.75
C ARG C 305 12.68 -3.69 -31.99
N ASN C 306 12.39 -3.48 -30.71
CA ASN C 306 11.71 -4.46 -29.89
C ASN C 306 10.31 -4.06 -29.45
N GLY C 307 9.85 -2.85 -29.78
CA GLY C 307 8.56 -2.37 -29.34
C GLY C 307 8.47 -1.96 -27.89
N ILE C 308 9.38 -2.44 -27.04
CA ILE C 308 9.33 -2.10 -25.62
C ILE C 308 9.71 -0.65 -25.43
N ASP C 309 8.79 0.14 -24.88
CA ASP C 309 8.99 1.57 -24.71
C ASP C 309 8.15 2.05 -23.54
N VAL C 310 8.38 3.32 -23.15
CA VAL C 310 7.61 3.89 -22.05
C VAL C 310 6.14 4.02 -22.40
N ASP C 311 5.80 3.98 -23.68
CA ASP C 311 4.40 4.02 -24.08
C ASP C 311 3.67 2.75 -23.63
N LYS C 312 4.21 1.59 -23.97
CA LYS C 312 3.60 0.33 -23.54
C LYS C 312 3.64 0.20 -22.03
N TRP C 313 4.68 0.75 -21.37
CA TRP C 313 4.78 0.64 -19.92
C TRP C 313 3.62 1.33 -19.23
N ASP C 314 3.17 2.47 -19.76
CA ASP C 314 2.08 3.21 -19.13
C ASP C 314 0.77 2.44 -19.24
N TYR C 315 0.41 2.00 -20.45
CA TYR C 315 -0.86 1.31 -20.59
C TYR C 315 -0.77 -0.17 -20.21
N PHE C 316 0.41 -0.67 -19.86
CA PHE C 316 0.46 -1.94 -19.15
C PHE C 316 0.01 -1.76 -17.70
N ALA C 317 0.41 -0.66 -17.08
CA ALA C 317 0.05 -0.41 -15.69
C ALA C 317 -1.33 0.25 -15.57
N ARG C 318 -1.64 1.19 -16.47
CA ARG C 318 -2.92 1.88 -16.38
C ARG C 318 -4.08 0.97 -16.70
N ASP C 319 -3.95 0.13 -17.74
CA ASP C 319 -5.02 -0.80 -18.08
C ASP C 319 -5.22 -1.82 -16.96
N CYS C 320 -4.14 -2.42 -16.48
CA CYS C 320 -4.22 -3.34 -15.35
C CYS C 320 -4.95 -2.70 -14.17
N HIS C 321 -4.67 -1.41 -13.93
CA HIS C 321 -5.31 -0.70 -12.82
C HIS C 321 -6.81 -0.58 -13.02
N HIS C 322 -7.26 -0.44 -14.27
CA HIS C 322 -8.67 -0.23 -14.56
C HIS C 322 -9.41 -1.51 -14.93
N LEU C 323 -8.71 -2.56 -15.34
CA LEU C 323 -9.33 -3.81 -15.74
C LEU C 323 -9.42 -4.83 -14.61
N GLY C 324 -8.77 -4.57 -13.48
CA GLY C 324 -8.75 -5.55 -12.41
C GLY C 324 -7.74 -6.65 -12.60
N ILE C 325 -6.71 -6.43 -13.42
CA ILE C 325 -5.65 -7.40 -13.67
C ILE C 325 -4.39 -6.92 -12.98
N GLN C 326 -3.60 -7.86 -12.45
CA GLN C 326 -2.40 -7.50 -11.72
C GLN C 326 -1.24 -7.24 -12.67
N ASN C 327 -0.51 -6.15 -12.43
CA ASN C 327 0.67 -5.79 -13.21
C ASN C 327 1.91 -6.24 -12.46
N ASN C 328 2.67 -7.16 -13.05
CA ASN C 328 3.86 -7.73 -12.42
C ASN C 328 5.15 -7.05 -12.87
N PHE C 329 5.05 -5.98 -13.66
CA PHE C 329 6.23 -5.28 -14.16
C PHE C 329 6.44 -4.00 -13.36
N ASP C 330 7.59 -3.91 -12.70
CA ASP C 330 7.98 -2.69 -11.98
C ASP C 330 8.78 -1.83 -12.94
N TYR C 331 8.10 -0.88 -13.59
CA TYR C 331 8.79 -0.01 -14.54
C TYR C 331 9.71 0.97 -13.82
N LYS C 332 9.35 1.39 -12.60
CA LYS C 332 10.25 2.23 -11.82
C LYS C 332 11.57 1.52 -11.55
N ARG C 333 11.50 0.22 -11.23
CA ARG C 333 12.72 -0.56 -11.02
C ARG C 333 13.51 -0.69 -12.31
N PHE C 334 12.83 -0.91 -13.43
CA PHE C 334 13.51 -1.04 -14.72
C PHE C 334 14.17 0.27 -15.12
N ILE C 335 13.51 1.40 -14.86
CA ILE C 335 14.09 2.69 -15.22
C ILE C 335 15.31 3.00 -14.37
N LYS C 336 15.29 2.59 -13.10
CA LYS C 336 16.39 2.91 -12.20
C LYS C 336 17.70 2.28 -12.65
N PHE C 337 17.65 1.13 -13.33
CA PHE C 337 18.86 0.41 -13.73
C PHE C 337 19.08 0.44 -15.23
N ALA C 338 18.34 1.26 -15.97
CA ALA C 338 18.56 1.36 -17.40
C ALA C 338 19.87 2.09 -17.69
N ARG C 339 20.53 1.67 -18.77
CA ARG C 339 21.81 2.25 -19.15
C ARG C 339 21.97 2.20 -20.66
N VAL C 340 22.73 3.15 -21.19
CA VAL C 340 23.05 3.20 -22.62
C VAL C 340 24.39 2.52 -22.82
N CYS C 341 24.39 1.45 -23.62
CA CYS C 341 25.59 0.66 -23.87
C CYS C 341 25.77 0.46 -25.37
N GLU C 342 27.01 0.13 -25.75
CA GLU C 342 27.37 -0.02 -27.17
C GLU C 342 27.03 -1.44 -27.62
N VAL C 343 26.21 -1.54 -28.67
CA VAL C 343 25.79 -2.81 -29.24
C VAL C 343 26.04 -2.74 -30.74
N ASP C 344 27.03 -3.50 -31.22
CA ASP C 344 27.40 -3.51 -32.64
C ASP C 344 27.74 -2.10 -33.14
N ASN C 345 28.59 -1.41 -32.37
CA ASN C 345 28.98 -0.04 -32.66
C ASN C 345 27.76 0.88 -32.76
N GLU C 346 26.80 0.68 -31.86
CA GLU C 346 25.59 1.49 -31.80
C GLU C 346 25.23 1.75 -30.35
N LEU C 347 24.74 2.95 -30.08
CA LEU C 347 24.31 3.32 -28.73
C LEU C 347 22.83 2.97 -28.58
N ARG C 348 22.55 1.99 -27.71
CA ARG C 348 21.19 1.54 -27.45
C ARG C 348 20.92 1.55 -25.96
N ILE C 349 19.65 1.58 -25.59
CA ILE C 349 19.26 1.49 -24.19
C ILE C 349 19.30 0.02 -23.78
N CYS C 350 20.11 -0.27 -22.76
CA CYS C 350 20.37 -1.65 -22.34
C CYS C 350 19.86 -1.84 -20.92
N ALA C 351 19.43 -3.07 -20.64
CA ALA C 351 18.87 -3.43 -19.35
C ALA C 351 19.91 -4.17 -18.50
N ARG C 352 19.82 -3.97 -17.19
CA ARG C 352 20.64 -4.76 -16.28
C ARG C 352 20.28 -6.23 -16.41
N ASP C 353 21.31 -7.09 -16.53
CA ASP C 353 21.06 -8.51 -16.74
C ASP C 353 20.26 -9.11 -15.60
N LYS C 354 20.35 -8.54 -14.41
CA LYS C 354 19.56 -8.98 -13.26
C LYS C 354 18.16 -8.39 -13.25
N GLU C 355 17.77 -7.69 -14.31
CA GLU C 355 16.40 -7.24 -14.50
C GLU C 355 15.62 -8.14 -15.46
N VAL C 356 16.20 -9.26 -15.88
CA VAL C 356 15.55 -10.13 -16.84
C VAL C 356 14.30 -10.77 -16.24
N GLY C 357 14.28 -10.98 -14.92
CA GLY C 357 13.08 -11.49 -14.28
C GLY C 357 11.94 -10.48 -14.32
N ASN C 358 12.27 -9.20 -14.11
CA ASN C 358 11.26 -8.15 -14.27
C ASN C 358 10.82 -8.02 -15.72
N LEU C 359 11.73 -8.29 -16.67
CA LEU C 359 11.36 -8.20 -18.08
C LEU C 359 10.48 -9.37 -18.49
N TYR C 360 10.74 -10.57 -17.98
CA TYR C 360 9.84 -11.70 -18.21
C TYR C 360 8.45 -11.39 -17.69
N ASP C 361 8.36 -10.71 -16.54
CA ASP C 361 7.06 -10.36 -15.99
C ASP C 361 6.32 -9.35 -16.84
N MET C 362 7.06 -8.49 -17.56
CA MET C 362 6.42 -7.54 -18.45
C MET C 362 5.75 -8.24 -19.62
N PHE C 363 6.41 -9.23 -20.20
CA PHE C 363 5.84 -9.93 -21.35
C PHE C 363 4.62 -10.75 -20.94
N HIS C 364 4.66 -11.38 -19.77
CA HIS C 364 3.51 -12.15 -19.31
C HIS C 364 2.34 -11.23 -18.94
N THR C 365 2.65 -10.06 -18.37
CA THR C 365 1.60 -9.08 -18.10
C THR C 365 0.98 -8.57 -19.40
N ARG C 366 1.79 -8.41 -20.44
CA ARG C 366 1.27 -8.00 -21.74
C ARG C 366 0.40 -9.09 -22.35
N ASN C 367 0.80 -10.35 -22.18
CA ASN C 367 -0.01 -11.46 -22.68
C ASN C 367 -1.35 -11.53 -21.96
N SER C 368 -1.34 -11.40 -20.63
CA SER C 368 -2.58 -11.42 -19.87
C SER C 368 -3.53 -10.32 -20.32
N LEU C 369 -2.99 -9.13 -20.59
CA LEU C 369 -3.84 -8.03 -21.02
C LEU C 369 -4.46 -8.31 -22.39
N HIS C 370 -3.70 -8.92 -23.30
CA HIS C 370 -4.25 -9.24 -24.62
C HIS C 370 -5.28 -10.35 -24.53
N ARG C 371 -5.00 -11.39 -23.73
CA ARG C 371 -5.88 -12.56 -23.71
C ARG C 371 -7.17 -12.28 -22.96
N ARG C 372 -7.10 -11.47 -21.89
CA ARG C 372 -8.27 -11.24 -21.05
C ARG C 372 -9.03 -9.97 -21.39
N ALA C 373 -8.39 -8.99 -22.03
CA ALA C 373 -9.03 -7.69 -22.23
C ALA C 373 -9.05 -7.25 -23.68
N TYR C 374 -7.89 -7.32 -24.36
CA TYR C 374 -7.81 -6.79 -25.71
C TYR C 374 -8.54 -7.69 -26.70
N GLN C 375 -8.43 -9.01 -26.54
CA GLN C 375 -9.07 -9.96 -27.43
C GLN C 375 -10.39 -10.48 -26.89
N HIS C 376 -11.04 -9.71 -26.01
CA HIS C 376 -12.29 -10.17 -25.41
C HIS C 376 -13.36 -10.37 -26.48
N LYS C 377 -14.14 -11.44 -26.33
CA LYS C 377 -15.11 -11.82 -27.35
C LYS C 377 -16.16 -10.73 -27.56
N VAL C 378 -16.89 -10.38 -26.49
CA VAL C 378 -17.95 -9.40 -26.63
C VAL C 378 -17.37 -8.00 -26.82
N GLY C 379 -16.22 -7.71 -26.19
CA GLY C 379 -15.63 -6.39 -26.32
C GLY C 379 -15.32 -6.01 -27.76
N ASN C 380 -14.82 -6.97 -28.54
CA ASN C 380 -14.54 -6.69 -29.95
C ASN C 380 -15.81 -6.67 -30.78
N ILE C 381 -16.85 -7.39 -30.36
CA ILE C 381 -18.12 -7.37 -31.07
C ILE C 381 -18.73 -5.97 -31.03
N ILE C 382 -18.64 -5.31 -29.87
CA ILE C 382 -19.18 -3.96 -29.73
C ILE C 382 -18.39 -2.97 -30.59
N ASP C 383 -17.08 -3.19 -30.73
CA ASP C 383 -16.30 -2.31 -31.60
C ASP C 383 -16.79 -2.39 -33.04
N THR C 384 -17.11 -3.59 -33.53
CA THR C 384 -17.66 -3.73 -34.88
C THR C 384 -19.09 -3.20 -34.96
N MET C 385 -19.80 -3.13 -33.85
CA MET C 385 -21.14 -2.56 -33.85
C MET C 385 -21.08 -1.03 -33.89
N ILE C 386 -20.19 -0.43 -33.11
CA ILE C 386 -20.00 1.01 -33.19
C ILE C 386 -19.52 1.41 -34.58
N THR C 387 -18.59 0.64 -35.15
CA THR C 387 -18.11 0.92 -36.49
C THR C 387 -19.23 0.77 -37.51
N ASP C 388 -20.07 -0.25 -37.36
CA ASP C 388 -21.19 -0.43 -38.28
C ASP C 388 -22.16 0.75 -38.21
N ALA C 389 -22.44 1.24 -37.00
CA ALA C 389 -23.29 2.42 -36.88
C ALA C 389 -22.59 3.66 -37.44
N PHE C 390 -21.29 3.78 -37.22
CA PHE C 390 -20.54 4.90 -37.79
C PHE C 390 -20.64 4.91 -39.32
N LEU C 391 -20.60 3.72 -39.93
CA LEU C 391 -20.66 3.64 -41.38
C LEU C 391 -22.03 4.05 -41.91
N LYS C 392 -23.09 3.57 -41.27
CA LYS C 392 -24.45 3.94 -41.67
C LYS C 392 -24.77 5.41 -41.40
N ALA C 393 -23.94 6.09 -40.62
CA ALA C 393 -24.12 7.51 -40.34
C ALA C 393 -23.14 8.40 -41.09
N ASP C 394 -22.17 7.81 -41.79
CA ASP C 394 -21.11 8.60 -42.41
C ASP C 394 -21.66 9.56 -43.45
N ASP C 395 -22.70 9.16 -44.18
CA ASP C 395 -23.26 9.99 -45.23
C ASP C 395 -24.03 11.19 -44.70
N TYR C 396 -24.32 11.24 -43.41
CA TYR C 396 -25.26 12.22 -42.87
C TYR C 396 -24.72 13.06 -41.72
N ILE C 397 -23.68 12.61 -41.01
CA ILE C 397 -23.05 13.44 -39.99
C ILE C 397 -22.15 14.47 -40.67
N GLU C 398 -22.13 15.69 -40.14
CA GLU C 398 -21.36 16.78 -40.72
C GLU C 398 -20.49 17.41 -39.65
N ILE C 399 -19.20 17.50 -39.91
CA ILE C 399 -18.24 18.14 -39.01
C ILE C 399 -17.66 19.35 -39.73
N THR C 400 -17.81 20.52 -39.12
CA THR C 400 -17.36 21.76 -39.73
C THR C 400 -15.85 21.91 -39.55
N GLY C 401 -15.13 22.04 -40.66
CA GLY C 401 -13.69 22.18 -40.62
C GLY C 401 -13.20 23.56 -41.03
N ALA C 402 -12.01 23.61 -41.61
CA ALA C 402 -11.42 24.89 -41.99
C ALA C 402 -12.25 25.56 -43.08
N GLY C 403 -12.40 26.88 -42.97
CA GLY C 403 -13.18 27.62 -43.93
C GLY C 403 -14.66 27.29 -43.97
N GLY C 404 -15.19 26.71 -42.90
CA GLY C 404 -16.59 26.34 -42.86
C GLY C 404 -16.96 25.11 -43.66
N LYS C 405 -16.00 24.44 -44.28
CA LYS C 405 -16.30 23.25 -45.06
C LYS C 405 -16.75 22.12 -44.14
N LYS C 406 -17.74 21.36 -44.61
CA LYS C 406 -18.27 20.24 -43.85
C LYS C 406 -17.56 18.95 -44.23
N TYR C 407 -17.22 18.15 -43.24
CA TYR C 407 -16.54 16.88 -43.43
C TYR C 407 -17.38 15.73 -42.88
N ARG C 408 -17.10 14.54 -43.36
CA ARG C 408 -17.75 13.34 -42.87
C ARG C 408 -16.90 12.71 -41.77
N ILE C 409 -17.44 11.66 -41.15
CA ILE C 409 -16.72 10.96 -40.10
C ILE C 409 -15.45 10.33 -40.65
N SER C 410 -15.44 9.97 -41.94
CA SER C 410 -14.28 9.37 -42.57
C SER C 410 -13.36 10.38 -43.24
N THR C 411 -13.82 11.62 -43.45
CA THR C 411 -13.01 12.66 -44.06
C THR C 411 -12.51 13.69 -43.07
N ALA C 412 -12.92 13.61 -41.81
CA ALA C 412 -12.41 14.54 -40.80
C ALA C 412 -10.92 14.36 -40.56
N ILE C 413 -10.36 13.20 -40.92
CA ILE C 413 -8.93 12.96 -40.80
C ILE C 413 -8.10 13.78 -41.78
N ASP C 414 -8.75 14.40 -42.77
CA ASP C 414 -8.05 15.20 -43.76
C ASP C 414 -7.93 16.67 -43.37
N ASP C 415 -8.67 17.11 -42.35
CA ASP C 415 -8.63 18.49 -41.88
C ASP C 415 -8.57 18.47 -40.36
N MET C 416 -7.46 18.94 -39.80
CA MET C 416 -7.28 18.86 -38.35
C MET C 416 -8.21 19.80 -37.59
N GLU C 417 -8.73 20.85 -38.25
CA GLU C 417 -9.70 21.70 -37.60
C GLU C 417 -11.00 20.95 -37.32
N ALA C 418 -11.44 20.13 -38.28
CA ALA C 418 -12.60 19.28 -38.07
C ALA C 418 -12.26 18.08 -37.19
N TYR C 419 -11.05 17.55 -37.31
CA TYR C 419 -10.66 16.38 -36.52
C TYR C 419 -10.59 16.71 -35.03
N THR C 420 -10.32 17.97 -34.68
CA THR C 420 -10.32 18.37 -33.28
C THR C 420 -11.69 18.15 -32.64
N LYS C 421 -12.76 18.23 -33.42
CA LYS C 421 -14.12 18.09 -32.93
C LYS C 421 -14.68 16.68 -33.11
N LEU C 422 -13.84 15.70 -33.43
CA LEU C 422 -14.27 14.33 -33.69
C LEU C 422 -13.77 13.45 -32.55
N THR C 423 -14.67 13.15 -31.61
CA THR C 423 -14.32 12.33 -30.44
C THR C 423 -15.39 11.26 -30.30
N ASP C 424 -15.43 10.63 -29.12
CA ASP C 424 -16.48 9.67 -28.79
C ASP C 424 -17.87 10.30 -28.76
N ASN C 425 -17.96 11.63 -28.81
CA ASN C 425 -19.24 12.32 -28.85
C ASN C 425 -20.07 11.93 -30.07
N ILE C 426 -19.43 11.42 -31.13
CA ILE C 426 -20.17 10.93 -32.29
C ILE C 426 -21.13 9.83 -31.89
N PHE C 427 -20.71 8.98 -30.94
CA PHE C 427 -21.59 7.93 -30.42
C PHE C 427 -22.90 8.50 -29.90
N LEU C 428 -22.81 9.54 -29.06
CA LEU C 428 -24.01 10.09 -28.45
C LEU C 428 -24.79 11.00 -29.39
N GLU C 429 -24.08 11.71 -30.28
CA GLU C 429 -24.78 12.50 -31.29
C GLU C 429 -25.66 11.62 -32.17
N ILE C 430 -25.19 10.42 -32.48
CA ILE C 430 -25.99 9.48 -33.26
C ILE C 430 -27.12 8.91 -32.42
N LEU C 431 -26.82 8.56 -31.16
CA LEU C 431 -27.83 7.91 -30.31
C LEU C 431 -28.95 8.87 -29.93
N TYR C 432 -28.65 10.15 -29.78
CA TYR C 432 -29.63 11.14 -29.35
C TYR C 432 -30.35 11.82 -30.51
N SER C 433 -30.08 11.41 -31.74
CA SER C 433 -30.58 12.15 -32.90
C SER C 433 -32.04 11.80 -33.19
N THR C 434 -32.71 12.73 -33.88
CA THR C 434 -34.07 12.51 -34.37
C THR C 434 -34.14 12.50 -35.89
N ASP C 435 -33.06 12.84 -36.58
CA ASP C 435 -33.02 12.82 -38.04
C ASP C 435 -33.38 11.43 -38.55
N PRO C 436 -34.36 11.31 -39.44
CA PRO C 436 -34.70 9.97 -39.96
C PRO C 436 -33.58 9.34 -40.77
N LYS C 437 -32.72 10.14 -41.40
CA LYS C 437 -31.61 9.61 -42.17
C LYS C 437 -30.59 8.88 -41.29
N LEU C 438 -30.68 9.01 -39.98
CA LEU C 438 -29.75 8.39 -39.05
C LEU C 438 -30.36 7.22 -38.29
N LYS C 439 -31.53 6.72 -38.72
CA LYS C 439 -32.22 5.69 -37.96
C LYS C 439 -31.43 4.38 -37.95
N ASP C 440 -30.89 3.98 -39.10
CA ASP C 440 -30.14 2.73 -39.17
C ASP C 440 -28.92 2.77 -38.25
N ALA C 441 -28.21 3.91 -38.24
CA ALA C 441 -27.09 4.06 -37.31
C ALA C 441 -27.58 4.15 -35.87
N ARG C 442 -28.64 4.91 -35.63
CA ARG C 442 -29.17 5.05 -34.28
C ARG C 442 -29.67 3.72 -33.73
N GLU C 443 -30.22 2.86 -34.59
CA GLU C 443 -30.77 1.60 -34.11
C GLU C 443 -29.68 0.64 -33.65
N ILE C 444 -28.54 0.63 -34.33
CA ILE C 444 -27.45 -0.28 -33.96
C ILE C 444 -26.92 0.07 -32.56
N LEU C 445 -26.72 1.35 -32.30
CA LEU C 445 -26.29 1.77 -30.96
C LEU C 445 -27.34 1.46 -29.91
N LYS C 446 -28.62 1.51 -30.28
CA LYS C 446 -29.68 1.11 -29.36
C LYS C 446 -29.56 -0.36 -28.98
N GLN C 447 -29.13 -1.21 -29.92
CA GLN C 447 -28.94 -2.62 -29.61
C GLN C 447 -27.79 -2.84 -28.63
N ILE C 448 -26.80 -1.95 -28.63
CA ILE C 448 -25.70 -2.06 -27.69
C ILE C 448 -26.21 -1.88 -26.26
N GLU C 449 -27.07 -0.89 -26.04
CA GLU C 449 -27.61 -0.66 -24.71
C GLU C 449 -28.48 -1.83 -24.25
N TYR C 450 -29.21 -2.46 -25.18
CA TYR C 450 -30.05 -3.61 -24.84
C TYR C 450 -29.28 -4.92 -24.80
N ARG C 451 -28.01 -4.92 -25.18
CA ARG C 451 -27.21 -6.14 -25.30
C ARG C 451 -27.83 -7.14 -26.27
N ASN C 452 -28.46 -6.61 -27.32
CA ASN C 452 -28.89 -7.42 -28.45
C ASN C 452 -27.80 -7.35 -29.53
N LEU C 453 -26.71 -8.04 -29.24
CA LEU C 453 -25.46 -7.88 -29.98
C LEU C 453 -25.39 -8.82 -31.18
N PHE C 454 -24.38 -8.58 -32.02
CA PHE C 454 -24.10 -9.48 -33.12
C PHE C 454 -23.82 -10.88 -32.58
N LYS C 455 -24.41 -11.88 -33.24
CA LYS C 455 -24.22 -13.26 -32.82
C LYS C 455 -22.80 -13.72 -33.14
N TYR C 456 -22.14 -14.32 -32.16
CA TYR C 456 -20.78 -14.84 -32.35
C TYR C 456 -20.84 -16.14 -33.14
N VAL C 457 -20.06 -16.21 -34.22
CA VAL C 457 -20.08 -17.37 -35.12
C VAL C 457 -18.86 -18.26 -34.91
N GLY C 458 -17.68 -17.68 -34.86
CA GLY C 458 -16.48 -18.47 -34.63
C GLY C 458 -15.22 -17.63 -34.77
N GLU C 459 -14.09 -18.31 -34.59
CA GLU C 459 -12.78 -17.69 -34.62
C GLU C 459 -11.82 -18.55 -35.43
N THR C 460 -10.85 -17.90 -36.08
CA THR C 460 -9.83 -18.60 -36.85
C THR C 460 -8.55 -17.78 -36.83
N GLN C 461 -7.47 -18.41 -37.29
CA GLN C 461 -6.14 -17.78 -37.34
C GLN C 461 -5.49 -18.06 -38.68
N PRO C 462 -4.84 -17.06 -39.29
CA PRO C 462 -4.06 -17.27 -40.52
C PRO C 462 -2.67 -17.82 -40.23
N THR C 463 -2.61 -18.89 -39.46
CA THR C 463 -1.34 -19.46 -39.03
C THR C 463 -0.53 -19.94 -40.23
N GLY C 464 0.70 -19.46 -40.34
CA GLY C 464 1.53 -19.83 -41.47
C GLY C 464 1.13 -19.21 -42.79
N GLN C 465 0.13 -18.36 -42.80
CA GLN C 465 -0.36 -17.71 -44.01
C GLN C 465 0.06 -16.25 -44.03
N ILE C 466 -0.13 -15.61 -45.19
CA ILE C 466 0.02 -14.18 -45.29
C ILE C 466 -1.12 -13.51 -44.53
N LYS C 467 -0.78 -12.56 -43.67
CA LYS C 467 -1.78 -11.92 -42.83
C LYS C 467 -2.71 -11.04 -43.66
N ILE C 468 -3.93 -10.84 -43.14
CA ILE C 468 -4.94 -10.06 -43.84
C ILE C 468 -4.61 -8.57 -43.68
N LYS C 469 -4.66 -7.84 -44.78
CA LYS C 469 -4.37 -6.41 -44.80
C LYS C 469 -5.64 -5.59 -44.67
N ARG C 470 -5.48 -4.36 -44.19
CA ARG C 470 -6.63 -3.48 -43.98
C ARG C 470 -7.36 -3.17 -45.28
N GLU C 471 -6.62 -3.07 -46.40
CA GLU C 471 -7.23 -2.73 -47.67
C GLU C 471 -8.18 -3.82 -48.17
N ASP C 472 -8.09 -5.03 -47.63
CA ASP C 472 -8.97 -6.12 -48.00
C ASP C 472 -10.01 -6.44 -46.93
N TYR C 473 -10.09 -5.61 -45.88
CA TYR C 473 -11.07 -5.84 -44.82
C TYR C 473 -12.49 -5.81 -45.37
N GLU C 474 -12.80 -4.84 -46.23
CA GLU C 474 -14.15 -4.68 -46.75
C GLU C 474 -14.54 -5.84 -47.66
N SER C 475 -13.55 -6.49 -48.28
CA SER C 475 -13.82 -7.61 -49.19
C SER C 475 -14.18 -8.90 -48.45
N LEU C 476 -14.00 -8.95 -47.14
CA LEU C 476 -14.15 -10.18 -46.37
C LEU C 476 -15.61 -10.60 -46.15
N PRO C 477 -16.53 -9.69 -45.82
CA PRO C 477 -17.94 -10.14 -45.65
C PRO C 477 -18.51 -10.77 -46.90
N LYS C 478 -18.15 -10.29 -48.09
CA LYS C 478 -18.61 -10.92 -49.32
C LYS C 478 -17.90 -12.25 -49.55
N GLU C 479 -16.70 -12.42 -49.01
CA GLU C 479 -15.98 -13.68 -49.16
C GLU C 479 -16.67 -14.80 -48.41
N VAL C 480 -17.08 -14.53 -47.16
CA VAL C 480 -17.72 -15.56 -46.35
C VAL C 480 -19.07 -15.93 -46.93
N ALA C 481 -19.84 -14.93 -47.37
CA ALA C 481 -21.15 -15.20 -47.99
C ALA C 481 -21.01 -15.93 -49.32
N SER C 482 -19.86 -15.80 -49.99
CA SER C 482 -19.64 -16.47 -51.27
C SER C 482 -19.07 -17.88 -51.09
N ALA C 483 -18.72 -18.29 -49.88
CA ALA C 483 -18.25 -19.65 -49.66
C ALA C 483 -19.36 -20.63 -49.95
N LYS C 484 -19.01 -21.72 -50.65
CA LYS C 484 -19.98 -22.72 -51.05
C LYS C 484 -19.85 -23.95 -50.16
N PRO C 485 -20.69 -24.11 -49.14
CA PRO C 485 -20.60 -25.31 -48.31
C PRO C 485 -21.10 -26.53 -49.04
N LYS C 486 -20.61 -27.70 -48.60
CA LYS C 486 -21.02 -28.96 -49.20
C LYS C 486 -22.51 -29.20 -48.99
N VAL C 487 -22.92 -29.39 -47.74
CA VAL C 487 -24.33 -29.59 -47.43
C VAL C 487 -25.08 -28.28 -47.64
N LEU C 488 -26.01 -28.28 -48.58
CA LEU C 488 -26.78 -27.07 -48.89
C LEU C 488 -27.60 -26.65 -47.68
N LEU C 489 -27.46 -25.39 -47.29
CA LEU C 489 -28.30 -24.80 -46.25
C LEU C 489 -29.54 -24.18 -46.88
N ASP C 490 -30.69 -24.38 -46.22
CA ASP C 490 -31.97 -23.91 -46.75
C ASP C 490 -32.25 -22.45 -46.44
N VAL C 491 -31.22 -21.67 -46.09
CA VAL C 491 -31.33 -20.22 -45.96
C VAL C 491 -30.04 -19.61 -46.45
N LYS C 492 -30.13 -18.79 -47.49
CA LYS C 492 -28.98 -18.07 -48.03
C LYS C 492 -28.80 -16.75 -47.28
N LEU C 493 -27.56 -16.45 -46.89
CA LEU C 493 -27.23 -15.22 -46.22
C LEU C 493 -26.44 -14.31 -47.14
N LYS C 494 -26.60 -13.00 -46.95
CA LYS C 494 -25.90 -12.00 -47.75
C LYS C 494 -24.69 -11.48 -46.99
N ALA C 495 -23.87 -10.70 -47.71
CA ALA C 495 -22.67 -10.13 -47.09
C ALA C 495 -23.03 -9.13 -46.01
N GLU C 496 -24.18 -8.46 -46.13
CA GLU C 496 -24.62 -7.53 -45.11
C GLU C 496 -24.88 -8.22 -43.78
N ASP C 497 -25.19 -9.52 -43.82
CA ASP C 497 -25.45 -10.27 -42.61
C ASP C 497 -24.17 -10.71 -41.89
N PHE C 498 -23.00 -10.49 -42.49
CA PHE C 498 -21.74 -10.97 -41.95
C PHE C 498 -20.87 -9.81 -41.50
N ILE C 499 -20.19 -10.00 -40.37
CA ILE C 499 -19.19 -9.07 -39.87
C ILE C 499 -17.91 -9.87 -39.65
N VAL C 500 -16.83 -9.47 -40.31
CA VAL C 500 -15.54 -10.14 -40.21
C VAL C 500 -14.59 -9.22 -39.44
N ASP C 501 -14.12 -9.70 -38.30
CA ASP C 501 -13.29 -8.92 -37.39
C ASP C 501 -11.86 -9.43 -37.44
N VAL C 502 -10.93 -8.55 -37.82
CA VAL C 502 -9.50 -8.87 -37.85
C VAL C 502 -8.87 -8.19 -36.65
N ILE C 503 -8.42 -8.99 -35.69
CA ILE C 503 -7.87 -8.50 -34.43
C ILE C 503 -6.36 -8.73 -34.44
N ASN C 504 -5.60 -7.68 -34.16
CA ASN C 504 -4.14 -7.72 -34.19
C ASN C 504 -3.58 -7.21 -32.87
N MET C 505 -2.51 -7.85 -32.40
CA MET C 505 -1.79 -7.33 -31.24
C MET C 505 -1.18 -5.97 -31.56
N ASP C 506 -0.45 -5.89 -32.66
CA ASP C 506 -0.15 -4.61 -33.31
C ASP C 506 -0.05 -4.89 -34.80
N TYR C 507 -0.81 -4.12 -35.59
CA TYR C 507 -1.11 -4.50 -36.97
C TYR C 507 0.14 -4.69 -37.82
N GLY C 508 1.18 -3.90 -37.57
CA GLY C 508 2.33 -3.88 -38.46
C GLY C 508 3.34 -4.99 -38.27
N MET C 509 3.64 -5.34 -37.03
CA MET C 509 4.82 -6.14 -36.72
C MET C 509 4.66 -7.59 -37.16
N GLN C 510 5.81 -8.22 -37.41
CA GLN C 510 5.88 -9.62 -37.78
C GLN C 510 6.07 -10.50 -36.56
N GLU C 511 5.84 -11.80 -36.75
CA GLU C 511 6.00 -12.78 -35.68
C GLU C 511 7.45 -12.88 -35.22
N LYS C 512 7.76 -12.32 -34.06
CA LYS C 512 9.12 -12.37 -33.55
C LYS C 512 9.09 -12.35 -32.02
N ASN C 513 10.13 -12.94 -31.43
CA ASN C 513 10.30 -12.93 -29.98
C ASN C 513 11.11 -11.69 -29.62
N PRO C 514 10.52 -10.69 -28.94
CA PRO C 514 11.26 -9.45 -28.67
C PRO C 514 12.36 -9.59 -27.63
N ILE C 515 12.45 -10.72 -26.92
CA ILE C 515 13.59 -10.93 -26.04
C ILE C 515 14.87 -11.07 -26.86
N ASP C 516 14.74 -11.50 -28.12
CA ASP C 516 15.90 -11.63 -29.00
C ASP C 516 16.43 -10.28 -29.48
N HIS C 517 15.75 -9.17 -29.16
CA HIS C 517 16.17 -7.85 -29.58
C HIS C 517 16.41 -6.92 -28.40
N VAL C 518 16.57 -7.47 -27.20
CA VAL C 518 16.92 -6.71 -26.01
C VAL C 518 18.38 -6.97 -25.68
N SER C 519 19.12 -5.89 -25.41
CA SER C 519 20.53 -5.98 -25.06
C SER C 519 20.69 -5.79 -23.56
N PHE C 520 21.45 -6.69 -22.93
CA PHE C 520 21.66 -6.67 -21.49
C PHE C 520 23.10 -6.29 -21.17
N TYR C 521 23.33 -5.96 -19.90
CA TYR C 521 24.67 -5.62 -19.43
C TYR C 521 24.82 -6.08 -17.99
N CYS C 522 26.07 -6.29 -17.60
CA CYS C 522 26.41 -6.58 -16.21
C CYS C 522 27.24 -5.42 -15.65
N LYS C 523 27.01 -5.10 -14.37
CA LYS C 523 27.70 -3.99 -13.75
C LYS C 523 29.21 -4.20 -13.65
N THR C 524 29.69 -5.44 -13.84
CA THR C 524 31.12 -5.69 -13.85
C THR C 524 31.80 -5.02 -15.04
N ALA C 525 31.11 -4.95 -16.18
CA ALA C 525 31.66 -4.32 -17.39
C ALA C 525 30.52 -3.73 -18.19
N PRO C 526 30.09 -2.52 -17.86
CA PRO C 526 29.01 -1.88 -18.63
C PRO C 526 29.53 -1.33 -19.96
N ASN C 527 28.70 -0.52 -20.62
CA ASN C 527 29.01 0.06 -21.93
C ASN C 527 29.27 -1.01 -22.99
N ARG C 528 28.84 -2.24 -22.74
CA ARG C 528 29.04 -3.34 -23.68
C ARG C 528 27.98 -4.39 -23.42
N ALA C 529 27.18 -4.71 -24.44
CA ALA C 529 26.10 -5.67 -24.26
C ALA C 529 26.65 -7.08 -24.13
N ILE C 530 25.97 -7.89 -23.31
CA ILE C 530 26.34 -9.29 -23.16
C ILE C 530 25.96 -10.03 -24.45
N ARG C 531 26.95 -10.67 -25.07
CA ARG C 531 26.74 -11.38 -26.32
C ARG C 531 25.87 -12.60 -26.07
N ILE C 532 24.56 -12.47 -26.31
CA ILE C 532 23.64 -13.58 -26.17
C ILE C 532 22.88 -13.80 -27.47
N PRO C 542 9.17 -18.15 -21.72
CA PRO C 542 7.99 -17.31 -21.95
C PRO C 542 6.93 -17.99 -22.82
N GLU C 543 6.02 -17.19 -23.35
CA GLU C 543 4.94 -17.68 -24.19
C GLU C 543 5.25 -17.42 -25.66
N LYS C 544 4.29 -17.76 -26.51
CA LYS C 544 4.45 -17.54 -27.95
C LYS C 544 3.80 -16.24 -28.36
N PHE C 545 3.12 -16.24 -29.50
CA PHE C 545 2.48 -15.04 -30.03
C PHE C 545 1.40 -15.47 -31.02
N ALA C 546 0.19 -14.93 -30.87
CA ALA C 546 -0.90 -15.15 -31.82
C ALA C 546 -1.31 -13.79 -32.39
N GLU C 547 -0.47 -13.24 -33.27
CA GLU C 547 -0.62 -11.84 -33.67
C GLU C 547 -1.96 -11.60 -34.37
N GLN C 548 -2.22 -12.31 -35.47
CA GLN C 548 -3.44 -12.14 -36.21
C GLN C 548 -4.43 -13.26 -35.87
N LEU C 549 -5.66 -12.87 -35.55
CA LEU C 549 -6.76 -13.79 -35.33
C LEU C 549 -8.02 -13.17 -35.90
N ILE C 550 -8.79 -13.96 -36.65
CA ILE C 550 -9.93 -13.46 -37.41
C ILE C 550 -11.20 -14.05 -36.81
N ARG C 551 -12.20 -13.19 -36.57
CA ARG C 551 -13.48 -13.61 -36.01
C ARG C 551 -14.60 -13.14 -36.94
N VAL C 552 -15.68 -13.90 -36.94
CA VAL C 552 -16.84 -13.62 -37.77
C VAL C 552 -18.08 -13.57 -36.88
N TYR C 553 -18.90 -12.54 -37.06
CA TYR C 553 -20.16 -12.40 -36.35
C TYR C 553 -21.30 -12.31 -37.36
N CYS C 554 -22.49 -12.70 -36.92
CA CYS C 554 -23.69 -12.66 -37.73
C CYS C 554 -24.66 -11.60 -37.20
N LYS C 555 -25.32 -10.91 -38.12
CA LYS C 555 -26.26 -9.86 -37.74
C LYS C 555 -27.67 -10.40 -37.49
N LYS C 556 -28.09 -11.39 -38.28
CA LYS C 556 -29.33 -12.09 -37.97
C LYS C 556 -29.12 -12.95 -36.74
N VAL C 557 -30.07 -12.88 -35.80
CA VAL C 557 -29.92 -13.53 -34.50
C VAL C 557 -30.77 -14.78 -34.34
N ASP C 558 -31.69 -15.05 -35.26
CA ASP C 558 -32.56 -16.21 -35.12
C ASP C 558 -31.75 -17.49 -35.22
N ARG C 559 -32.23 -18.54 -34.52
CA ARG C 559 -31.47 -19.77 -34.40
C ARG C 559 -31.25 -20.44 -35.76
N LYS C 560 -32.18 -20.27 -36.69
CA LYS C 560 -32.00 -20.85 -38.02
C LYS C 560 -30.87 -20.15 -38.78
N SER C 561 -30.78 -18.84 -38.67
CA SER C 561 -29.76 -18.10 -39.41
C SER C 561 -28.38 -18.28 -38.81
N LEU C 562 -28.30 -18.57 -37.51
CA LEU C 562 -27.00 -18.78 -36.87
C LEU C 562 -26.33 -20.05 -37.39
N TYR C 563 -27.12 -21.10 -37.63
CA TYR C 563 -26.55 -22.35 -38.14
C TYR C 563 -25.91 -22.14 -39.50
N ALA C 564 -26.64 -21.51 -40.43
CA ALA C 564 -26.13 -21.34 -41.79
C ALA C 564 -24.91 -20.43 -41.82
N ALA C 565 -24.82 -19.48 -40.88
CA ALA C 565 -23.65 -18.61 -40.85
C ALA C 565 -22.40 -19.36 -40.40
N ARG C 566 -22.55 -20.35 -39.52
CA ARG C 566 -21.41 -21.16 -39.11
C ARG C 566 -20.90 -22.01 -40.27
N GLN C 567 -21.82 -22.48 -41.13
CA GLN C 567 -21.40 -23.31 -42.26
C GLN C 567 -20.61 -22.51 -43.28
N TYR C 568 -21.04 -21.28 -43.57
CA TYR C 568 -20.25 -20.40 -44.43
C TYR C 568 -18.88 -20.11 -43.82
N PHE C 569 -18.81 -20.03 -42.49
CA PHE C 569 -17.54 -19.70 -41.84
C PHE C 569 -16.55 -20.85 -41.95
N VAL C 570 -17.01 -22.08 -41.69
CA VAL C 570 -16.12 -23.24 -41.79
C VAL C 570 -15.64 -23.42 -43.22
N GLN C 571 -16.55 -23.25 -44.20
CA GLN C 571 -16.16 -23.37 -45.59
C GLN C 571 -15.17 -22.28 -46.00
N TRP C 572 -15.42 -21.04 -45.57
CA TRP C 572 -14.49 -19.96 -45.86
C TRP C 572 -13.14 -20.19 -45.20
N CYS C 573 -13.12 -20.89 -44.06
CA CYS C 573 -11.86 -21.15 -43.38
C CYS C 573 -11.00 -22.14 -44.17
N ALA C 574 -11.63 -23.13 -44.80
CA ALA C 574 -10.88 -24.11 -45.57
C ALA C 574 -10.38 -23.53 -46.88
N ASP C 575 -11.13 -22.60 -47.49
CA ASP C 575 -10.69 -22.00 -48.74
C ASP C 575 -9.46 -21.13 -48.54
N ARG C 576 -9.37 -20.46 -47.40
CA ARG C 576 -8.23 -19.58 -47.11
C ARG C 576 -7.06 -20.31 -46.48
N ASN C 577 -7.18 -21.63 -46.28
CA ASN C 577 -6.13 -22.44 -45.63
C ASN C 577 -5.79 -21.87 -44.26
N PHE C 578 -6.81 -21.48 -43.52
CA PHE C 578 -6.62 -21.04 -42.14
C PHE C 578 -6.83 -22.24 -41.21
N THR C 579 -6.88 -21.98 -39.91
CA THR C 579 -7.09 -23.06 -38.96
C THR C 579 -8.58 -23.38 -38.86
N LYS C 580 -8.88 -24.65 -38.63
CA LYS C 580 -10.28 -25.08 -38.53
C LYS C 580 -10.91 -24.50 -37.28
N PRO C 581 -12.10 -23.90 -37.38
CA PRO C 581 -12.74 -23.33 -36.19
C PRO C 581 -13.07 -24.41 -35.17
N GLN C 582 -12.59 -24.21 -33.95
CA GLN C 582 -12.81 -25.15 -32.87
C GLN C 582 -14.13 -24.84 -32.16
N ASP C 583 -14.93 -25.86 -31.94
CA ASP C 583 -16.30 -25.70 -31.45
C ASP C 583 -16.47 -26.26 -30.04
N THR D 114 35.86 7.63 9.15
CA THR D 114 34.81 8.11 10.04
C THR D 114 33.47 8.14 9.32
N MET D 115 32.56 8.98 9.80
CA MET D 115 31.26 9.24 9.18
C MET D 115 30.57 7.94 8.78
N LYS D 116 30.25 7.14 9.79
CA LYS D 116 29.65 5.83 9.55
C LYS D 116 28.25 5.98 8.94
N VAL D 117 27.99 5.23 7.88
CA VAL D 117 26.70 5.22 7.20
C VAL D 117 25.91 4.03 7.74
N ILE D 118 24.63 4.25 8.00
CA ILE D 118 23.74 3.24 8.56
C ILE D 118 22.51 3.11 7.68
N ASN D 119 22.13 1.86 7.38
CA ASN D 119 20.92 1.57 6.62
C ASN D 119 19.80 1.24 7.61
N ASP D 120 18.88 2.18 7.80
CA ASP D 120 17.67 2.05 8.61
C ASP D 120 16.47 1.81 7.71
N PRO D 121 15.59 0.86 8.05
CA PRO D 121 14.44 0.58 7.18
C PRO D 121 13.47 1.75 7.03
N ILE D 122 13.48 2.71 7.96
CA ILE D 122 12.60 3.85 7.89
C ILE D 122 13.21 4.99 7.08
N HIS D 123 14.44 5.37 7.42
CA HIS D 123 15.06 6.56 6.86
C HIS D 123 16.10 6.26 5.79
N GLY D 124 16.46 4.99 5.59
CA GLY D 124 17.42 4.65 4.57
C GLY D 124 18.85 4.77 5.08
N HIS D 125 19.75 5.15 4.17
CA HIS D 125 21.15 5.36 4.52
C HIS D 125 21.29 6.67 5.28
N ILE D 126 21.82 6.61 6.50
CA ILE D 126 21.97 7.78 7.35
C ILE D 126 23.44 7.88 7.77
N GLU D 127 23.97 9.10 7.73
CA GLU D 127 25.37 9.36 8.07
C GLU D 127 25.46 9.82 9.51
N LEU D 128 26.38 9.23 10.26
CA LEU D 128 26.57 9.52 11.67
C LEU D 128 27.85 10.32 11.86
N HIS D 129 27.74 11.50 12.44
CA HIS D 129 28.91 12.31 12.75
C HIS D 129 29.81 11.55 13.73
N PRO D 130 31.14 11.69 13.61
CA PRO D 130 32.04 10.96 14.52
C PRO D 130 31.77 11.21 15.99
N LEU D 131 31.25 12.40 16.35
CA LEU D 131 30.90 12.64 17.74
C LEU D 131 29.69 11.81 18.16
N LEU D 132 28.71 11.65 17.26
CA LEU D 132 27.57 10.80 17.57
C LEU D 132 28.01 9.35 17.75
N VAL D 133 28.84 8.85 16.85
CA VAL D 133 29.35 7.49 16.96
C VAL D 133 30.07 7.31 18.29
N ARG D 134 30.85 8.31 18.71
CA ARG D 134 31.51 8.26 20.00
C ARG D 134 30.51 8.12 21.15
N ILE D 135 29.34 8.73 21.00
CA ILE D 135 28.31 8.66 22.04
C ILE D 135 27.58 7.33 21.97
N ILE D 136 27.27 6.85 20.76
CA ILE D 136 26.52 5.61 20.61
C ILE D 136 27.35 4.42 21.10
N ASP D 137 28.66 4.46 20.88
CA ASP D 137 29.54 3.34 21.25
C ASP D 137 29.91 3.40 22.72
N THR D 138 28.88 3.34 23.56
CA THR D 138 29.02 3.36 25.02
C THR D 138 28.00 2.39 25.61
N PRO D 139 28.33 1.74 26.72
CA PRO D 139 27.35 0.87 27.37
C PRO D 139 26.11 1.61 27.84
N GLN D 140 26.22 2.93 28.06
CA GLN D 140 25.04 3.70 28.46
C GLN D 140 24.08 3.89 27.29
N PHE D 141 24.59 3.92 26.06
CA PHE D 141 23.72 4.04 24.89
C PHE D 141 23.32 2.67 24.34
N GLN D 142 24.27 1.72 24.29
CA GLN D 142 23.94 0.36 23.89
C GLN D 142 22.87 -0.25 24.79
N ARG D 143 22.70 0.29 25.99
CA ARG D 143 21.62 -0.13 26.88
C ARG D 143 20.26 -0.09 26.18
N LEU D 144 20.05 0.90 25.31
CA LEU D 144 18.78 1.07 24.63
C LEU D 144 18.46 -0.06 23.65
N ARG D 145 19.44 -0.91 23.34
CA ARG D 145 19.18 -2.07 22.49
C ARG D 145 18.32 -3.11 23.20
N TYR D 146 18.19 -3.04 24.52
CA TYR D 146 17.56 -4.09 25.31
C TYR D 146 16.32 -3.58 26.03
N ILE D 147 15.63 -2.59 25.45
CA ILE D 147 14.41 -2.03 26.02
C ILE D 147 13.41 -1.87 24.90
N LYS D 148 12.33 -2.65 24.93
CA LYS D 148 11.36 -2.64 23.85
C LYS D 148 10.70 -1.27 23.72
N GLN D 149 10.32 -0.93 22.49
CA GLN D 149 9.72 0.37 22.22
C GLN D 149 8.34 0.49 22.85
N LEU D 150 7.47 -0.47 22.57
CA LEU D 150 6.08 -0.43 23.04
C LEU D 150 5.85 -1.32 24.26
N GLY D 151 6.90 -1.82 24.88
CA GLY D 151 6.74 -2.57 26.12
C GLY D 151 5.95 -3.84 25.89
N GLY D 152 4.82 -3.97 26.59
CA GLY D 152 3.99 -5.15 26.48
C GLY D 152 3.27 -5.30 25.16
N GLY D 153 3.33 -4.29 24.28
CA GLY D 153 2.69 -4.41 22.98
C GLY D 153 3.32 -5.45 22.08
N TYR D 154 4.54 -5.88 22.37
CA TYR D 154 5.17 -6.93 21.59
C TYR D 154 4.44 -8.26 21.74
N TYR D 155 3.82 -8.48 22.88
CA TYR D 155 3.08 -9.71 23.12
C TYR D 155 1.68 -9.70 22.52
N VAL D 156 1.27 -8.58 21.94
CA VAL D 156 0.03 -8.49 21.18
C VAL D 156 0.31 -8.32 19.69
N PHE D 157 1.25 -7.44 19.34
CA PHE D 157 1.69 -7.25 17.97
C PHE D 157 3.05 -7.92 17.80
N PRO D 158 3.12 -9.07 17.12
CA PRO D 158 4.42 -9.75 17.01
C PRO D 158 5.48 -8.92 16.30
N GLY D 159 5.10 -8.13 15.30
CA GLY D 159 6.07 -7.35 14.55
C GLY D 159 6.75 -6.25 15.35
N ALA D 160 6.24 -5.93 16.53
CA ALA D 160 6.76 -4.82 17.33
C ALA D 160 7.90 -5.28 18.24
N SER D 161 8.99 -5.70 17.61
CA SER D 161 10.19 -6.13 18.32
C SER D 161 11.25 -5.04 18.42
N HIS D 162 10.98 -3.86 17.88
CA HIS D 162 11.98 -2.80 17.86
C HIS D 162 12.18 -2.22 19.26
N ASN D 163 13.41 -1.80 19.52
CA ASN D 163 13.82 -1.27 20.81
C ASN D 163 14.05 0.24 20.72
N ARG D 164 14.35 0.85 21.87
CA ARG D 164 14.57 2.29 21.92
C ARG D 164 15.86 2.69 21.22
N PHE D 165 16.76 1.74 20.93
CA PHE D 165 18.04 2.07 20.30
C PHE D 165 17.83 2.62 18.89
N GLU D 166 17.24 1.81 18.00
CA GLU D 166 17.05 2.25 16.62
C GLU D 166 16.12 3.46 16.54
N HIS D 167 15.19 3.59 17.47
CA HIS D 167 14.33 4.77 17.49
C HIS D 167 15.12 6.02 17.82
N SER D 168 16.09 5.91 18.72
CA SER D 168 16.92 7.07 19.08
C SER D 168 17.81 7.48 17.91
N LEU D 169 18.35 6.50 17.17
CA LEU D 169 19.12 6.82 15.98
C LEU D 169 18.29 7.59 14.97
N GLY D 170 17.00 7.23 14.86
CA GLY D 170 16.13 7.92 13.92
C GLY D 170 15.80 9.33 14.34
N VAL D 171 15.58 9.53 15.65
CA VAL D 171 15.27 10.87 16.14
C VAL D 171 16.49 11.78 16.00
N GLY D 172 17.68 11.25 16.29
CA GLY D 172 18.89 12.03 16.06
C GLY D 172 19.06 12.41 14.60
N TYR D 173 18.69 11.50 13.69
CA TYR D 173 18.77 11.80 12.26
C TYR D 173 17.72 12.83 11.86
N LEU D 174 16.48 12.64 12.31
CA LEU D 174 15.40 13.56 11.96
C LEU D 174 15.62 14.94 12.56
N ALA D 175 16.20 15.02 13.76
CA ALA D 175 16.49 16.31 14.36
C ALA D 175 17.53 17.07 13.55
N GLY D 176 18.57 16.37 13.10
CA GLY D 176 19.59 17.01 12.29
C GLY D 176 19.09 17.42 10.92
N CYS D 177 18.15 16.66 10.35
CA CYS D 177 17.59 17.02 9.06
C CYS D 177 16.80 18.32 9.13
N LEU D 178 16.01 18.49 10.18
CA LEU D 178 15.17 19.69 10.29
C LEU D 178 16.01 20.92 10.55
N VAL D 179 16.95 20.85 11.49
CA VAL D 179 17.76 22.02 11.81
C VAL D 179 18.64 22.43 10.64
N HIS D 180 19.13 21.45 9.88
CA HIS D 180 19.92 21.76 8.70
C HIS D 180 19.07 22.34 7.58
N ALA D 181 17.82 21.88 7.46
CA ALA D 181 16.93 22.43 6.44
C ALA D 181 16.57 23.88 6.74
N LEU D 182 16.34 24.20 8.01
CA LEU D 182 16.02 25.58 8.37
C LEU D 182 17.24 26.49 8.21
N GLY D 183 18.45 25.95 8.36
CA GLY D 183 19.63 26.77 8.21
C GLY D 183 19.97 27.09 6.77
N GLU D 184 19.62 26.20 5.84
CA GLU D 184 19.93 26.44 4.43
C GLU D 184 18.94 27.40 3.79
N LYS D 185 17.64 27.12 3.94
CA LYS D 185 16.63 27.99 3.33
C LYS D 185 16.68 29.40 3.89
N GLN D 186 17.01 29.54 5.18
CA GLN D 186 16.99 30.83 5.85
C GLN D 186 18.31 31.03 6.59
N PRO D 187 19.30 31.63 5.93
CA PRO D 187 20.58 31.90 6.61
C PRO D 187 20.50 32.98 7.68
N GLU D 188 19.40 33.75 7.72
CA GLU D 188 19.28 34.83 8.70
C GLU D 188 19.15 34.31 10.13
N LEU D 189 18.84 33.03 10.32
CA LEU D 189 18.81 32.45 11.66
C LEU D 189 20.19 32.13 12.19
N GLN D 190 21.24 32.34 11.38
CA GLN D 190 22.64 32.09 11.74
C GLN D 190 22.80 30.84 12.61
N ILE D 191 22.21 29.74 12.12
CA ILE D 191 22.37 28.45 12.78
C ILE D 191 23.77 27.92 12.50
N SER D 192 24.54 27.68 13.56
CA SER D 192 25.90 27.21 13.41
C SER D 192 25.94 25.69 13.26
N GLU D 193 27.12 25.18 12.92
CA GLU D 193 27.29 23.74 12.83
C GLU D 193 27.29 23.09 14.20
N ARG D 194 27.75 23.80 15.23
CA ARG D 194 27.63 23.26 16.58
C ARG D 194 26.19 23.33 17.09
N ASP D 195 25.35 24.17 16.49
CA ASP D 195 23.92 24.11 16.78
C ASP D 195 23.32 22.84 16.22
N VAL D 196 23.78 22.41 15.03
CA VAL D 196 23.26 21.19 14.42
C VAL D 196 23.72 19.97 15.21
N LEU D 197 24.99 19.95 15.61
CA LEU D 197 25.50 18.83 16.41
C LEU D 197 24.79 18.73 17.75
N CYS D 198 24.45 19.88 18.35
CA CYS D 198 23.77 19.85 19.63
C CYS D 198 22.34 19.34 19.50
N VAL D 199 21.62 19.80 18.47
CA VAL D 199 20.28 19.29 18.24
C VAL D 199 20.32 17.80 17.91
N GLN D 200 21.36 17.36 17.19
CA GLN D 200 21.51 15.96 16.88
C GLN D 200 21.74 15.13 18.14
N ILE D 201 22.61 15.60 19.03
CA ILE D 201 22.89 14.87 20.27
C ILE D 201 21.63 14.77 21.12
N ALA D 202 20.82 15.81 21.15
CA ALA D 202 19.62 15.83 21.96
C ALA D 202 18.63 14.76 21.50
N GLY D 203 18.26 14.79 20.22
CA GLY D 203 17.36 13.77 19.70
C GLY D 203 17.93 12.37 19.83
N LEU D 204 19.26 12.25 19.81
CA LEU D 204 19.88 10.94 19.93
C LEU D 204 19.79 10.39 21.35
N CYS D 205 19.82 11.27 22.35
CA CYS D 205 19.89 10.86 23.76
C CYS D 205 18.60 11.14 24.53
N HIS D 206 17.54 11.61 23.86
CA HIS D 206 16.34 12.02 24.56
C HIS D 206 15.65 10.85 25.27
N ASP D 207 15.87 9.62 24.82
CA ASP D 207 15.26 8.44 25.42
C ASP D 207 16.25 7.60 26.22
N LEU D 208 17.34 8.20 26.67
CA LEU D 208 18.35 7.45 27.41
C LEU D 208 17.83 6.95 28.75
N GLY D 209 16.85 7.65 29.33
CA GLY D 209 16.36 7.36 30.66
C GLY D 209 15.19 6.40 30.75
N HIS D 210 14.77 5.81 29.64
CA HIS D 210 13.69 4.83 29.70
C HIS D 210 14.14 3.58 30.46
N GLY D 211 13.26 3.07 31.30
CA GLY D 211 13.53 1.86 32.03
C GLY D 211 13.02 0.65 31.28
N PRO D 212 13.02 -0.51 31.93
CA PRO D 212 12.50 -1.72 31.30
C PRO D 212 11.08 -1.52 30.79
N PHE D 213 10.87 -1.88 29.52
CA PHE D 213 9.55 -1.83 28.86
C PHE D 213 9.02 -0.41 28.75
N SER D 214 9.92 0.57 28.71
CA SER D 214 9.62 1.97 28.32
C SER D 214 8.58 2.54 29.26
N HIS D 215 7.48 3.12 28.76
CA HIS D 215 6.51 3.84 29.57
C HIS D 215 5.90 2.98 30.68
N MET D 216 6.05 1.66 30.61
CA MET D 216 5.60 0.81 31.71
C MET D 216 6.34 1.12 33.00
N PHE D 217 7.62 1.50 32.89
CA PHE D 217 8.46 1.68 34.08
C PHE D 217 8.15 3.01 34.79
N ASP D 218 8.31 4.12 34.08
CA ASP D 218 8.10 5.42 34.71
C ASP D 218 6.62 5.79 34.81
N GLY D 219 5.76 5.15 34.01
CA GLY D 219 4.35 5.46 34.03
C GLY D 219 3.60 4.80 35.16
N ARG D 220 3.88 3.52 35.43
CA ARG D 220 3.12 2.75 36.41
C ARG D 220 3.98 2.16 37.52
N PHE D 221 5.11 1.53 37.19
CA PHE D 221 5.84 0.76 38.19
C PHE D 221 6.43 1.66 39.27
N ILE D 222 7.20 2.68 38.87
CA ILE D 222 7.82 3.56 39.87
C ILE D 222 6.77 4.25 40.72
N PRO D 223 5.65 4.77 40.18
CA PRO D 223 4.60 5.29 41.09
C PRO D 223 4.08 4.24 42.07
N LEU D 224 3.93 2.99 41.64
CA LEU D 224 3.40 1.97 42.54
C LEU D 224 4.45 1.52 43.55
N ALA D 225 5.73 1.53 43.18
CA ALA D 225 6.77 1.07 44.09
C ALA D 225 7.18 2.18 45.07
N ARG D 226 7.31 3.40 44.59
CA ARG D 226 7.69 4.55 45.42
C ARG D 226 6.82 5.74 45.04
N PRO D 227 5.61 5.83 45.62
CA PRO D 227 4.73 6.96 45.27
C PRO D 227 5.29 8.32 45.65
N GLU D 228 6.06 8.39 46.73
CA GLU D 228 6.64 9.66 47.15
C GLU D 228 7.69 10.15 46.16
N VAL D 229 8.40 9.23 45.51
CA VAL D 229 9.45 9.60 44.56
C VAL D 229 8.81 10.23 43.33
N LYS D 230 9.39 11.36 42.89
CA LYS D 230 8.93 12.08 41.71
C LYS D 230 9.94 11.82 40.60
N TRP D 231 9.52 11.07 39.58
CA TRP D 231 10.46 10.55 38.59
C TRP D 231 9.79 10.47 37.22
N THR D 232 10.55 10.83 36.19
CA THR D 232 10.13 10.64 34.79
C THR D 232 11.31 10.06 34.03
N HIS D 233 11.04 9.64 32.79
CA HIS D 233 12.11 9.07 31.97
C HIS D 233 12.95 10.15 31.29
N GLU D 234 12.36 11.30 30.97
CA GLU D 234 13.16 12.44 30.54
C GLU D 234 14.10 12.89 31.64
N GLN D 235 13.61 12.91 32.87
CA GLN D 235 14.47 13.17 34.03
C GLN D 235 15.64 12.20 34.07
N GLY D 236 15.39 10.93 33.76
CA GLY D 236 16.46 9.95 33.72
C GLY D 236 17.34 10.05 32.51
N SER D 237 16.79 10.55 31.39
CA SER D 237 17.60 10.76 30.20
C SER D 237 18.69 11.78 30.45
N VAL D 238 18.38 12.83 31.22
CA VAL D 238 19.37 13.83 31.59
C VAL D 238 20.43 13.22 32.50
N MET D 239 20.01 12.42 33.49
CA MET D 239 20.95 11.81 34.42
C MET D 239 21.81 10.76 33.72
N MET D 240 21.20 9.97 32.82
CA MET D 240 21.98 9.01 32.04
C MET D 240 22.91 9.71 31.05
N PHE D 241 22.50 10.86 30.52
CA PHE D 241 23.37 11.62 29.62
C PHE D 241 24.62 12.10 30.35
N GLU D 242 24.46 12.59 31.58
CA GLU D 242 25.61 13.03 32.36
C GLU D 242 26.52 11.85 32.70
N HIS D 243 25.94 10.69 33.02
CA HIS D 243 26.73 9.52 33.34
C HIS D 243 27.50 9.03 32.11
N LEU D 244 26.88 9.14 30.93
CA LEU D 244 27.56 8.71 29.70
C LEU D 244 28.79 9.58 29.44
N ILE D 245 28.66 10.89 29.60
CA ILE D 245 29.77 11.80 29.31
C ILE D 245 30.93 11.55 30.26
N ASN D 246 30.62 11.48 31.57
CA ASN D 246 31.67 11.39 32.58
C ASN D 246 32.36 10.03 32.60
N SER D 247 31.70 8.98 32.10
CA SER D 247 32.25 7.63 32.14
C SER D 247 33.00 7.25 30.87
N ASN D 248 33.00 8.10 29.84
CA ASN D 248 33.61 7.75 28.57
C ASN D 248 34.49 8.85 27.99
N GLY D 249 34.70 9.94 28.71
CA GLY D 249 35.53 11.03 28.22
C GLY D 249 34.99 11.69 26.98
N ILE D 250 33.70 12.07 27.02
CA ILE D 250 33.07 12.67 25.86
C ILE D 250 33.39 14.16 25.75
N LYS D 251 33.65 14.82 26.89
CA LYS D 251 33.94 16.25 26.87
C LYS D 251 35.14 16.62 26.01
N PRO D 252 36.28 15.89 26.04
CA PRO D 252 37.36 16.22 25.09
C PRO D 252 36.96 16.00 23.63
N VAL D 253 36.10 15.02 23.36
CA VAL D 253 35.63 14.82 21.99
C VAL D 253 34.68 15.94 21.59
N MET D 254 33.88 16.44 22.54
CA MET D 254 33.02 17.59 22.26
C MET D 254 33.84 18.81 21.90
N GLU D 255 34.94 19.05 22.61
CA GLU D 255 35.79 20.19 22.31
C GLU D 255 36.48 20.04 20.96
N GLN D 256 36.81 18.82 20.56
CA GLN D 256 37.50 18.60 19.30
C GLN D 256 36.61 18.96 18.11
N TYR D 257 35.29 18.87 18.27
CA TYR D 257 34.36 19.15 17.18
C TYR D 257 33.60 20.47 17.40
N GLY D 258 34.19 21.41 18.13
CA GLY D 258 33.72 22.78 18.17
C GLY D 258 32.68 23.11 19.22
N LEU D 259 32.37 22.18 20.12
CA LEU D 259 31.34 22.43 21.12
C LEU D 259 31.93 23.16 22.33
N ILE D 260 31.06 23.89 23.03
CA ILE D 260 31.39 24.48 24.32
C ILE D 260 30.68 23.66 25.39
N PRO D 261 31.34 22.66 25.98
CA PRO D 261 30.62 21.67 26.81
C PRO D 261 29.85 22.27 27.97
N GLU D 262 30.28 23.39 28.52
CA GLU D 262 29.57 23.97 29.66
C GLU D 262 28.15 24.35 29.29
N GLU D 263 27.99 25.15 28.24
CA GLU D 263 26.66 25.59 27.82
C GLU D 263 25.99 24.62 26.86
N ASP D 264 26.77 23.84 26.10
CA ASP D 264 26.16 22.94 25.13
C ASP D 264 25.51 21.74 25.81
N ILE D 265 26.20 21.14 26.78
CA ILE D 265 25.61 20.04 27.55
C ILE D 265 24.33 20.53 28.23
N CYS D 266 24.33 21.76 28.72
CA CYS D 266 23.10 22.34 29.24
C CYS D 266 22.05 22.48 28.15
N PHE D 267 22.47 22.83 26.94
CA PHE D 267 21.53 22.94 25.83
C PHE D 267 20.92 21.59 25.48
N ILE D 268 21.72 20.52 25.56
CA ILE D 268 21.20 19.18 25.29
C ILE D 268 20.13 18.81 26.31
N LYS D 269 20.46 18.95 27.59
CA LYS D 269 19.55 18.55 28.65
C LYS D 269 18.28 19.40 28.66
N GLU D 270 18.39 20.67 28.27
CA GLU D 270 17.23 21.55 28.31
C GLU D 270 16.18 21.15 27.28
N GLN D 271 16.60 20.85 26.05
CA GLN D 271 15.66 20.45 25.03
C GLN D 271 15.19 19.00 25.18
N ILE D 272 15.65 18.30 26.22
CA ILE D 272 15.18 16.96 26.53
C ILE D 272 14.14 16.98 27.65
N VAL D 273 14.38 17.81 28.67
CA VAL D 273 13.50 17.85 29.83
C VAL D 273 12.81 19.20 30.00
N GLY D 274 13.28 20.27 29.38
CA GLY D 274 12.70 21.58 29.56
C GLY D 274 13.60 22.46 30.42
N PRO D 275 13.14 23.67 30.72
CA PRO D 275 13.93 24.58 31.56
C PRO D 275 13.89 24.15 33.02
N LEU D 276 15.07 24.03 33.63
CA LEU D 276 15.13 23.71 35.04
C LEU D 276 14.62 24.91 35.83
N LEU D 284 9.61 35.74 31.03
CA LEU D 284 11.05 35.64 31.21
C LEU D 284 11.60 34.37 30.55
N TRP D 285 12.54 34.55 29.63
CA TRP D 285 13.18 33.46 28.89
C TRP D 285 13.88 32.52 29.86
N PRO D 286 13.36 31.31 30.06
CA PRO D 286 13.88 30.43 31.11
C PRO D 286 14.98 29.47 30.66
N TYR D 287 15.48 29.59 29.43
CA TYR D 287 16.51 28.68 28.93
C TYR D 287 17.88 29.34 29.03
N LYS D 288 18.89 28.54 29.39
CA LYS D 288 20.25 29.02 29.53
C LYS D 288 21.20 28.49 28.47
N GLY D 289 20.83 27.43 27.75
CA GLY D 289 21.71 26.87 26.76
C GLY D 289 21.77 27.66 25.47
N ARG D 290 20.70 28.39 25.16
CA ARG D 290 20.61 29.21 23.96
C ARG D 290 19.78 30.43 24.28
N PRO D 291 20.05 31.56 23.62
CA PRO D 291 19.26 32.77 23.84
C PRO D 291 17.91 32.67 23.13
N GLU D 292 17.09 33.70 23.35
CA GLU D 292 15.73 33.69 22.82
C GLU D 292 15.70 33.77 21.30
N ASN D 293 16.70 34.41 20.68
CA ASN D 293 16.72 34.52 19.23
C ASN D 293 16.90 33.18 18.53
N LYS D 294 17.17 32.10 19.28
CA LYS D 294 17.22 30.75 18.75
C LYS D 294 16.22 29.86 19.47
N SER D 295 15.07 30.43 19.83
CA SER D 295 14.05 29.69 20.58
C SER D 295 13.48 28.53 19.78
N PHE D 296 13.47 28.65 18.45
CA PHE D 296 12.91 27.60 17.60
C PHE D 296 13.70 26.31 17.68
N LEU D 297 14.95 26.37 18.17
CA LEU D 297 15.74 25.15 18.31
C LEU D 297 15.16 24.22 19.37
N TYR D 298 14.50 24.77 20.38
CA TYR D 298 13.90 23.96 21.43
C TYR D 298 12.61 23.28 21.00
N GLU D 299 12.09 23.59 19.82
CA GLU D 299 10.85 23.02 19.33
C GLU D 299 11.08 21.82 18.40
N ILE D 300 12.32 21.36 18.28
CA ILE D 300 12.65 20.32 17.31
C ILE D 300 12.56 18.93 17.94
N VAL D 301 13.21 18.72 19.08
CA VAL D 301 13.27 17.38 19.69
C VAL D 301 12.06 17.11 20.57
N SER D 302 11.75 18.03 21.49
CA SER D 302 10.61 17.88 22.39
C SER D 302 9.85 19.19 22.42
N ASN D 303 8.60 19.16 21.97
CA ASN D 303 7.79 20.36 21.83
C ASN D 303 6.79 20.44 22.98
N LYS D 304 6.67 21.64 23.57
CA LYS D 304 5.73 21.85 24.66
C LYS D 304 4.39 22.40 24.19
N ARG D 305 4.37 23.09 23.05
CA ARG D 305 3.12 23.65 22.54
C ARG D 305 2.30 22.59 21.80
N ASN D 306 2.83 22.12 20.67
CA ASN D 306 2.06 21.25 19.77
C ASN D 306 2.06 19.80 20.26
N GLY D 307 3.21 19.32 20.72
CA GLY D 307 3.46 17.90 20.84
C GLY D 307 4.13 17.31 19.61
N ILE D 308 4.05 18.01 18.48
CA ILE D 308 4.76 17.57 17.28
C ILE D 308 6.26 17.82 17.43
N ASP D 309 7.05 16.87 16.95
CA ASP D 309 8.51 16.98 16.96
C ASP D 309 9.07 15.84 16.15
N VAL D 310 10.38 15.88 15.91
CA VAL D 310 11.03 14.81 15.18
C VAL D 310 10.99 13.50 15.97
N ASP D 311 10.76 13.58 17.29
CA ASP D 311 10.62 12.36 18.09
C ASP D 311 9.37 11.59 17.69
N LYS D 312 8.24 12.30 17.58
CA LYS D 312 7.00 11.63 17.19
C LYS D 312 7.01 11.22 15.72
N TRP D 313 7.69 11.99 14.86
CA TRP D 313 7.79 11.60 13.46
C TRP D 313 8.43 10.23 13.31
N ASP D 314 9.47 9.96 14.11
CA ASP D 314 10.16 8.68 14.00
C ASP D 314 9.27 7.53 14.46
N TYR D 315 8.76 7.60 15.70
CA TYR D 315 8.00 6.48 16.21
C TYR D 315 6.57 6.43 15.65
N PHE D 316 6.14 7.46 14.91
CA PHE D 316 4.94 7.28 14.10
C PHE D 316 5.23 6.36 12.93
N ALA D 317 6.30 6.64 12.19
CA ALA D 317 6.64 5.82 11.03
C ALA D 317 7.24 4.48 11.44
N ARG D 318 8.05 4.47 12.50
CA ARG D 318 8.71 3.23 12.92
C ARG D 318 7.70 2.23 13.48
N ASP D 319 6.83 2.69 14.38
CA ASP D 319 5.83 1.79 14.95
C ASP D 319 4.88 1.29 13.87
N CYS D 320 4.42 2.18 12.98
CA CYS D 320 3.57 1.76 11.88
C CYS D 320 4.26 0.70 11.02
N HIS D 321 5.54 0.91 10.75
CA HIS D 321 6.30 -0.05 9.95
C HIS D 321 6.38 -1.42 10.63
N HIS D 322 6.31 -1.46 11.96
CA HIS D 322 6.43 -2.70 12.70
C HIS D 322 5.10 -3.29 13.16
N LEU D 323 4.04 -2.49 13.21
CA LEU D 323 2.74 -2.96 13.68
C LEU D 323 1.83 -3.42 12.56
N GLY D 324 2.20 -3.21 11.30
CA GLY D 324 1.28 -3.48 10.21
C GLY D 324 0.21 -2.43 10.04
N ILE D 325 0.45 -1.21 10.51
CA ILE D 325 -0.46 -0.09 10.33
C ILE D 325 0.11 0.82 9.24
N GLN D 326 -0.76 1.26 8.33
CA GLN D 326 -0.32 2.04 7.18
C GLN D 326 -0.07 3.49 7.59
N ASN D 327 1.08 4.02 7.20
CA ASN D 327 1.50 5.36 7.59
C ASN D 327 1.11 6.38 6.52
N ASN D 328 0.39 7.43 6.93
CA ASN D 328 -0.10 8.45 6.03
C ASN D 328 0.76 9.70 5.99
N PHE D 329 1.46 10.02 7.09
CA PHE D 329 2.26 11.23 7.13
C PHE D 329 3.51 11.09 6.26
N ASP D 330 3.91 12.20 5.65
CA ASP D 330 5.16 12.30 4.90
C ASP D 330 6.02 13.35 5.59
N TYR D 331 6.87 12.90 6.52
CA TYR D 331 7.72 13.83 7.26
C TYR D 331 8.75 14.49 6.35
N LYS D 332 9.15 13.82 5.28
CA LYS D 332 10.19 14.36 4.41
C LYS D 332 9.75 15.66 3.75
N ARG D 333 8.54 15.65 3.16
CA ARG D 333 8.04 16.87 2.55
C ARG D 333 7.60 17.90 3.60
N PHE D 334 7.43 17.47 4.85
CA PHE D 334 7.22 18.45 5.92
C PHE D 334 8.51 19.20 6.22
N ILE D 335 9.63 18.48 6.31
CA ILE D 335 10.93 19.11 6.47
C ILE D 335 11.24 20.02 5.28
N LYS D 336 10.62 19.76 4.13
CA LYS D 336 10.82 20.62 2.97
C LYS D 336 10.17 21.99 3.18
N PHE D 337 8.86 22.00 3.45
CA PHE D 337 8.16 23.27 3.65
C PHE D 337 8.44 23.91 5.01
N ALA D 338 9.27 23.28 5.84
CA ALA D 338 9.52 23.79 7.18
C ALA D 338 10.22 25.15 7.13
N ARG D 339 9.61 26.14 7.77
CA ARG D 339 10.18 27.48 7.85
C ARG D 339 9.96 28.02 9.25
N VAL D 340 10.80 28.97 9.64
CA VAL D 340 10.75 29.58 10.97
C VAL D 340 10.11 30.95 10.80
N CYS D 341 8.85 31.08 11.18
CA CYS D 341 8.11 32.33 11.14
C CYS D 341 7.80 32.78 12.57
N GLU D 342 7.07 33.89 12.68
CA GLU D 342 6.82 34.53 13.97
C GLU D 342 5.36 34.39 14.37
N VAL D 343 5.14 34.11 15.66
CA VAL D 343 3.81 34.04 16.25
C VAL D 343 3.85 34.72 17.61
N ASP D 344 3.05 35.77 17.77
CA ASP D 344 2.90 36.47 19.06
C ASP D 344 4.25 36.88 19.64
N ASN D 345 5.07 37.53 18.80
CA ASN D 345 6.40 37.99 19.19
C ASN D 345 7.27 36.84 19.67
N GLU D 346 7.28 35.76 18.89
CA GLU D 346 8.08 34.57 19.18
C GLU D 346 8.47 33.91 17.87
N LEU D 347 9.66 33.32 17.85
CA LEU D 347 10.13 32.56 16.70
C LEU D 347 9.80 31.10 16.89
N ARG D 348 8.97 30.55 15.99
CA ARG D 348 8.57 29.15 16.03
C ARG D 348 8.71 28.55 14.64
N ILE D 349 8.63 27.23 14.57
CA ILE D 349 8.68 26.50 13.31
C ILE D 349 7.28 26.48 12.71
N CYS D 350 7.17 26.86 11.44
CA CYS D 350 5.88 27.05 10.79
C CYS D 350 5.79 26.18 9.54
N ALA D 351 4.63 25.58 9.34
CA ALA D 351 4.33 24.80 8.15
C ALA D 351 3.47 25.60 7.18
N ARG D 352 3.49 25.18 5.92
CA ARG D 352 2.74 25.88 4.89
C ARG D 352 1.24 25.68 5.07
N ASP D 353 0.47 26.69 4.65
CA ASP D 353 -0.98 26.58 4.67
C ASP D 353 -1.48 25.49 3.73
N LYS D 354 -0.72 25.19 2.67
CA LYS D 354 -1.12 24.19 1.70
C LYS D 354 -0.75 22.77 2.11
N GLU D 355 0.07 22.61 3.15
CA GLU D 355 0.43 21.29 3.65
C GLU D 355 -0.45 20.86 4.81
N VAL D 356 -1.65 21.44 4.94
CA VAL D 356 -2.53 21.08 6.03
C VAL D 356 -3.07 19.67 5.85
N GLY D 357 -3.13 19.17 4.62
CA GLY D 357 -3.54 17.80 4.39
C GLY D 357 -2.56 16.79 4.97
N ASN D 358 -1.28 17.14 5.02
CA ASN D 358 -0.29 16.25 5.61
C ASN D 358 -0.45 16.18 7.12
N LEU D 359 -0.77 17.30 7.76
CA LEU D 359 -1.04 17.30 9.19
C LEU D 359 -2.24 16.42 9.52
N TYR D 360 -3.34 16.58 8.77
CA TYR D 360 -4.51 15.75 8.97
C TYR D 360 -4.17 14.27 8.78
N ASP D 361 -3.31 13.96 7.80
CA ASP D 361 -2.87 12.59 7.60
C ASP D 361 -2.11 12.07 8.82
N MET D 362 -1.21 12.89 9.39
CA MET D 362 -0.48 12.43 10.58
C MET D 362 -1.36 12.31 11.80
N PHE D 363 -2.17 13.34 12.08
CA PHE D 363 -3.02 13.32 13.25
C PHE D 363 -3.92 12.09 13.26
N HIS D 364 -4.20 11.52 12.09
CA HIS D 364 -4.91 10.25 12.03
C HIS D 364 -3.99 9.09 12.38
N THR D 365 -2.76 9.09 11.84
CA THR D 365 -1.77 8.10 12.25
C THR D 365 -1.52 8.18 13.75
N ARG D 366 -1.43 9.40 14.29
CA ARG D 366 -1.29 9.58 15.73
C ARG D 366 -2.45 8.92 16.48
N ASN D 367 -3.68 9.17 16.02
CA ASN D 367 -4.84 8.62 16.71
C ASN D 367 -4.96 7.11 16.50
N SER D 368 -4.62 6.63 15.30
CA SER D 368 -4.71 5.20 15.03
C SER D 368 -3.70 4.42 15.87
N LEU D 369 -2.48 4.92 15.99
CA LEU D 369 -1.47 4.23 16.80
C LEU D 369 -1.89 4.19 18.26
N HIS D 370 -2.49 5.27 18.76
CA HIS D 370 -2.99 5.27 20.13
C HIS D 370 -4.14 4.29 20.29
N ARG D 371 -5.21 4.49 19.52
CA ARG D 371 -6.42 3.68 19.69
C ARG D 371 -6.14 2.19 19.50
N ARG D 372 -5.27 1.84 18.54
CA ARG D 372 -5.09 0.45 18.17
C ARG D 372 -3.95 -0.23 18.91
N ALA D 373 -2.88 0.49 19.25
CA ALA D 373 -1.67 -0.13 19.77
C ALA D 373 -1.32 0.33 21.17
N TYR D 374 -1.26 1.65 21.41
CA TYR D 374 -0.80 2.14 22.71
C TYR D 374 -1.82 1.84 23.80
N GLN D 375 -3.11 1.94 23.49
CA GLN D 375 -4.18 1.66 24.42
C GLN D 375 -4.88 0.34 24.12
N HIS D 376 -4.13 -0.63 23.57
CA HIS D 376 -4.68 -1.96 23.35
C HIS D 376 -5.05 -2.59 24.68
N LYS D 377 -6.25 -3.17 24.74
CA LYS D 377 -6.80 -3.60 26.03
C LYS D 377 -6.04 -4.80 26.60
N VAL D 378 -5.48 -5.66 25.75
CA VAL D 378 -4.66 -6.77 26.24
C VAL D 378 -3.21 -6.33 26.45
N GLY D 379 -2.70 -5.46 25.58
CA GLY D 379 -1.35 -4.96 25.74
C GLY D 379 -1.16 -4.18 27.03
N ASN D 380 -2.19 -3.46 27.48
CA ASN D 380 -2.12 -2.73 28.73
C ASN D 380 -2.28 -3.65 29.93
N ILE D 381 -3.01 -4.76 29.78
CA ILE D 381 -3.13 -5.73 30.87
C ILE D 381 -1.79 -6.41 31.13
N ILE D 382 -1.10 -6.83 30.06
CA ILE D 382 0.20 -7.45 30.21
C ILE D 382 1.19 -6.48 30.84
N ASP D 383 1.10 -5.20 30.48
CA ASP D 383 1.96 -4.19 31.10
C ASP D 383 1.78 -4.17 32.61
N THR D 384 0.54 -4.20 33.09
CA THR D 384 0.29 -4.26 34.52
C THR D 384 0.73 -5.60 35.11
N MET D 385 0.69 -6.67 34.31
CA MET D 385 1.13 -7.97 34.80
C MET D 385 2.64 -7.98 35.03
N ILE D 386 3.41 -7.36 34.14
CA ILE D 386 4.85 -7.28 34.35
C ILE D 386 5.16 -6.38 35.53
N THR D 387 4.43 -5.27 35.66
CA THR D 387 4.60 -4.38 36.80
C THR D 387 4.29 -5.12 38.11
N ASP D 388 3.23 -5.94 38.10
CA ASP D 388 2.90 -6.71 39.29
C ASP D 388 4.01 -7.69 39.65
N ALA D 389 4.57 -8.38 38.64
CA ALA D 389 5.68 -9.28 38.90
C ALA D 389 6.92 -8.52 39.34
N PHE D 390 7.14 -7.33 38.78
CA PHE D 390 8.28 -6.52 39.18
C PHE D 390 8.16 -6.08 40.64
N LEU D 391 6.93 -5.78 41.09
CA LEU D 391 6.73 -5.39 42.48
C LEU D 391 7.00 -6.55 43.43
N LYS D 392 6.52 -7.75 43.09
CA LYS D 392 6.77 -8.92 43.92
C LYS D 392 8.20 -9.41 43.86
N ALA D 393 9.01 -8.86 42.95
CA ALA D 393 10.43 -9.20 42.85
C ALA D 393 11.33 -8.10 43.38
N ASP D 394 10.77 -6.92 43.68
CA ASP D 394 11.60 -5.77 44.03
C ASP D 394 12.38 -5.99 45.31
N ASP D 395 11.88 -6.82 46.22
CA ASP D 395 12.55 -7.01 47.50
C ASP D 395 13.79 -7.90 47.39
N TYR D 396 13.94 -8.64 46.30
CA TYR D 396 15.00 -9.63 46.18
C TYR D 396 15.91 -9.42 44.98
N ILE D 397 15.43 -8.79 43.91
CA ILE D 397 16.28 -8.54 42.76
C ILE D 397 17.33 -7.51 43.11
N GLU D 398 18.59 -7.80 42.78
CA GLU D 398 19.72 -6.94 43.11
C GLU D 398 20.47 -6.54 41.84
N ILE D 399 20.82 -5.26 41.75
CA ILE D 399 21.54 -4.72 40.61
C ILE D 399 22.71 -3.90 41.15
N THR D 400 23.93 -4.32 40.82
CA THR D 400 25.12 -3.64 41.32
C THR D 400 25.28 -2.28 40.67
N GLY D 401 25.49 -1.25 41.49
CA GLY D 401 25.69 0.10 41.01
C GLY D 401 27.03 0.68 41.40
N ALA D 402 27.02 1.88 41.99
CA ALA D 402 28.24 2.57 42.35
C ALA D 402 28.93 1.86 43.50
N GLY D 403 30.17 1.45 43.29
CA GLY D 403 30.96 0.83 44.34
C GLY D 403 30.45 -0.53 44.79
N GLY D 404 29.78 -1.27 43.91
CA GLY D 404 29.22 -2.55 44.29
C GLY D 404 27.98 -2.47 45.15
N LYS D 405 27.40 -1.28 45.31
CA LYS D 405 26.19 -1.12 46.11
C LYS D 405 25.02 -1.82 45.44
N LYS D 406 24.40 -2.77 46.13
CA LYS D 406 23.27 -3.50 45.58
C LYS D 406 22.03 -2.62 45.56
N TYR D 407 21.29 -2.70 44.47
CA TYR D 407 20.12 -1.85 44.24
C TYR D 407 18.91 -2.69 43.88
N ARG D 408 17.73 -2.13 44.09
CA ARG D 408 16.47 -2.74 43.70
C ARG D 408 16.04 -2.22 42.33
N ILE D 409 14.99 -2.86 41.79
CA ILE D 409 14.43 -2.39 40.53
C ILE D 409 13.88 -0.99 40.67
N SER D 410 13.29 -0.68 41.84
CA SER D 410 12.74 0.64 42.08
C SER D 410 13.78 1.65 42.52
N THR D 411 14.96 1.20 42.96
CA THR D 411 16.01 2.10 43.44
C THR D 411 17.17 2.24 42.47
N ALA D 412 17.20 1.46 41.39
CA ALA D 412 18.26 1.62 40.39
C ALA D 412 18.19 2.98 39.71
N ILE D 413 17.04 3.64 39.74
CA ILE D 413 16.91 4.98 39.16
C ILE D 413 17.73 6.01 39.92
N ASP D 414 18.16 5.69 41.14
CA ASP D 414 18.91 6.62 41.97
C ASP D 414 20.41 6.58 41.73
N ASP D 415 20.90 5.62 40.94
CA ASP D 415 22.32 5.52 40.64
C ASP D 415 22.46 4.98 39.22
N MET D 416 23.10 5.74 38.34
CA MET D 416 23.11 5.42 36.92
C MET D 416 24.06 4.28 36.56
N GLU D 417 24.95 3.88 37.46
CA GLU D 417 25.71 2.66 37.21
C GLU D 417 24.82 1.44 37.32
N ALA D 418 23.84 1.48 38.23
CA ALA D 418 22.86 0.41 38.33
C ALA D 418 21.78 0.55 37.25
N TYR D 419 21.29 1.77 37.03
CA TYR D 419 20.28 2.00 36.01
C TYR D 419 20.79 1.66 34.61
N THR D 420 22.11 1.65 34.41
CA THR D 420 22.67 1.23 33.13
C THR D 420 22.38 -0.25 32.87
N LYS D 421 22.46 -1.07 33.92
CA LYS D 421 22.24 -2.51 33.79
C LYS D 421 20.80 -2.92 34.08
N LEU D 422 19.87 -1.98 34.06
CA LEU D 422 18.45 -2.24 34.34
C LEU D 422 17.68 -2.12 33.02
N THR D 423 17.49 -3.26 32.35
CA THR D 423 16.78 -3.29 31.08
C THR D 423 15.67 -4.34 31.11
N ASP D 424 15.16 -4.70 29.93
CA ASP D 424 14.18 -5.79 29.84
C ASP D 424 14.75 -7.12 30.30
N ASN D 425 16.07 -7.19 30.55
CA ASN D 425 16.68 -8.41 31.04
C ASN D 425 16.10 -8.84 32.38
N ILE D 426 15.58 -7.88 33.16
CA ILE D 426 15.01 -8.20 34.47
C ILE D 426 13.84 -9.17 34.30
N PHE D 427 13.03 -8.99 33.26
CA PHE D 427 11.94 -9.91 32.97
C PHE D 427 12.45 -11.34 32.88
N LEU D 428 13.54 -11.56 32.14
CA LEU D 428 14.08 -12.90 31.96
C LEU D 428 14.84 -13.39 33.19
N GLU D 429 15.43 -12.47 33.97
CA GLU D 429 16.12 -12.89 35.17
C GLU D 429 15.17 -13.50 36.18
N ILE D 430 14.00 -12.89 36.35
CA ILE D 430 13.00 -13.44 37.26
C ILE D 430 12.42 -14.73 36.69
N LEU D 431 12.09 -14.73 35.40
CA LEU D 431 11.47 -15.90 34.77
C LEU D 431 12.38 -17.12 34.86
N TYR D 432 13.69 -16.92 34.71
CA TYR D 432 14.65 -18.02 34.77
C TYR D 432 15.12 -18.32 36.18
N SER D 433 14.66 -17.57 37.17
CA SER D 433 15.19 -17.70 38.52
C SER D 433 14.69 -18.97 39.20
N THR D 434 15.45 -19.42 40.20
CA THR D 434 15.09 -20.57 41.00
C THR D 434 14.93 -20.28 42.48
N ASP D 435 15.21 -19.05 42.91
CA ASP D 435 15.03 -18.64 44.30
C ASP D 435 13.56 -18.76 44.69
N PRO D 436 13.23 -19.53 45.73
CA PRO D 436 11.82 -19.59 46.18
C PRO D 436 11.26 -18.24 46.59
N LYS D 437 12.12 -17.27 46.94
CA LYS D 437 11.64 -15.93 47.22
C LYS D 437 11.07 -15.24 45.98
N LEU D 438 11.48 -15.69 44.79
CA LEU D 438 11.04 -15.09 43.54
C LEU D 438 9.92 -15.87 42.85
N LYS D 439 9.43 -16.95 43.48
CA LYS D 439 8.44 -17.79 42.82
C LYS D 439 7.13 -17.05 42.59
N ASP D 440 6.74 -16.19 43.53
CA ASP D 440 5.52 -15.41 43.37
C ASP D 440 5.60 -14.52 42.13
N ALA D 441 6.74 -13.83 41.96
CA ALA D 441 6.92 -13.00 40.78
C ALA D 441 7.14 -13.85 39.54
N ARG D 442 7.91 -14.93 39.66
CA ARG D 442 8.20 -15.78 38.52
C ARG D 442 6.94 -16.44 37.97
N GLU D 443 6.00 -16.79 38.84
CA GLU D 443 4.79 -17.48 38.40
C GLU D 443 3.79 -16.56 37.71
N ILE D 444 3.84 -15.25 38.00
CA ILE D 444 3.01 -14.31 37.27
C ILE D 444 3.50 -14.19 35.83
N LEU D 445 4.82 -14.19 35.64
CA LEU D 445 5.38 -14.15 34.29
C LEU D 445 5.08 -15.43 33.52
N LYS D 446 4.98 -16.56 34.22
CA LYS D 446 4.55 -17.79 33.56
C LYS D 446 3.15 -17.64 32.97
N GLN D 447 2.26 -16.96 33.69
CA GLN D 447 0.89 -16.80 33.21
C GLN D 447 0.82 -15.92 31.97
N ILE D 448 1.79 -15.03 31.78
CA ILE D 448 1.87 -14.28 30.53
C ILE D 448 2.20 -15.22 29.38
N GLU D 449 3.11 -16.17 29.61
CA GLU D 449 3.46 -17.14 28.58
C GLU D 449 2.30 -18.07 28.28
N TYR D 450 1.55 -18.47 29.31
CA TYR D 450 0.40 -19.36 29.13
C TYR D 450 -0.85 -18.65 28.67
N ARG D 451 -0.84 -17.31 28.62
CA ARG D 451 -2.01 -16.50 28.27
C ARG D 451 -3.17 -16.74 29.25
N ASN D 452 -2.84 -16.78 30.54
CA ASN D 452 -3.84 -16.79 31.61
C ASN D 452 -3.70 -15.45 32.32
N LEU D 453 -4.23 -14.41 31.67
CA LEU D 453 -3.97 -13.04 32.07
C LEU D 453 -5.04 -12.53 33.02
N PHE D 454 -4.85 -11.29 33.50
CA PHE D 454 -5.87 -10.63 34.29
C PHE D 454 -7.13 -10.39 33.45
N LYS D 455 -8.24 -10.17 34.14
CA LYS D 455 -9.54 -10.10 33.48
C LYS D 455 -10.03 -8.66 33.40
N TYR D 456 -10.36 -8.23 32.19
CA TYR D 456 -10.99 -6.93 32.01
C TYR D 456 -12.33 -6.87 32.74
N VAL D 457 -12.56 -5.77 33.45
CA VAL D 457 -13.80 -5.56 34.18
C VAL D 457 -14.60 -4.40 33.61
N GLY D 458 -13.95 -3.30 33.27
CA GLY D 458 -14.64 -2.17 32.69
C GLY D 458 -13.72 -0.97 32.60
N GLU D 459 -14.24 0.08 31.96
CA GLU D 459 -13.51 1.32 31.75
C GLU D 459 -14.37 2.50 32.17
N THR D 460 -13.74 3.52 32.75
CA THR D 460 -14.41 4.76 33.12
C THR D 460 -13.47 5.92 32.82
N GLN D 461 -14.00 7.13 32.93
CA GLN D 461 -13.24 8.34 32.69
C GLN D 461 -13.60 9.38 33.74
N PRO D 462 -12.60 10.09 34.27
CA PRO D 462 -12.90 11.20 35.18
C PRO D 462 -13.72 12.27 34.48
N THR D 463 -14.68 12.85 35.20
CA THR D 463 -15.65 13.78 34.62
C THR D 463 -15.08 15.19 34.53
N GLY D 464 -13.95 15.30 33.84
CA GLY D 464 -13.24 16.56 33.73
C GLY D 464 -12.75 17.07 35.08
N GLN D 465 -12.88 16.21 36.09
CA GLN D 465 -12.57 16.57 37.48
C GLN D 465 -11.07 16.62 37.70
N ILE D 466 -10.66 16.47 38.97
CA ILE D 466 -9.25 16.31 39.28
C ILE D 466 -8.76 15.03 38.61
N LYS D 467 -7.54 15.07 38.09
CA LYS D 467 -6.98 13.87 37.49
C LYS D 467 -6.38 13.00 38.59
N ILE D 468 -6.21 11.72 38.27
CA ILE D 468 -5.67 10.76 39.23
C ILE D 468 -4.16 10.77 39.09
N LYS D 469 -3.48 11.34 40.08
CA LYS D 469 -2.04 11.54 40.01
C LYS D 469 -1.29 10.26 40.36
N ARG D 470 -0.03 10.22 39.93
CA ARG D 470 0.80 9.02 40.15
C ARG D 470 0.97 8.72 41.64
N GLU D 471 0.90 9.74 42.49
CA GLU D 471 1.04 9.53 43.93
C GLU D 471 -0.11 8.72 44.52
N ASP D 472 -1.27 8.70 43.86
CA ASP D 472 -2.44 8.02 44.38
C ASP D 472 -2.63 6.61 43.81
N TYR D 473 -1.78 6.19 42.87
CA TYR D 473 -2.00 4.93 42.16
C TYR D 473 -2.15 3.74 43.10
N GLU D 474 -1.46 3.77 44.25
CA GLU D 474 -1.46 2.62 45.14
C GLU D 474 -2.79 2.46 45.87
N SER D 475 -3.40 3.58 46.29
CA SER D 475 -4.62 3.50 47.08
C SER D 475 -5.85 3.15 46.26
N LEU D 476 -5.74 3.10 44.94
CA LEU D 476 -6.89 2.92 44.05
C LEU D 476 -7.45 1.49 44.11
N PRO D 477 -6.62 0.43 44.10
CA PRO D 477 -7.19 -0.91 44.29
C PRO D 477 -7.90 -1.09 45.63
N LYS D 478 -7.40 -0.45 46.70
CA LYS D 478 -8.07 -0.55 47.99
C LYS D 478 -9.41 0.18 47.96
N GLU D 479 -9.49 1.30 47.23
CA GLU D 479 -10.75 2.02 47.11
C GLU D 479 -11.81 1.17 46.43
N VAL D 480 -11.44 0.49 45.34
CA VAL D 480 -12.40 -0.35 44.62
C VAL D 480 -12.85 -1.52 45.49
N ALA D 481 -11.93 -2.10 46.25
CA ALA D 481 -12.29 -3.20 47.14
C ALA D 481 -13.06 -2.72 48.37
N SER D 482 -13.05 -1.42 48.66
CA SER D 482 -13.79 -0.86 49.78
C SER D 482 -15.18 -0.36 49.40
N ALA D 483 -15.50 -0.34 48.11
CA ALA D 483 -16.83 0.07 47.69
C ALA D 483 -17.87 -0.95 48.13
N LYS D 484 -19.09 -0.48 48.36
CA LYS D 484 -20.20 -1.31 48.84
C LYS D 484 -21.27 -1.39 47.75
N PRO D 485 -21.25 -2.42 46.90
CA PRO D 485 -22.29 -2.56 45.88
C PRO D 485 -23.67 -2.75 46.51
N LYS D 486 -24.68 -2.26 45.81
CA LYS D 486 -26.06 -2.29 46.30
C LYS D 486 -26.71 -3.66 46.16
N VAL D 487 -25.99 -4.66 45.63
CA VAL D 487 -26.52 -5.99 45.43
C VAL D 487 -25.68 -6.98 46.24
N LEU D 488 -26.30 -8.08 46.62
CA LEU D 488 -25.59 -9.15 47.32
C LEU D 488 -24.43 -9.66 46.48
N LEU D 489 -23.32 -9.98 47.16
CA LEU D 489 -22.14 -10.53 46.51
C LEU D 489 -21.83 -11.89 47.13
N ASP D 490 -21.85 -12.94 46.32
CA ASP D 490 -21.54 -14.27 46.79
C ASP D 490 -20.04 -14.54 46.84
N VAL D 491 -19.22 -13.59 46.41
CA VAL D 491 -17.75 -13.69 46.50
C VAL D 491 -17.22 -12.35 46.99
N LYS D 492 -16.39 -12.39 48.03
CA LYS D 492 -15.76 -11.19 48.59
C LYS D 492 -14.36 -11.06 48.00
N LEU D 493 -14.06 -9.87 47.47
CA LEU D 493 -12.78 -9.60 46.82
C LEU D 493 -11.98 -8.61 47.63
N LYS D 494 -10.67 -8.83 47.71
CA LYS D 494 -9.76 -7.98 48.48
C LYS D 494 -9.05 -7.01 47.54
N ALA D 495 -8.23 -6.13 48.13
CA ALA D 495 -7.55 -5.09 47.36
C ALA D 495 -6.53 -5.68 46.39
N GLU D 496 -5.95 -6.84 46.73
CA GLU D 496 -4.99 -7.48 45.83
C GLU D 496 -5.65 -7.87 44.52
N ASP D 497 -6.86 -8.41 44.59
CA ASP D 497 -7.51 -8.99 43.41
C ASP D 497 -7.77 -7.97 42.31
N PHE D 498 -7.71 -6.69 42.63
CA PHE D 498 -8.02 -5.64 41.66
C PHE D 498 -6.73 -5.04 41.08
N ILE D 499 -6.80 -4.66 39.81
CA ILE D 499 -5.76 -3.90 39.15
C ILE D 499 -6.42 -2.68 38.53
N VAL D 500 -5.96 -1.49 38.91
CA VAL D 500 -6.46 -0.24 38.35
C VAL D 500 -5.38 0.33 37.44
N ASP D 501 -5.73 0.53 36.17
CA ASP D 501 -4.80 1.02 35.17
C ASP D 501 -5.22 2.43 34.77
N VAL D 502 -4.39 3.41 35.09
CA VAL D 502 -4.60 4.79 34.67
C VAL D 502 -3.75 5.03 33.42
N ILE D 503 -4.41 5.31 32.30
CA ILE D 503 -3.74 5.53 31.03
C ILE D 503 -3.99 6.99 30.64
N ASN D 504 -2.97 7.82 30.78
CA ASN D 504 -3.06 9.24 30.46
C ASN D 504 -2.73 9.48 28.99
N MET D 505 -3.43 10.42 28.39
CA MET D 505 -3.26 10.72 26.97
C MET D 505 -3.01 12.21 26.75
N ASP D 516 -5.63 22.69 15.29
CA ASP D 516 -5.74 24.08 14.85
C ASP D 516 -4.73 24.96 15.58
N HIS D 517 -3.88 24.33 16.39
CA HIS D 517 -2.85 25.06 17.14
C HIS D 517 -1.57 25.26 16.34
N VAL D 518 -1.36 24.49 15.27
CA VAL D 518 -0.14 24.58 14.50
C VAL D 518 -0.04 25.96 13.85
N SER D 519 1.14 26.58 13.97
CA SER D 519 1.39 27.87 13.36
C SER D 519 1.64 27.71 11.86
N PHE D 520 0.95 28.50 11.05
CA PHE D 520 1.02 28.39 9.60
C PHE D 520 1.60 29.67 9.01
N TYR D 521 2.13 29.53 7.79
CA TYR D 521 2.69 30.65 7.05
C TYR D 521 2.23 30.57 5.59
N CYS D 522 2.04 31.73 4.99
CA CYS D 522 1.73 31.84 3.57
C CYS D 522 2.93 32.43 2.83
N LYS D 523 2.99 32.15 1.53
CA LYS D 523 4.11 32.58 0.70
C LYS D 523 4.34 34.08 0.79
N THR D 524 5.41 34.48 1.48
CA THR D 524 5.73 35.89 1.67
C THR D 524 6.65 36.39 0.56
N GLU D 547 -9.08 13.28 28.61
CA GLU D 547 -7.70 13.55 29.02
C GLU D 547 -7.14 12.41 29.85
N GLN D 548 -8.01 11.47 30.23
CA GLN D 548 -7.63 10.36 31.09
C GLN D 548 -8.72 9.30 31.04
N LEU D 549 -8.32 8.03 31.04
CA LEU D 549 -9.25 6.93 31.19
C LEU D 549 -8.68 5.94 32.20
N ILE D 550 -9.58 5.29 32.93
CA ILE D 550 -9.21 4.37 34.00
C ILE D 550 -9.83 3.02 33.70
N ARG D 551 -9.00 1.98 33.62
CA ARG D 551 -9.44 0.63 33.38
C ARG D 551 -9.16 -0.23 34.62
N VAL D 552 -10.07 -1.13 34.93
CA VAL D 552 -9.97 -2.00 36.09
C VAL D 552 -9.93 -3.44 35.62
N TYR D 553 -8.97 -4.20 36.13
CA TYR D 553 -8.85 -5.63 35.85
C TYR D 553 -8.94 -6.42 37.14
N CYS D 554 -9.17 -7.72 37.00
CA CYS D 554 -9.32 -8.62 38.14
C CYS D 554 -8.31 -9.76 38.01
N LYS D 555 -7.61 -10.04 39.11
CA LYS D 555 -6.64 -11.13 39.11
C LYS D 555 -7.30 -12.49 39.26
N LYS D 556 -8.42 -12.57 39.97
CA LYS D 556 -9.16 -13.81 40.08
C LYS D 556 -9.92 -14.08 38.78
N VAL D 557 -9.87 -15.32 38.33
CA VAL D 557 -10.26 -15.64 36.96
C VAL D 557 -11.62 -16.30 36.85
N ASP D 558 -12.18 -16.85 37.93
CA ASP D 558 -13.44 -17.57 37.84
C ASP D 558 -14.57 -16.64 37.43
N ARG D 559 -15.50 -17.17 36.64
CA ARG D 559 -16.61 -16.37 36.12
C ARG D 559 -17.43 -15.73 37.24
N LYS D 560 -17.46 -16.37 38.42
CA LYS D 560 -18.24 -15.85 39.53
C LYS D 560 -17.52 -14.75 40.31
N SER D 561 -16.21 -14.64 40.16
CA SER D 561 -15.51 -13.49 40.73
C SER D 561 -15.55 -12.29 39.81
N LEU D 562 -15.57 -12.53 38.50
CA LEU D 562 -15.65 -11.44 37.53
C LEU D 562 -16.95 -10.67 37.65
N TYR D 563 -18.02 -11.33 38.10
CA TYR D 563 -19.30 -10.65 38.25
C TYR D 563 -19.27 -9.69 39.43
N ALA D 564 -18.71 -10.12 40.57
CA ALA D 564 -18.61 -9.24 41.72
C ALA D 564 -17.67 -8.07 41.45
N ALA D 565 -16.57 -8.33 40.73
CA ALA D 565 -15.63 -7.25 40.39
C ALA D 565 -16.30 -6.18 39.55
N ARG D 566 -17.25 -6.57 38.70
CA ARG D 566 -18.00 -5.56 37.94
C ARG D 566 -18.90 -4.73 38.84
N GLN D 567 -19.49 -5.38 39.86
CA GLN D 567 -20.32 -4.64 40.81
C GLN D 567 -19.48 -3.73 41.69
N TYR D 568 -18.31 -4.20 42.12
CA TYR D 568 -17.37 -3.34 42.83
C TYR D 568 -16.97 -2.15 41.96
N PHE D 569 -16.70 -2.41 40.68
CA PHE D 569 -16.20 -1.37 39.78
C PHE D 569 -17.28 -0.31 39.53
N VAL D 570 -18.51 -0.73 39.26
CA VAL D 570 -19.58 0.22 38.98
C VAL D 570 -19.86 1.08 40.20
N GLN D 571 -19.85 0.47 41.38
CA GLN D 571 -20.09 1.24 42.60
C GLN D 571 -18.96 2.24 42.86
N TRP D 572 -17.71 1.83 42.62
CA TRP D 572 -16.60 2.75 42.81
C TRP D 572 -16.63 3.90 41.81
N CYS D 573 -17.12 3.65 40.60
CA CYS D 573 -17.28 4.74 39.64
C CYS D 573 -18.33 5.73 40.09
N ALA D 574 -19.45 5.24 40.64
CA ALA D 574 -20.54 6.11 41.00
C ALA D 574 -20.18 6.98 42.21
N ASP D 575 -19.71 6.35 43.29
CA ASP D 575 -19.43 7.13 44.50
C ASP D 575 -18.23 8.06 44.35
N ARG D 576 -17.37 7.81 43.37
CA ARG D 576 -16.31 8.75 43.01
C ARG D 576 -16.74 9.71 41.91
N ASN D 577 -18.00 9.63 41.47
CA ASN D 577 -18.57 10.55 40.49
C ASN D 577 -17.79 10.51 39.17
N PHE D 578 -17.52 9.30 38.69
CA PHE D 578 -16.91 9.10 37.39
C PHE D 578 -18.01 8.84 36.36
N THR D 579 -17.60 8.57 35.12
CA THR D 579 -18.54 8.23 34.08
C THR D 579 -19.01 6.79 34.23
N LYS D 580 -20.31 6.58 34.04
CA LYS D 580 -20.87 5.24 34.18
C LYS D 580 -20.32 4.32 33.10
N PRO D 581 -19.94 3.10 33.44
CA PRO D 581 -19.39 2.18 32.44
C PRO D 581 -20.45 1.77 31.42
N GLN D 582 -19.97 1.31 30.27
CA GLN D 582 -20.84 0.88 29.17
C GLN D 582 -21.23 -0.57 29.42
N ASP D 583 -22.45 -0.78 29.88
CA ASP D 583 -22.95 -2.12 30.15
C ASP D 583 -23.32 -2.85 28.86
#